data_5ET2
# 
_entry.id   5ET2 
# 
_audit_conform.dict_name       mmcif_pdbx.dic 
_audit_conform.dict_version    5.391 
_audit_conform.dict_location   http://mmcif.pdb.org/dictionaries/ascii/mmcif_pdbx.dic 
# 
loop_
_database_2.database_id 
_database_2.database_code 
_database_2.pdbx_database_accession 
_database_2.pdbx_DOI 
PDB   5ET2         pdb_00005et2 10.2210/pdb5et2/pdb 
WWPDB D_1000215211 ?            ?                   
# 
loop_
_pdbx_audit_revision_history.ordinal 
_pdbx_audit_revision_history.data_content_type 
_pdbx_audit_revision_history.major_revision 
_pdbx_audit_revision_history.minor_revision 
_pdbx_audit_revision_history.revision_date 
1 'Structure model' 1 0 2016-11-23 
2 'Structure model' 1 1 2017-07-19 
3 'Structure model' 1 2 2017-08-09 
4 'Structure model' 1 3 2017-08-30 
5 'Structure model' 1 4 2024-05-08 
# 
_pdbx_audit_revision_details.ordinal             1 
_pdbx_audit_revision_details.revision_ordinal    1 
_pdbx_audit_revision_details.data_content_type   'Structure model' 
_pdbx_audit_revision_details.provider            repository 
_pdbx_audit_revision_details.type                'Initial release' 
_pdbx_audit_revision_details.description         ? 
_pdbx_audit_revision_details.details             ? 
# 
loop_
_pdbx_audit_revision_group.ordinal 
_pdbx_audit_revision_group.revision_ordinal 
_pdbx_audit_revision_group.data_content_type 
_pdbx_audit_revision_group.group 
1 2 'Structure model' 'Database references'        
2 3 'Structure model' 'Database references'        
3 4 'Structure model' 'Author supporting evidence' 
4 4 'Structure model' 'Derived calculations'       
5 5 'Structure model' 'Data collection'            
6 5 'Structure model' 'Database references'        
7 5 'Structure model' 'Derived calculations'       
# 
loop_
_pdbx_audit_revision_category.ordinal 
_pdbx_audit_revision_category.revision_ordinal 
_pdbx_audit_revision_category.data_content_type 
_pdbx_audit_revision_category.category 
1  2 'Structure model' citation               
2  2 'Structure model' citation_author        
3  3 'Structure model' citation               
4  4 'Structure model' pdbx_audit_support     
5  4 'Structure model' struct_conn            
6  5 'Structure model' chem_comp_atom         
7  5 'Structure model' chem_comp_bond         
8  5 'Structure model' database_2             
9  5 'Structure model' pdbx_struct_conn_angle 
10 5 'Structure model' struct_conn            
# 
loop_
_pdbx_audit_revision_item.ordinal 
_pdbx_audit_revision_item.revision_ordinal 
_pdbx_audit_revision_item.data_content_type 
_pdbx_audit_revision_item.item 
1  2 'Structure model' '_citation.journal_abbrev'                  
2  2 'Structure model' '_citation.journal_id_CSD'                  
3  2 'Structure model' '_citation.journal_id_ISSN'                 
4  2 'Structure model' '_citation.pdbx_database_id_DOI'            
5  2 'Structure model' '_citation.pdbx_database_id_PubMed'         
6  2 'Structure model' '_citation.title'                           
7  2 'Structure model' '_citation.year'                            
8  2 'Structure model' '_citation_author.name'                     
9  3 'Structure model' '_citation.journal_volume'                  
10 3 'Structure model' '_citation.page_first'                      
11 3 'Structure model' '_citation.page_last'                       
12 4 'Structure model' '_pdbx_audit_support.funding_organization'  
13 5 'Structure model' '_database_2.pdbx_DOI'                      
14 5 'Structure model' '_database_2.pdbx_database_accession'       
15 5 'Structure model' '_pdbx_struct_conn_angle.ptnr1_auth_seq_id' 
16 5 'Structure model' '_pdbx_struct_conn_angle.ptnr3_auth_seq_id' 
17 5 'Structure model' '_pdbx_struct_conn_angle.value'             
18 5 'Structure model' '_struct_conn.pdbx_dist_value'              
19 5 'Structure model' '_struct_conn.ptnr2_auth_seq_id'            
# 
_pdbx_database_status.status_code                     REL 
_pdbx_database_status.status_code_sf                  REL 
_pdbx_database_status.status_code_mr                  ? 
_pdbx_database_status.entry_id                        5ET2 
_pdbx_database_status.recvd_initial_deposition_date   2015-11-17 
_pdbx_database_status.SG_entry                        N 
_pdbx_database_status.deposit_site                    RCSB 
_pdbx_database_status.process_site                    PDBE 
_pdbx_database_status.status_code_cs                  ? 
_pdbx_database_status.methods_development_category    ? 
_pdbx_database_status.pdb_format_compatible           Y 
_pdbx_database_status.status_code_nmr_data            ? 
# 
loop_
_audit_author.name 
_audit_author.pdbx_ordinal 
'Hall, J.P.'   1 
'Cardin, C.J.' 2 
# 
loop_
_citation.abstract 
_citation.abstract_id_CAS 
_citation.book_id_ISBN 
_citation.book_publisher 
_citation.book_publisher_city 
_citation.book_title 
_citation.coordinate_linkage 
_citation.country 
_citation.database_id_Medline 
_citation.details 
_citation.id 
_citation.journal_abbrev 
_citation.journal_id_ASTM 
_citation.journal_id_CSD 
_citation.journal_id_ISSN 
_citation.journal_full 
_citation.journal_issue 
_citation.journal_volume 
_citation.language 
_citation.page_first 
_citation.page_last 
_citation.title 
_citation.year 
_citation.database_id_CSD 
_citation.pdbx_database_id_DOI 
_citation.pdbx_database_id_PubMed 
_citation.unpublished_flag 
? ? ? ? ? ? ? GE ? ? primary Chemistry         ? ?    1521-3765 ? ? 23 ? 10344 10351 
;Inosine Can Increase DNA's Susceptibility to Photo-oxidation by a Ru(II) Complex due to Structural Change in the Minor Groove.
;
2017 ? 10.1002/chem.201701447 28543779 ? 
? ? ? ? ? ? ? ?  ? ? 1       'To Be Published' ? 0353 ?         ? ? ?  ? ?     ?     
'Unexpected enhancement of sensitised photo-oxidation by a Ru(II) complex on replacement of guanine with inosine in DNA'         ? 
? ?                      ?        ? 
# 
loop_
_citation_author.citation_id 
_citation_author.name 
_citation_author.ordinal 
_citation_author.identifier_ORCID 
primary 'Keane, P.M.'      1  ? 
primary 'Hall, J.P.'       2  ? 
primary 'Poynton, F.E.'    3  ? 
primary 'Poulsen, B.C.'    4  ? 
primary 'Gurung, S.P.'     5  ? 
primary 'Clark, I.P.'      6  ? 
primary 'Sazanovich, I.V.' 7  ? 
primary 'Towrie, M.'       8  ? 
primary 'Gunnlaugsson, T.' 9  ? 
primary 'Quinn, S.J.'      10 ? 
primary 'Cardin, C.J.'     11 ? 
primary 'Kelly, J.M.'      12 ? 
1       'Keane, P.M.'      13 ? 
1       'Hall, J.P.'       14 ? 
1       'Poynton, F.E.'    15 ? 
1       'Gurung, S.P.'     16 ? 
1       'Clark, I.P.'      17 ? 
1       'Sazanovich, I.V.' 18 ? 
1       'Towrie, M.'       19 ? 
1       'Gunnlaugsson, T.' 20 ? 
1       'Brazier, J.A.'    21 ? 
1       'Quinn, S.J.'      22 ? 
1       'Cardin, C.J.'     23 ? 
1       'Kelly, J.M.'      24 ? 
# 
loop_
_entity.id 
_entity.type 
_entity.src_method 
_entity.pdbx_description 
_entity.formula_weight 
_entity.pdbx_number_of_molecules 
_entity.pdbx_ec 
_entity.pdbx_mutation 
_entity.pdbx_fragment 
_entity.details 
1 polymer     syn 
;DNA (5'-D(*(THM)P*TP*GP*GP*CP*GP*CP*CP*AP*A)-3')
;
2965.025 1  ? ? ? ? 
2 non-polymer syn 'Ru(tap)2(dppz) complex'                           747.732  1  ? ? ? ? 
3 non-polymer syn 'BARIUM ION'                                       137.327  1  ? ? ? ? 
4 water       nat water                                              18.015   65 ? ? ? ? 
# 
_entity_poly.entity_id                      1 
_entity_poly.type                           polydeoxyribonucleotide 
_entity_poly.nstd_linkage                   no 
_entity_poly.nstd_monomer                   yes 
_entity_poly.pdbx_seq_one_letter_code       '(THM)(DT)(DG)(DG)(DC)(DG)(DC)(DC)(DA)(DA)' 
_entity_poly.pdbx_seq_one_letter_code_can   XTGGCGCCAA 
_entity_poly.pdbx_strand_id                 A 
_entity_poly.pdbx_target_identifier         ? 
# 
loop_
_pdbx_entity_nonpoly.entity_id 
_pdbx_entity_nonpoly.name 
_pdbx_entity_nonpoly.comp_id 
2 'Ru(tap)2(dppz) complex' RKL 
3 'BARIUM ION'             BA  
4 water                    HOH 
# 
loop_
_entity_poly_seq.entity_id 
_entity_poly_seq.num 
_entity_poly_seq.mon_id 
_entity_poly_seq.hetero 
1 1  THM n 
1 2  DT  n 
1 3  DG  n 
1 4  DG  n 
1 5  DC  n 
1 6  DG  n 
1 7  DC  n 
1 8  DC  n 
1 9  DA  n 
1 10 DA  n 
# 
_pdbx_entity_src_syn.entity_id              1 
_pdbx_entity_src_syn.pdbx_src_id            1 
_pdbx_entity_src_syn.pdbx_alt_source_flag   sample 
_pdbx_entity_src_syn.pdbx_beg_seq_num       1 
_pdbx_entity_src_syn.pdbx_end_seq_num       10 
_pdbx_entity_src_syn.organism_scientific    'synthetic construct' 
_pdbx_entity_src_syn.organism_common_name   ? 
_pdbx_entity_src_syn.ncbi_taxonomy_id       32630 
_pdbx_entity_src_syn.details                ? 
# 
loop_
_chem_comp.id 
_chem_comp.type 
_chem_comp.mon_nstd_flag 
_chem_comp.name 
_chem_comp.pdbx_synonyms 
_chem_comp.formula 
_chem_comp.formula_weight 
BA  non-polymer               . 'BARIUM ION'                         ?                                   'Ba 2'             
137.327 
DA  'DNA linking'             y "2'-DEOXYADENOSINE-5'-MONOPHOSPHATE" ?                                   'C10 H14 N5 O6 P'  
331.222 
DC  'DNA linking'             y "2'-DEOXYCYTIDINE-5'-MONOPHOSPHATE"  ?                                   'C9 H14 N3 O7 P'   
307.197 
DG  'DNA linking'             y "2'-DEOXYGUANOSINE-5'-MONOPHOSPHATE" ?                                   'C10 H14 N5 O7 P'  
347.221 
DT  'DNA linking'             y "THYMIDINE-5'-MONOPHOSPHATE"         ?                                   'C10 H15 N2 O8 P'  
322.208 
HOH non-polymer               . WATER                                ?                                   'H2 O'             18.015 
RKL non-polymer               . 'Ru(tap)2(dppz) complex'             ?                                   'C38 H22 N12 Ru 2' 
747.732 
THM 'DNA OH 5 prime terminus' . THYMIDINE                            
;DEOXYTHYMIDINE; 2'-DEOXYTHYMIDINE
;
'C10 H14 N2 O5'    242.229 
# 
loop_
_pdbx_poly_seq_scheme.asym_id 
_pdbx_poly_seq_scheme.entity_id 
_pdbx_poly_seq_scheme.seq_id 
_pdbx_poly_seq_scheme.mon_id 
_pdbx_poly_seq_scheme.ndb_seq_num 
_pdbx_poly_seq_scheme.pdb_seq_num 
_pdbx_poly_seq_scheme.auth_seq_num 
_pdbx_poly_seq_scheme.pdb_mon_id 
_pdbx_poly_seq_scheme.auth_mon_id 
_pdbx_poly_seq_scheme.pdb_strand_id 
_pdbx_poly_seq_scheme.pdb_ins_code 
_pdbx_poly_seq_scheme.hetero 
A 1 1  THM 1  1  1  THM THM A . n 
A 1 2  DT  2  2  2  DT  DT  A . n 
A 1 3  DG  3  3  3  DG  DG  A . n 
A 1 4  DG  4  4  4  DG  DG  A . n 
A 1 5  DC  5  5  5  DC  DC  A . n 
A 1 6  DG  6  6  6  DG  DG  A . n 
A 1 7  DC  7  7  7  DC  DC  A . n 
A 1 8  DC  8  8  8  DC  DC  A . n 
A 1 9  DA  9  9  9  DA  DA  A . n 
A 1 10 DA  10 10 10 DA  DA  A . n 
# 
loop_
_pdbx_nonpoly_scheme.asym_id 
_pdbx_nonpoly_scheme.entity_id 
_pdbx_nonpoly_scheme.mon_id 
_pdbx_nonpoly_scheme.ndb_seq_num 
_pdbx_nonpoly_scheme.pdb_seq_num 
_pdbx_nonpoly_scheme.auth_seq_num 
_pdbx_nonpoly_scheme.pdb_mon_id 
_pdbx_nonpoly_scheme.auth_mon_id 
_pdbx_nonpoly_scheme.pdb_strand_id 
_pdbx_nonpoly_scheme.pdb_ins_code 
B 2 RKL 1  101 11 RKL RKL A . 
C 3 BA  1  102 1  BA  BA  A . 
D 4 HOH 1  201 5  HOH HOH A . 
D 4 HOH 2  202 29 HOH HOH A . 
D 4 HOH 3  203 16 HOH HOH A . 
D 4 HOH 4  204 30 HOH HOH A . 
D 4 HOH 5  205 2  HOH HOH A . 
D 4 HOH 6  206 13 HOH HOH A . 
D 4 HOH 7  207 42 HOH HOH A . 
D 4 HOH 8  208 14 HOH HOH A . 
D 4 HOH 9  209 50 HOH HOH A . 
D 4 HOH 10 210 9  HOH HOH A . 
D 4 HOH 11 211 11 HOH HOH A . 
D 4 HOH 12 212 22 HOH HOH A . 
D 4 HOH 13 213 24 HOH HOH A . 
D 4 HOH 14 214 4  HOH HOH A . 
D 4 HOH 15 215 47 HOH HOH A . 
D 4 HOH 16 216 7  HOH HOH A . 
D 4 HOH 17 217 44 HOH HOH A . 
D 4 HOH 18 218 58 HOH HOH A . 
D 4 HOH 19 219 46 HOH HOH A . 
D 4 HOH 20 220 20 HOH HOH A . 
D 4 HOH 21 221 31 HOH HOH A . 
D 4 HOH 22 222 18 HOH HOH A . 
D 4 HOH 23 223 56 HOH HOH A . 
D 4 HOH 24 224 52 HOH HOH A . 
D 4 HOH 25 225 27 HOH HOH A . 
D 4 HOH 26 226 32 HOH HOH A . 
D 4 HOH 27 227 35 HOH HOH A . 
D 4 HOH 28 228 28 HOH HOH A . 
D 4 HOH 29 229 36 HOH HOH A . 
D 4 HOH 30 230 40 HOH HOH A . 
D 4 HOH 31 231 25 HOH HOH A . 
D 4 HOH 32 232 57 HOH HOH A . 
D 4 HOH 33 233 21 HOH HOH A . 
D 4 HOH 34 234 38 HOH HOH A . 
D 4 HOH 35 235 19 HOH HOH A . 
D 4 HOH 36 236 3  HOH HOH A . 
D 4 HOH 37 237 23 HOH HOH A . 
D 4 HOH 38 238 63 HOH HOH A . 
D 4 HOH 39 239 1  HOH HOH A . 
D 4 HOH 40 240 45 HOH HOH A . 
D 4 HOH 41 241 15 HOH HOH A . 
D 4 HOH 42 242 37 HOH HOH A . 
D 4 HOH 43 243 12 HOH HOH A . 
D 4 HOH 44 244 6  HOH HOH A . 
D 4 HOH 45 245 60 HOH HOH A . 
D 4 HOH 46 246 64 HOH HOH A . 
D 4 HOH 47 247 8  HOH HOH A . 
D 4 HOH 48 248 55 HOH HOH A . 
D 4 HOH 49 249 10 HOH HOH A . 
D 4 HOH 50 250 54 HOH HOH A . 
D 4 HOH 51 251 49 HOH HOH A . 
D 4 HOH 52 252 26 HOH HOH A . 
D 4 HOH 53 253 61 HOH HOH A . 
D 4 HOH 54 254 34 HOH HOH A . 
D 4 HOH 55 255 53 HOH HOH A . 
D 4 HOH 56 256 41 HOH HOH A . 
D 4 HOH 57 257 39 HOH HOH A . 
D 4 HOH 58 258 65 HOH HOH A . 
D 4 HOH 59 259 62 HOH HOH A . 
D 4 HOH 60 260 66 HOH HOH A . 
D 4 HOH 61 261 33 HOH HOH A . 
D 4 HOH 62 262 17 HOH HOH A . 
D 4 HOH 63 263 68 HOH HOH A . 
D 4 HOH 64 264 51 HOH HOH A . 
D 4 HOH 65 265 67 HOH HOH A . 
# 
loop_
_software.citation_id 
_software.classification 
_software.compiler_name 
_software.compiler_version 
_software.contact_author 
_software.contact_author_email 
_software.date 
_software.description 
_software.dependencies 
_software.hardware 
_software.language 
_software.location 
_software.mods 
_software.name 
_software.os 
_software.os_version 
_software.type 
_software.version 
_software.pdbx_ordinal 
? refinement       ? ? ? ? ? ? ? ? ? ? ? REFMAC ? ? ? 5.8.0135 1 
? 'data reduction' ? ? ? ? ? ? ? ? ? ? ? xia2   ? ? ? .        2 
? 'data reduction' ? ? ? ? ? ? ? ? ? ? ? XDS    ? ? ? .        3 
? phasing          ? ? ? ? ? ? ? ? ? ? ? SHELX  ? ? ? .        4 
? 'data scaling'   ? ? ? ? ? ? ? ? ? ? ? XSCALE ? ? ? .        5 
# 
_cell.entry_id           5ET2 
_cell.length_a           42.380 
_cell.length_b           42.380 
_cell.length_c           39.300 
_cell.angle_alpha        90.00 
_cell.angle_beta         90.00 
_cell.angle_gamma        90.00 
_cell.Z_PDB              8 
_cell.pdbx_unique_axis   ? 
# 
_symmetry.entry_id                         5ET2 
_symmetry.space_group_name_H-M             'P 43 21 2' 
_symmetry.pdbx_full_space_group_name_H-M   ? 
_symmetry.cell_setting                     ? 
_symmetry.Int_Tables_number                96 
# 
_exptl.absorpt_coefficient_mu     ? 
_exptl.absorpt_correction_T_max   ? 
_exptl.absorpt_correction_T_min   ? 
_exptl.absorpt_correction_type    ? 
_exptl.absorpt_process_details    ? 
_exptl.entry_id                   5ET2 
_exptl.crystals_number            ? 
_exptl.details                    ? 
_exptl.method                     'X-RAY DIFFRACTION' 
_exptl.method_details             ? 
# 
_exptl_crystal.colour                      ? 
_exptl_crystal.density_diffrn              ? 
_exptl_crystal.density_Matthews            2.98 
_exptl_crystal.density_method              ? 
_exptl_crystal.density_percent_sol         58.67 
_exptl_crystal.description                 ? 
_exptl_crystal.F_000                       ? 
_exptl_crystal.id                          1 
_exptl_crystal.preparation                 ? 
_exptl_crystal.size_max                    ? 
_exptl_crystal.size_mid                    ? 
_exptl_crystal.size_min                    ? 
_exptl_crystal.size_rad                    ? 
_exptl_crystal.colour_lustre               ? 
_exptl_crystal.colour_modifier             ? 
_exptl_crystal.colour_primary              ? 
_exptl_crystal.density_meas                ? 
_exptl_crystal.density_meas_esd            ? 
_exptl_crystal.density_meas_gt             ? 
_exptl_crystal.density_meas_lt             ? 
_exptl_crystal.density_meas_temp           ? 
_exptl_crystal.density_meas_temp_esd       ? 
_exptl_crystal.density_meas_temp_gt        ? 
_exptl_crystal.density_meas_temp_lt        ? 
_exptl_crystal.pdbx_crystal_image_url      ? 
_exptl_crystal.pdbx_crystal_image_format   ? 
_exptl_crystal.pdbx_mosaicity              ? 
_exptl_crystal.pdbx_mosaicity_esd          ? 
# 
_exptl_crystal_grow.apparatus       ? 
_exptl_crystal_grow.atmosphere      ? 
_exptl_crystal_grow.crystal_id      1 
_exptl_crystal_grow.details         ? 
_exptl_crystal_grow.method          'VAPOR DIFFUSION, SITTING DROP' 
_exptl_crystal_grow.method_ref      ? 
_exptl_crystal_grow.pH              7 
_exptl_crystal_grow.pressure        ? 
_exptl_crystal_grow.pressure_esd    ? 
_exptl_crystal_grow.seeding         ? 
_exptl_crystal_grow.seeding_ref     ? 
_exptl_crystal_grow.temp            292 
_exptl_crystal_grow.temp_details    ? 
_exptl_crystal_grow.temp_esd        ? 
_exptl_crystal_grow.time            ? 
_exptl_crystal_grow.pdbx_details    
;1uL 2mM single stranded DNA, 1uL 4mM rac-RuTAP2dppz, 6ul of a solution containing 40mM Na-cacodylate pH 7, 12mM spermine, 20mM BaCl2, 80mM KCl, 10% 2-methyl-2,4-pentanediol.
;
_exptl_crystal_grow.pdbx_pH_range   7 
# 
_diffrn.ambient_environment    ? 
_diffrn.ambient_temp           100 
_diffrn.ambient_temp_details   ? 
_diffrn.ambient_temp_esd       ? 
_diffrn.crystal_id             1 
_diffrn.crystal_support        ? 
_diffrn.crystal_treatment      ? 
_diffrn.details                ? 
_diffrn.id                     1 
_diffrn.ambient_pressure       ? 
_diffrn.ambient_pressure_esd   ? 
_diffrn.ambient_pressure_gt    ? 
_diffrn.ambient_pressure_lt    ? 
_diffrn.ambient_temp_gt        ? 
_diffrn.ambient_temp_lt        ? 
# 
_diffrn_detector.details                      ? 
_diffrn_detector.detector                     PIXEL 
_diffrn_detector.diffrn_id                    1 
_diffrn_detector.type                         'PSI PILATUS 6M' 
_diffrn_detector.area_resol_mean              ? 
_diffrn_detector.dtime                        ? 
_diffrn_detector.pdbx_frames_total            ? 
_diffrn_detector.pdbx_collection_time_total   ? 
_diffrn_detector.pdbx_collection_date         2014-10-16 
# 
_diffrn_radiation.collimation                      ? 
_diffrn_radiation.diffrn_id                        1 
_diffrn_radiation.filter_edge                      ? 
_diffrn_radiation.inhomogeneity                    ? 
_diffrn_radiation.monochromator                    'Dual Si(111)' 
_diffrn_radiation.polarisn_norm                    ? 
_diffrn_radiation.polarisn_ratio                   ? 
_diffrn_radiation.probe                            ? 
_diffrn_radiation.type                             ? 
_diffrn_radiation.xray_symbol                      ? 
_diffrn_radiation.wavelength_id                    1 
_diffrn_radiation.pdbx_monochromatic_or_laue_m_l   M 
_diffrn_radiation.pdbx_wavelength_list             ? 
_diffrn_radiation.pdbx_wavelength                  ? 
_diffrn_radiation.pdbx_diffrn_protocol             'SINGLE WAVELENGTH' 
_diffrn_radiation.pdbx_analyzer                    ? 
_diffrn_radiation.pdbx_scattering_type             x-ray 
# 
_diffrn_radiation_wavelength.id           1 
_diffrn_radiation_wavelength.wavelength   0.9795 
_diffrn_radiation_wavelength.wt           1.0 
# 
_diffrn_source.current                     ? 
_diffrn_source.details                     ? 
_diffrn_source.diffrn_id                   1 
_diffrn_source.power                       ? 
_diffrn_source.size                        ? 
_diffrn_source.source                      SYNCHROTRON 
_diffrn_source.target                      ? 
_diffrn_source.type                        'DIAMOND BEAMLINE I02' 
_diffrn_source.voltage                     ? 
_diffrn_source.take-off_angle              ? 
_diffrn_source.pdbx_wavelength_list        0.9795 
_diffrn_source.pdbx_wavelength             ? 
_diffrn_source.pdbx_synchrotron_beamline   I02 
_diffrn_source.pdbx_synchrotron_site       Diamond 
# 
_reflns.B_iso_Wilson_estimate            ? 
_reflns.entry_id                         5ET2 
_reflns.data_reduction_details           ? 
_reflns.data_reduction_method            ? 
_reflns.d_resolution_high                1.39 
_reflns.d_resolution_low                 23.83 
_reflns.details                          ? 
_reflns.limit_h_max                      ? 
_reflns.limit_h_min                      ? 
_reflns.limit_k_max                      ? 
_reflns.limit_k_min                      ? 
_reflns.limit_l_max                      ? 
_reflns.limit_l_min                      ? 
_reflns.number_all                       ? 
_reflns.number_obs                       7598 
_reflns.observed_criterion               ? 
_reflns.observed_criterion_F_max         ? 
_reflns.observed_criterion_F_min         ? 
_reflns.observed_criterion_I_max         ? 
_reflns.observed_criterion_I_min         ? 
_reflns.observed_criterion_sigma_F       ? 
_reflns.observed_criterion_sigma_I       ? 
_reflns.percent_possible_obs             99.4 
_reflns.R_free_details                   ? 
_reflns.Rmerge_F_all                     ? 
_reflns.Rmerge_F_obs                     ? 
_reflns.Friedel_coverage                 ? 
_reflns.number_gt                        ? 
_reflns.threshold_expression             ? 
_reflns.pdbx_redundancy                  5.9 
_reflns.pdbx_Rmerge_I_obs                0.071 
_reflns.pdbx_Rmerge_I_all                ? 
_reflns.pdbx_Rsym_value                  ? 
_reflns.pdbx_netI_over_av_sigmaI         ? 
_reflns.pdbx_netI_over_sigmaI            11.9 
_reflns.pdbx_res_netI_over_av_sigmaI_2   ? 
_reflns.pdbx_res_netI_over_sigmaI_2      ? 
_reflns.pdbx_chi_squared                 ? 
_reflns.pdbx_scaling_rejects             ? 
_reflns.pdbx_d_res_high_opt              ? 
_reflns.pdbx_d_res_low_opt               ? 
_reflns.pdbx_d_res_opt_method            ? 
_reflns.phase_calculation_details        ? 
_reflns.pdbx_Rrim_I_all                  ? 
_reflns.pdbx_Rpim_I_all                  ? 
_reflns.pdbx_d_opt                       ? 
_reflns.pdbx_number_measured_all         ? 
_reflns.pdbx_diffrn_id                   1 
_reflns.pdbx_ordinal                     1 
_reflns.pdbx_CC_half                     ? 
_reflns.pdbx_R_split                     ? 
# 
_reflns_shell.d_res_high                  1.39 
_reflns_shell.d_res_low                   1.43 
_reflns_shell.meanI_over_sigI_all         ? 
_reflns_shell.meanI_over_sigI_obs         2.2 
_reflns_shell.number_measured_all         ? 
_reflns_shell.number_measured_obs         ? 
_reflns_shell.number_possible             ? 
_reflns_shell.number_unique_all           ? 
_reflns_shell.number_unique_obs           ? 
_reflns_shell.percent_possible_all        99.8 
_reflns_shell.percent_possible_obs        ? 
_reflns_shell.Rmerge_F_all                ? 
_reflns_shell.Rmerge_F_obs                ? 
_reflns_shell.Rmerge_I_all                ? 
_reflns_shell.Rmerge_I_obs                ? 
_reflns_shell.meanI_over_sigI_gt          ? 
_reflns_shell.meanI_over_uI_all           ? 
_reflns_shell.meanI_over_uI_gt            ? 
_reflns_shell.number_measured_gt          ? 
_reflns_shell.number_unique_gt            ? 
_reflns_shell.percent_possible_gt         ? 
_reflns_shell.Rmerge_F_gt                 ? 
_reflns_shell.Rmerge_I_gt                 ? 
_reflns_shell.pdbx_redundancy             6.1 
_reflns_shell.pdbx_Rsym_value             ? 
_reflns_shell.pdbx_chi_squared            ? 
_reflns_shell.pdbx_netI_over_sigmaI_all   ? 
_reflns_shell.pdbx_netI_over_sigmaI_obs   ? 
_reflns_shell.pdbx_Rrim_I_all             ? 
_reflns_shell.pdbx_Rpim_I_all             ? 
_reflns_shell.pdbx_rejects                ? 
_reflns_shell.pdbx_ordinal                1 
_reflns_shell.pdbx_diffrn_id              1 
_reflns_shell.pdbx_CC_half                ? 
_reflns_shell.pdbx_R_split                ? 
# 
_refine.pdbx_refine_id                           'X-RAY DIFFRACTION' 
_refine.entry_id                                 5ET2 
_refine.pdbx_diffrn_id                           1 
_refine.pdbx_TLS_residual_ADP_flag               ? 
_refine.ls_number_reflns_obs                     7182 
_refine.ls_number_reflns_all                     ? 
_refine.pdbx_ls_sigma_I                          ? 
_refine.pdbx_ls_sigma_F                          ? 
_refine.pdbx_data_cutoff_high_absF               ? 
_refine.pdbx_data_cutoff_low_absF                ? 
_refine.pdbx_data_cutoff_high_rms_absF           ? 
_refine.ls_d_res_low                             23.83 
_refine.ls_d_res_high                            1.39 
_refine.ls_percent_reflns_obs                    99.08 
_refine.ls_R_factor_obs                          0.16708 
_refine.ls_R_factor_all                          ? 
_refine.ls_R_factor_R_work                       0.16610 
_refine.ls_R_factor_R_free                       0.18519 
_refine.ls_R_factor_R_free_error                 ? 
_refine.ls_R_factor_R_free_error_details         ? 
_refine.ls_percent_reflns_R_free                 5.1 
_refine.ls_number_reflns_R_free                  382 
_refine.ls_number_parameters                     ? 
_refine.ls_number_restraints                     ? 
_refine.occupancy_min                            ? 
_refine.occupancy_max                            ? 
_refine.correlation_coeff_Fo_to_Fc               0.972 
_refine.correlation_coeff_Fo_to_Fc_free          0.964 
_refine.B_iso_mean                               20.925 
_refine.aniso_B[1][1]                            0.34 
_refine.aniso_B[2][2]                            0.34 
_refine.aniso_B[3][3]                            -0.68 
_refine.aniso_B[1][2]                            -0.00 
_refine.aniso_B[1][3]                            -0.00 
_refine.aniso_B[2][3]                            -0.00 
_refine.solvent_model_details                    MASK 
_refine.solvent_model_param_ksol                 ? 
_refine.solvent_model_param_bsol                 ? 
_refine.pdbx_solvent_vdw_probe_radii             1.20 
_refine.pdbx_solvent_ion_probe_radii             0.80 
_refine.pdbx_solvent_shrinkage_radii             0.80 
_refine.pdbx_ls_cross_valid_method               THROUGHOUT 
_refine.details                                  'HYDROGENS HAVE BEEN ADDED IN THE RIDING POSITIONS' 
_refine.pdbx_starting_model                      ? 
_refine.pdbx_method_to_determine_struct          SAD 
_refine.pdbx_isotropic_thermal_model             ? 
_refine.pdbx_stereochemistry_target_values       'MAXIMUM LIKELIHOOD' 
_refine.pdbx_stereochem_target_val_spec_case     ? 
_refine.pdbx_R_Free_selection_details            RANDOM 
_refine.pdbx_overall_ESU_R                       0.072 
_refine.pdbx_overall_ESU_R_Free                  0.059 
_refine.overall_SU_ML                            0.045 
_refine.pdbx_overall_phase_error                 ? 
_refine.overall_SU_B                             2.606 
_refine.overall_SU_R_Cruickshank_DPI             ? 
_refine.pdbx_overall_SU_R_free_Cruickshank_DPI   ? 
_refine.pdbx_overall_SU_R_Blow_DPI               ? 
_refine.pdbx_overall_SU_R_free_Blow_DPI          ? 
# 
_refine_hist.pdbx_refine_id                   'X-RAY DIFFRACTION' 
_refine_hist.cycle_id                         LAST 
_refine_hist.pdbx_number_atoms_protein        0 
_refine_hist.pdbx_number_atoms_nucleic_acid   202 
_refine_hist.pdbx_number_atoms_ligand         52 
_refine_hist.number_atoms_solvent             65 
_refine_hist.number_atoms_total               319 
_refine_hist.d_res_high                       1.39 
_refine_hist.d_res_low                        23.83 
# 
loop_
_refine_ls_restr.type 
_refine_ls_restr.dev_ideal 
_refine_ls_restr.dev_ideal_target 
_refine_ls_restr.weight 
_refine_ls_restr.number 
_refine_ls_restr.pdbx_refine_id 
_refine_ls_restr.pdbx_restraint_function 
r_bond_refined_d             0.008  0.012  ? 338 'X-RAY DIFFRACTION' ? 
r_bond_other_d               0.002  0.020  ? 157 'X-RAY DIFFRACTION' ? 
r_angle_refined_deg          2.103  1.543  ? 530 'X-RAY DIFFRACTION' ? 
r_angle_other_deg            1.493  3.000  ? 363 'X-RAY DIFFRACTION' ? 
r_dihedral_angle_1_deg       ?      ?      ? ?   'X-RAY DIFFRACTION' ? 
r_dihedral_angle_2_deg       ?      ?      ? ?   'X-RAY DIFFRACTION' ? 
r_dihedral_angle_3_deg       ?      ?      ? ?   'X-RAY DIFFRACTION' ? 
r_dihedral_angle_4_deg       ?      ?      ? ?   'X-RAY DIFFRACTION' ? 
r_chiral_restr               0.049  0.200  ? 36  'X-RAY DIFFRACTION' ? 
r_gen_planes_refined         0.010  0.020  ? 200 'X-RAY DIFFRACTION' ? 
r_gen_planes_other           0.001  0.020  ? 86  'X-RAY DIFFRACTION' ? 
r_nbd_refined                ?      ?      ? ?   'X-RAY DIFFRACTION' ? 
r_nbd_other                  ?      ?      ? ?   'X-RAY DIFFRACTION' ? 
r_nbtor_refined              ?      ?      ? ?   'X-RAY DIFFRACTION' ? 
r_nbtor_other                ?      ?      ? ?   'X-RAY DIFFRACTION' ? 
r_xyhbond_nbd_refined        ?      ?      ? ?   'X-RAY DIFFRACTION' ? 
r_xyhbond_nbd_other          ?      ?      ? ?   'X-RAY DIFFRACTION' ? 
r_metal_ion_refined          ?      ?      ? ?   'X-RAY DIFFRACTION' ? 
r_metal_ion_other            ?      ?      ? ?   'X-RAY DIFFRACTION' ? 
r_symmetry_vdw_refined       ?      ?      ? ?   'X-RAY DIFFRACTION' ? 
r_symmetry_vdw_other         ?      ?      ? ?   'X-RAY DIFFRACTION' ? 
r_symmetry_hbond_refined     ?      ?      ? ?   'X-RAY DIFFRACTION' ? 
r_symmetry_hbond_other       ?      ?      ? ?   'X-RAY DIFFRACTION' ? 
r_symmetry_metal_ion_refined ?      ?      ? ?   'X-RAY DIFFRACTION' ? 
r_symmetry_metal_ion_other   ?      ?      ? ?   'X-RAY DIFFRACTION' ? 
r_mcbond_it                  ?      ?      ? ?   'X-RAY DIFFRACTION' ? 
r_mcbond_other               ?      ?      ? ?   'X-RAY DIFFRACTION' ? 
r_mcangle_it                 ?      ?      ? ?   'X-RAY DIFFRACTION' ? 
r_mcangle_other              ?      ?      ? ?   'X-RAY DIFFRACTION' ? 
r_scbond_it                  0.821  1.946  ? 338 'X-RAY DIFFRACTION' ? 
r_scbond_other               0.820  7.337  ? 339 'X-RAY DIFFRACTION' ? 
r_scangle_it                 ?      ?      ? ?   'X-RAY DIFFRACTION' ? 
r_scangle_other              1.200  29.577 ? 531 'X-RAY DIFFRACTION' ? 
r_long_range_B_refined       2.491  21.176 ? 739 'X-RAY DIFFRACTION' ? 
r_long_range_B_other         2.162  20.673 ? 707 'X-RAY DIFFRACTION' ? 
r_rigid_bond_restr           0.604  3.000  ? 338 'X-RAY DIFFRACTION' ? 
r_sphericity_free            17.624 5.000  ? 12  'X-RAY DIFFRACTION' ? 
r_sphericity_bonded          10.092 5.000  ? 350 'X-RAY DIFFRACTION' ? 
# 
_refine_ls_shell.pdbx_refine_id                   'X-RAY DIFFRACTION' 
_refine_ls_shell.pdbx_total_number_of_bins_used   20 
_refine_ls_shell.d_res_high                       1.390 
_refine_ls_shell.d_res_low                        1.426 
_refine_ls_shell.number_reflns_R_work             531 
_refine_ls_shell.R_factor_R_work                  0.272 
_refine_ls_shell.percent_reflns_obs               99.64 
_refine_ls_shell.R_factor_R_free                  0.363 
_refine_ls_shell.R_factor_R_free_error            ? 
_refine_ls_shell.percent_reflns_R_free            ? 
_refine_ls_shell.number_reflns_R_free             20 
_refine_ls_shell.number_reflns_all                ? 
_refine_ls_shell.R_factor_all                     ? 
_refine_ls_shell.R_factor_obs                     ? 
_refine_ls_shell.number_reflns_obs                ? 
# 
_struct.entry_id                     5ET2 
_struct.title                        'Lambda-Ru(TAP)2(dppz)]2+ bound to d(TTGGCGCCAA)' 
_struct.pdbx_model_details           ? 
_struct.pdbx_formula_weight          ? 
_struct.pdbx_formula_weight_method   ? 
_struct.pdbx_model_type_details      ? 
_struct.pdbx_CASP_flag               ? 
# 
_struct_keywords.entry_id        5ET2 
_struct_keywords.text            'Ruthenium Intercalation DNA Photoactive, DNA' 
_struct_keywords.pdbx_keywords   DNA 
# 
loop_
_struct_asym.id 
_struct_asym.pdbx_blank_PDB_chainid_flag 
_struct_asym.pdbx_modified 
_struct_asym.entity_id 
_struct_asym.details 
A N N 1 ? 
B N N 2 ? 
C N N 3 ? 
D N N 4 ? 
# 
_struct_ref.id                         1 
_struct_ref.db_name                    PDB 
_struct_ref.db_code                    5ET2 
_struct_ref.pdbx_db_accession          5ET2 
_struct_ref.pdbx_db_isoform            ? 
_struct_ref.entity_id                  1 
_struct_ref.pdbx_seq_one_letter_code   ? 
_struct_ref.pdbx_align_begin           1 
# 
_struct_ref_seq.align_id                      1 
_struct_ref_seq.ref_id                        1 
_struct_ref_seq.pdbx_PDB_id_code              5ET2 
_struct_ref_seq.pdbx_strand_id                A 
_struct_ref_seq.seq_align_beg                 1 
_struct_ref_seq.pdbx_seq_align_beg_ins_code   ? 
_struct_ref_seq.seq_align_end                 10 
_struct_ref_seq.pdbx_seq_align_end_ins_code   ? 
_struct_ref_seq.pdbx_db_accession             5ET2 
_struct_ref_seq.db_align_beg                  1 
_struct_ref_seq.pdbx_db_align_beg_ins_code    ? 
_struct_ref_seq.db_align_end                  10 
_struct_ref_seq.pdbx_db_align_end_ins_code    ? 
_struct_ref_seq.pdbx_auth_seq_align_beg       1 
_struct_ref_seq.pdbx_auth_seq_align_end       10 
# 
_pdbx_struct_assembly.id                   1 
_pdbx_struct_assembly.details              author_and_software_defined_assembly 
_pdbx_struct_assembly.method_details       PISA 
_pdbx_struct_assembly.oligomeric_details   dimeric 
_pdbx_struct_assembly.oligomeric_count     2 
# 
loop_
_pdbx_struct_assembly_prop.biol_id 
_pdbx_struct_assembly_prop.type 
_pdbx_struct_assembly_prop.value 
_pdbx_struct_assembly_prop.details 
1 'ABSA (A^2)' 2220 ? 
1 MORE         -18  ? 
1 'SSA (A^2)'  4580 ? 
# 
_pdbx_struct_assembly_gen.assembly_id       1 
_pdbx_struct_assembly_gen.oper_expression   1,2 
_pdbx_struct_assembly_gen.asym_id_list      A,B,C,D 
# 
loop_
_pdbx_struct_oper_list.id 
_pdbx_struct_oper_list.type 
_pdbx_struct_oper_list.name 
_pdbx_struct_oper_list.symmetry_operation 
_pdbx_struct_oper_list.matrix[1][1] 
_pdbx_struct_oper_list.matrix[1][2] 
_pdbx_struct_oper_list.matrix[1][3] 
_pdbx_struct_oper_list.vector[1] 
_pdbx_struct_oper_list.matrix[2][1] 
_pdbx_struct_oper_list.matrix[2][2] 
_pdbx_struct_oper_list.matrix[2][3] 
_pdbx_struct_oper_list.vector[2] 
_pdbx_struct_oper_list.matrix[3][1] 
_pdbx_struct_oper_list.matrix[3][2] 
_pdbx_struct_oper_list.matrix[3][3] 
_pdbx_struct_oper_list.vector[3] 
1 'identity operation'         1_555 x,y,z  1.0000000000  0.0000000000  0.0000000000 0.0000000000  0.0000000000  1.0000000000  0.0000000000  0.0000000000  0.0000000000 0.0000000000  1.0000000000 0.0000000000  
2 'crystal symmetry operation' 7_555 y,x,-z -0.9906343876 -0.0911385637 0.1016723775 -0.0730726692 -0.0911385637 -0.1131132247 -0.9893933296 -1.5197016387 0.1016723775 -0.9893933296 0.1037476123 -1.3555211134 
# 
loop_
_struct_conn.id 
_struct_conn.conn_type_id 
_struct_conn.pdbx_leaving_atom_flag 
_struct_conn.pdbx_PDB_id 
_struct_conn.ptnr1_label_asym_id 
_struct_conn.ptnr1_label_comp_id 
_struct_conn.ptnr1_label_seq_id 
_struct_conn.ptnr1_label_atom_id 
_struct_conn.pdbx_ptnr1_label_alt_id 
_struct_conn.pdbx_ptnr1_PDB_ins_code 
_struct_conn.pdbx_ptnr1_standard_comp_id 
_struct_conn.ptnr1_symmetry 
_struct_conn.ptnr2_label_asym_id 
_struct_conn.ptnr2_label_comp_id 
_struct_conn.ptnr2_label_seq_id 
_struct_conn.ptnr2_label_atom_id 
_struct_conn.pdbx_ptnr2_label_alt_id 
_struct_conn.pdbx_ptnr2_PDB_ins_code 
_struct_conn.ptnr1_auth_asym_id 
_struct_conn.ptnr1_auth_comp_id 
_struct_conn.ptnr1_auth_seq_id 
_struct_conn.ptnr2_auth_asym_id 
_struct_conn.ptnr2_auth_comp_id 
_struct_conn.ptnr2_auth_seq_id 
_struct_conn.ptnr2_symmetry 
_struct_conn.pdbx_ptnr3_label_atom_id 
_struct_conn.pdbx_ptnr3_label_seq_id 
_struct_conn.pdbx_ptnr3_label_comp_id 
_struct_conn.pdbx_ptnr3_label_asym_id 
_struct_conn.pdbx_ptnr3_label_alt_id 
_struct_conn.pdbx_ptnr3_PDB_ins_code 
_struct_conn.details 
_struct_conn.pdbx_dist_value 
_struct_conn.pdbx_value_order 
_struct_conn.pdbx_role 
covale1  covale one ? A THM 1 "O3'" ? ? ? 1_555 A DT  2 P  ? ? A THM 1   A DT  2   1_555 ? ? ? ? ? ? ?            1.604 ? ? 
metalc1  metalc ?   ? A DG  4 O6    ? ? ? 1_555 C BA  . BA ? ? A DG  4   A BA  102 1_555 ? ? ? ? ? ? ?            2.938 ? ? 
metalc2  metalc ?   ? C BA  . BA    ? ? ? 1_555 D HOH . O  ? ? A BA  102 A HOH 201 1_555 ? ? ? ? ? ? ?            2.722 ? ? 
metalc3  metalc ?   ? C BA  . BA    ? ? ? 1_555 D HOH . O  ? ? A BA  102 A HOH 210 1_555 ? ? ? ? ? ? ?            2.756 ? ? 
metalc4  metalc ?   ? C BA  . BA    ? ? ? 1_555 D HOH . O  ? ? A BA  102 A HOH 214 1_555 ? ? ? ? ? ? ?            2.782 ? ? 
metalc5  metalc ?   ? C BA  . BA    ? ? ? 1_555 D HOH . O  ? ? A BA  102 A HOH 216 1_555 ? ? ? ? ? ? ?            2.628 ? ? 
metalc6  metalc ?   ? C BA  . BA    ? ? ? 1_555 D HOH . O  ? ? A BA  102 A HOH 241 1_555 ? ? ? ? ? ? ?            2.811 ? ? 
metalc7  metalc ?   ? C BA  . BA    ? ? ? 1_555 D HOH . O  ? ? A BA  102 A HOH 262 1_555 ? ? ? ? ? ? ?            2.769 ? ? 
hydrog1  hydrog ?   ? A DT  2 N3    ? ? ? 1_555 A DA  9 N1 A ? A DT  2   A DA  9   7_555 ? ? ? ? ? ? WATSON-CRICK ?     ? ? 
hydrog2  hydrog ?   ? A DT  2 N3    ? ? ? 1_555 A DA  9 N1 B ? A DT  2   A DA  9   7_555 ? ? ? ? ? ? WATSON-CRICK ?     ? ? 
hydrog3  hydrog ?   ? A DT  2 O4    ? ? ? 1_555 A DA  9 N6 A ? A DT  2   A DA  9   7_555 ? ? ? ? ? ? WATSON-CRICK ?     ? ? 
hydrog4  hydrog ?   ? A DT  2 O4    ? ? ? 1_555 A DA  9 N6 B ? A DT  2   A DA  9   7_555 ? ? ? ? ? ? WATSON-CRICK ?     ? ? 
hydrog5  hydrog ?   ? A DG  3 N1    ? ? ? 1_555 A DC  8 N3 ? ? A DG  3   A DC  8   7_555 ? ? ? ? ? ? WATSON-CRICK ?     ? ? 
hydrog6  hydrog ?   ? A DG  3 N2    ? ? ? 1_555 A DC  8 O2 ? ? A DG  3   A DC  8   7_555 ? ? ? ? ? ? WATSON-CRICK ?     ? ? 
hydrog7  hydrog ?   ? A DG  3 O6    ? ? ? 1_555 A DC  8 N4 ? ? A DG  3   A DC  8   7_555 ? ? ? ? ? ? WATSON-CRICK ?     ? ? 
hydrog8  hydrog ?   ? A DG  4 N1    ? ? ? 1_555 A DC  7 N3 ? ? A DG  4   A DC  7   7_555 ? ? ? ? ? ? WATSON-CRICK ?     ? ? 
hydrog9  hydrog ?   ? A DG  4 N2    ? ? ? 1_555 A DC  7 O2 ? ? A DG  4   A DC  7   7_555 ? ? ? ? ? ? WATSON-CRICK ?     ? ? 
hydrog10 hydrog ?   ? A DG  4 O6    ? ? ? 1_555 A DC  7 N4 ? ? A DG  4   A DC  7   7_555 ? ? ? ? ? ? WATSON-CRICK ?     ? ? 
hydrog11 hydrog ?   ? A DC  5 N3    ? ? ? 1_555 A DG  6 N1 ? ? A DC  5   A DG  6   7_555 ? ? ? ? ? ? WATSON-CRICK ?     ? ? 
hydrog12 hydrog ?   ? A DC  5 N4    ? ? ? 1_555 A DG  6 O6 ? ? A DC  5   A DG  6   7_555 ? ? ? ? ? ? WATSON-CRICK ?     ? ? 
hydrog13 hydrog ?   ? A DC  5 O2    ? ? ? 1_555 A DG  6 N2 ? ? A DC  5   A DG  6   7_555 ? ? ? ? ? ? WATSON-CRICK ?     ? ? 
hydrog14 hydrog ?   ? A DG  6 N1    ? ? ? 1_555 A DC  5 N3 ? ? A DG  6   A DC  5   7_555 ? ? ? ? ? ? WATSON-CRICK ?     ? ? 
hydrog15 hydrog ?   ? A DG  6 N2    ? ? ? 1_555 A DC  5 O2 ? ? A DG  6   A DC  5   7_555 ? ? ? ? ? ? WATSON-CRICK ?     ? ? 
hydrog16 hydrog ?   ? A DG  6 O6    ? ? ? 1_555 A DC  5 N4 ? ? A DG  6   A DC  5   7_555 ? ? ? ? ? ? WATSON-CRICK ?     ? ? 
hydrog17 hydrog ?   ? A DC  7 N3    ? ? ? 1_555 A DG  4 N1 ? ? A DC  7   A DG  4   7_555 ? ? ? ? ? ? WATSON-CRICK ?     ? ? 
hydrog18 hydrog ?   ? A DC  7 N4    ? ? ? 1_555 A DG  4 O6 ? ? A DC  7   A DG  4   7_555 ? ? ? ? ? ? WATSON-CRICK ?     ? ? 
hydrog19 hydrog ?   ? A DC  7 O2    ? ? ? 1_555 A DG  4 N2 ? ? A DC  7   A DG  4   7_555 ? ? ? ? ? ? WATSON-CRICK ?     ? ? 
hydrog20 hydrog ?   ? A DC  8 N3    ? ? ? 1_555 A DG  3 N1 ? ? A DC  8   A DG  3   7_555 ? ? ? ? ? ? WATSON-CRICK ?     ? ? 
hydrog21 hydrog ?   ? A DC  8 N4    ? ? ? 1_555 A DG  3 O6 ? ? A DC  8   A DG  3   7_555 ? ? ? ? ? ? WATSON-CRICK ?     ? ? 
hydrog22 hydrog ?   ? A DC  8 O2    ? ? ? 1_555 A DG  3 N2 ? ? A DC  8   A DG  3   7_555 ? ? ? ? ? ? WATSON-CRICK ?     ? ? 
hydrog23 hydrog ?   ? A DA  9 N1    A ? ? 1_555 A DT  2 N3 ? ? A DA  9   A DT  2   7_555 ? ? ? ? ? ? WATSON-CRICK ?     ? ? 
hydrog24 hydrog ?   ? A DA  9 N1    B ? ? 1_555 A DT  2 N3 ? ? A DA  9   A DT  2   7_555 ? ? ? ? ? ? WATSON-CRICK ?     ? ? 
hydrog25 hydrog ?   ? A DA  9 N6    A ? ? 1_555 A DT  2 O4 ? ? A DA  9   A DT  2   7_555 ? ? ? ? ? ? WATSON-CRICK ?     ? ? 
hydrog26 hydrog ?   ? A DA  9 N6    B ? ? 1_555 A DT  2 O4 ? ? A DA  9   A DT  2   7_555 ? ? ? ? ? ? WATSON-CRICK ?     ? ? 
# 
loop_
_struct_conn_type.id 
_struct_conn_type.criteria 
_struct_conn_type.reference 
covale ? ? 
metalc ? ? 
hydrog ? ? 
# 
loop_
_pdbx_struct_conn_angle.id 
_pdbx_struct_conn_angle.ptnr1_label_atom_id 
_pdbx_struct_conn_angle.ptnr1_label_alt_id 
_pdbx_struct_conn_angle.ptnr1_label_asym_id 
_pdbx_struct_conn_angle.ptnr1_label_comp_id 
_pdbx_struct_conn_angle.ptnr1_label_seq_id 
_pdbx_struct_conn_angle.ptnr1_auth_atom_id 
_pdbx_struct_conn_angle.ptnr1_auth_asym_id 
_pdbx_struct_conn_angle.ptnr1_auth_comp_id 
_pdbx_struct_conn_angle.ptnr1_auth_seq_id 
_pdbx_struct_conn_angle.ptnr1_PDB_ins_code 
_pdbx_struct_conn_angle.ptnr1_symmetry 
_pdbx_struct_conn_angle.ptnr2_label_atom_id 
_pdbx_struct_conn_angle.ptnr2_label_alt_id 
_pdbx_struct_conn_angle.ptnr2_label_asym_id 
_pdbx_struct_conn_angle.ptnr2_label_comp_id 
_pdbx_struct_conn_angle.ptnr2_label_seq_id 
_pdbx_struct_conn_angle.ptnr2_auth_atom_id 
_pdbx_struct_conn_angle.ptnr2_auth_asym_id 
_pdbx_struct_conn_angle.ptnr2_auth_comp_id 
_pdbx_struct_conn_angle.ptnr2_auth_seq_id 
_pdbx_struct_conn_angle.ptnr2_PDB_ins_code 
_pdbx_struct_conn_angle.ptnr2_symmetry 
_pdbx_struct_conn_angle.ptnr3_label_atom_id 
_pdbx_struct_conn_angle.ptnr3_label_alt_id 
_pdbx_struct_conn_angle.ptnr3_label_asym_id 
_pdbx_struct_conn_angle.ptnr3_label_comp_id 
_pdbx_struct_conn_angle.ptnr3_label_seq_id 
_pdbx_struct_conn_angle.ptnr3_auth_atom_id 
_pdbx_struct_conn_angle.ptnr3_auth_asym_id 
_pdbx_struct_conn_angle.ptnr3_auth_comp_id 
_pdbx_struct_conn_angle.ptnr3_auth_seq_id 
_pdbx_struct_conn_angle.ptnr3_PDB_ins_code 
_pdbx_struct_conn_angle.ptnr3_symmetry 
_pdbx_struct_conn_angle.value 
_pdbx_struct_conn_angle.value_esd 
1  O6 ? A DG  4 ? A DG  4   ? 1_555 BA ? C BA . ? A BA 102 ? 1_555 O ? D HOH . ? A HOH 201 ? 1_555 72.1  ? 
2  O6 ? A DG  4 ? A DG  4   ? 1_555 BA ? C BA . ? A BA 102 ? 1_555 O ? D HOH . ? A HOH 210 ? 1_555 128.4 ? 
3  O  ? D HOH . ? A HOH 201 ? 1_555 BA ? C BA . ? A BA 102 ? 1_555 O ? D HOH . ? A HOH 210 ? 1_555 139.5 ? 
4  O6 ? A DG  4 ? A DG  4   ? 1_555 BA ? C BA . ? A BA 102 ? 1_555 O ? D HOH . ? A HOH 214 ? 1_555 139.2 ? 
5  O  ? D HOH . ? A HOH 201 ? 1_555 BA ? C BA . ? A BA 102 ? 1_555 O ? D HOH . ? A HOH 214 ? 1_555 75.6  ? 
6  O  ? D HOH . ? A HOH 210 ? 1_555 BA ? C BA . ? A BA 102 ? 1_555 O ? D HOH . ? A HOH 214 ? 1_555 67.9  ? 
7  O6 ? A DG  4 ? A DG  4   ? 1_555 BA ? C BA . ? A BA 102 ? 1_555 O ? D HOH . ? A HOH 216 ? 1_555 63.5  ? 
8  O  ? D HOH . ? A HOH 201 ? 1_555 BA ? C BA . ? A BA 102 ? 1_555 O ? D HOH . ? A HOH 216 ? 1_555 83.7  ? 
9  O  ? D HOH . ? A HOH 210 ? 1_555 BA ? C BA . ? A BA 102 ? 1_555 O ? D HOH . ? A HOH 216 ? 1_555 135.5 ? 
10 O  ? D HOH . ? A HOH 214 ? 1_555 BA ? C BA . ? A BA 102 ? 1_555 O ? D HOH . ? A HOH 216 ? 1_555 136.2 ? 
11 O6 ? A DG  4 ? A DG  4   ? 1_555 BA ? C BA . ? A BA 102 ? 1_555 O ? D HOH . ? A HOH 241 ? 1_555 108.3 ? 
12 O  ? D HOH . ? A HOH 201 ? 1_555 BA ? C BA . ? A BA 102 ? 1_555 O ? D HOH . ? A HOH 241 ? 1_555 149.7 ? 
13 O  ? D HOH . ? A HOH 210 ? 1_555 BA ? C BA . ? A BA 102 ? 1_555 O ? D HOH . ? A HOH 241 ? 1_555 64.9  ? 
14 O  ? D HOH . ? A HOH 214 ? 1_555 BA ? C BA . ? A BA 102 ? 1_555 O ? D HOH . ? A HOH 241 ? 1_555 112.2 ? 
15 O  ? D HOH . ? A HOH 216 ? 1_555 BA ? C BA . ? A BA 102 ? 1_555 O ? D HOH . ? A HOH 241 ? 1_555 70.6  ? 
16 O6 ? A DG  4 ? A DG  4   ? 1_555 BA ? C BA . ? A BA 102 ? 1_555 O ? D HOH . ? A HOH 262 ? 1_555 125.8 ? 
17 O  ? D HOH . ? A HOH 201 ? 1_555 BA ? C BA . ? A BA 102 ? 1_555 O ? D HOH . ? A HOH 262 ? 1_555 77.2  ? 
18 O  ? D HOH . ? A HOH 210 ? 1_555 BA ? C BA . ? A BA 102 ? 1_555 O ? D HOH . ? A HOH 262 ? 1_555 103.9 ? 
19 O  ? D HOH . ? A HOH 214 ? 1_555 BA ? C BA . ? A BA 102 ? 1_555 O ? D HOH . ? A HOH 262 ? 1_555 68.2  ? 
20 O  ? D HOH . ? A HOH 216 ? 1_555 BA ? C BA . ? A BA 102 ? 1_555 O ? D HOH . ? A HOH 262 ? 1_555 69.7  ? 
21 O  ? D HOH . ? A HOH 241 ? 1_555 BA ? C BA . ? A BA 102 ? 1_555 O ? D HOH . ? A HOH 262 ? 1_555 79.0  ? 
# 
loop_
_struct_site.id 
_struct_site.pdbx_evidence_code 
_struct_site.pdbx_auth_asym_id 
_struct_site.pdbx_auth_comp_id 
_struct_site.pdbx_auth_seq_id 
_struct_site.pdbx_auth_ins_code 
_struct_site.pdbx_num_residues 
_struct_site.details 
AC1 Software A RKL 101 ? 10 'binding site for residue RKL A 101' 
AC2 Software A BA  102 ? 8  'binding site for residue BA A 102'  
# 
loop_
_struct_site_gen.id 
_struct_site_gen.site_id 
_struct_site_gen.pdbx_num_res 
_struct_site_gen.label_comp_id 
_struct_site_gen.label_asym_id 
_struct_site_gen.label_seq_id 
_struct_site_gen.pdbx_auth_ins_code 
_struct_site_gen.auth_comp_id 
_struct_site_gen.auth_asym_id 
_struct_site_gen.auth_seq_id 
_struct_site_gen.label_atom_id 
_struct_site_gen.label_alt_id 
_struct_site_gen.symmetry 
_struct_site_gen.details 
1  AC1 10 THM A 1  ? THM A 1   . ? 1_555 ? 
2  AC1 10 DT  A 2  ? DT  A 2   . ? 1_555 ? 
3  AC1 10 DG  A 3  ? DG  A 3   . ? 4_455 ? 
4  AC1 10 DG  A 3  ? DG  A 3   . ? 1_555 ? 
5  AC1 10 DG  A 4  ? DG  A 4   . ? 4_455 ? 
6  AC1 10 DC  A 5  ? DC  A 5   . ? 4_455 ? 
7  AC1 10 DC  A 7  ? DC  A 7   . ? 6_455 ? 
8  AC1 10 DC  A 8  ? DC  A 8   . ? 6_455 ? 
9  AC1 10 DA  A 9  ? DA  A 9   . ? 7_555 ? 
10 AC1 10 DA  A 10 ? DA  A 10  . ? 6_455 ? 
11 AC2 8  DG  A 3  ? DG  A 3   . ? 1_555 ? 
12 AC2 8  DG  A 4  ? DG  A 4   . ? 1_555 ? 
13 AC2 8  HOH D .  ? HOH A 201 . ? 1_555 ? 
14 AC2 8  HOH D .  ? HOH A 210 . ? 1_555 ? 
15 AC2 8  HOH D .  ? HOH A 214 . ? 1_555 ? 
16 AC2 8  HOH D .  ? HOH A 216 . ? 1_555 ? 
17 AC2 8  HOH D .  ? HOH A 241 . ? 1_555 ? 
18 AC2 8  HOH D .  ? HOH A 262 . ? 1_555 ? 
# 
_pdbx_struct_special_symmetry.id              1 
_pdbx_struct_special_symmetry.PDB_model_num   1 
_pdbx_struct_special_symmetry.auth_asym_id    A 
_pdbx_struct_special_symmetry.auth_comp_id    HOH 
_pdbx_struct_special_symmetry.auth_seq_id     263 
_pdbx_struct_special_symmetry.PDB_ins_code    ? 
_pdbx_struct_special_symmetry.label_asym_id   D 
_pdbx_struct_special_symmetry.label_comp_id   HOH 
_pdbx_struct_special_symmetry.label_seq_id    . 
# 
_pdbx_distant_solvent_atoms.id                                1 
_pdbx_distant_solvent_atoms.PDB_model_num                     1 
_pdbx_distant_solvent_atoms.auth_atom_id                      O 
_pdbx_distant_solvent_atoms.label_alt_id                      ? 
_pdbx_distant_solvent_atoms.auth_asym_id                      A 
_pdbx_distant_solvent_atoms.auth_comp_id                      HOH 
_pdbx_distant_solvent_atoms.auth_seq_id                       265 
_pdbx_distant_solvent_atoms.PDB_ins_code                      ? 
_pdbx_distant_solvent_atoms.neighbor_macromolecule_distance   . 
_pdbx_distant_solvent_atoms.neighbor_ligand_distance          6.64 
# 
loop_
_chem_comp_atom.comp_id 
_chem_comp_atom.atom_id 
_chem_comp_atom.type_symbol 
_chem_comp_atom.pdbx_aromatic_flag 
_chem_comp_atom.pdbx_stereo_config 
_chem_comp_atom.pdbx_ordinal 
BA  BA     BA N N 1   
DA  OP3    O  N N 2   
DA  P      P  N N 3   
DA  OP1    O  N N 4   
DA  OP2    O  N N 5   
DA  "O5'"  O  N N 6   
DA  "C5'"  C  N N 7   
DA  "C4'"  C  N R 8   
DA  "O4'"  O  N N 9   
DA  "C3'"  C  N S 10  
DA  "O3'"  O  N N 11  
DA  "C2'"  C  N N 12  
DA  "C1'"  C  N R 13  
DA  N9     N  Y N 14  
DA  C8     C  Y N 15  
DA  N7     N  Y N 16  
DA  C5     C  Y N 17  
DA  C6     C  Y N 18  
DA  N6     N  N N 19  
DA  N1     N  Y N 20  
DA  C2     C  Y N 21  
DA  N3     N  Y N 22  
DA  C4     C  Y N 23  
DA  HOP3   H  N N 24  
DA  HOP2   H  N N 25  
DA  "H5'"  H  N N 26  
DA  "H5''" H  N N 27  
DA  "H4'"  H  N N 28  
DA  "H3'"  H  N N 29  
DA  "HO3'" H  N N 30  
DA  "H2'"  H  N N 31  
DA  "H2''" H  N N 32  
DA  "H1'"  H  N N 33  
DA  H8     H  N N 34  
DA  H61    H  N N 35  
DA  H62    H  N N 36  
DA  H2     H  N N 37  
DC  OP3    O  N N 38  
DC  P      P  N N 39  
DC  OP1    O  N N 40  
DC  OP2    O  N N 41  
DC  "O5'"  O  N N 42  
DC  "C5'"  C  N N 43  
DC  "C4'"  C  N R 44  
DC  "O4'"  O  N N 45  
DC  "C3'"  C  N S 46  
DC  "O3'"  O  N N 47  
DC  "C2'"  C  N N 48  
DC  "C1'"  C  N R 49  
DC  N1     N  N N 50  
DC  C2     C  N N 51  
DC  O2     O  N N 52  
DC  N3     N  N N 53  
DC  C4     C  N N 54  
DC  N4     N  N N 55  
DC  C5     C  N N 56  
DC  C6     C  N N 57  
DC  HOP3   H  N N 58  
DC  HOP2   H  N N 59  
DC  "H5'"  H  N N 60  
DC  "H5''" H  N N 61  
DC  "H4'"  H  N N 62  
DC  "H3'"  H  N N 63  
DC  "HO3'" H  N N 64  
DC  "H2'"  H  N N 65  
DC  "H2''" H  N N 66  
DC  "H1'"  H  N N 67  
DC  H41    H  N N 68  
DC  H42    H  N N 69  
DC  H5     H  N N 70  
DC  H6     H  N N 71  
DG  OP3    O  N N 72  
DG  P      P  N N 73  
DG  OP1    O  N N 74  
DG  OP2    O  N N 75  
DG  "O5'"  O  N N 76  
DG  "C5'"  C  N N 77  
DG  "C4'"  C  N R 78  
DG  "O4'"  O  N N 79  
DG  "C3'"  C  N S 80  
DG  "O3'"  O  N N 81  
DG  "C2'"  C  N N 82  
DG  "C1'"  C  N R 83  
DG  N9     N  Y N 84  
DG  C8     C  Y N 85  
DG  N7     N  Y N 86  
DG  C5     C  Y N 87  
DG  C6     C  N N 88  
DG  O6     O  N N 89  
DG  N1     N  N N 90  
DG  C2     C  N N 91  
DG  N2     N  N N 92  
DG  N3     N  N N 93  
DG  C4     C  Y N 94  
DG  HOP3   H  N N 95  
DG  HOP2   H  N N 96  
DG  "H5'"  H  N N 97  
DG  "H5''" H  N N 98  
DG  "H4'"  H  N N 99  
DG  "H3'"  H  N N 100 
DG  "HO3'" H  N N 101 
DG  "H2'"  H  N N 102 
DG  "H2''" H  N N 103 
DG  "H1'"  H  N N 104 
DG  H8     H  N N 105 
DG  H1     H  N N 106 
DG  H21    H  N N 107 
DG  H22    H  N N 108 
DT  OP3    O  N N 109 
DT  P      P  N N 110 
DT  OP1    O  N N 111 
DT  OP2    O  N N 112 
DT  "O5'"  O  N N 113 
DT  "C5'"  C  N N 114 
DT  "C4'"  C  N R 115 
DT  "O4'"  O  N N 116 
DT  "C3'"  C  N S 117 
DT  "O3'"  O  N N 118 
DT  "C2'"  C  N N 119 
DT  "C1'"  C  N R 120 
DT  N1     N  N N 121 
DT  C2     C  N N 122 
DT  O2     O  N N 123 
DT  N3     N  N N 124 
DT  C4     C  N N 125 
DT  O4     O  N N 126 
DT  C5     C  N N 127 
DT  C7     C  N N 128 
DT  C6     C  N N 129 
DT  HOP3   H  N N 130 
DT  HOP2   H  N N 131 
DT  "H5'"  H  N N 132 
DT  "H5''" H  N N 133 
DT  "H4'"  H  N N 134 
DT  "H3'"  H  N N 135 
DT  "HO3'" H  N N 136 
DT  "H2'"  H  N N 137 
DT  "H2''" H  N N 138 
DT  "H1'"  H  N N 139 
DT  H3     H  N N 140 
DT  H71    H  N N 141 
DT  H72    H  N N 142 
DT  H73    H  N N 143 
DT  H6     H  N N 144 
HOH O      O  N N 145 
HOH H1     H  N N 146 
HOH H2     H  N N 147 
RKL RU     RU N N 148 
RKL C1     C  Y N 149 
RKL N1     N  Y N 150 
RKL C2     C  Y N 151 
RKL N2     N  Y N 152 
RKL C3     C  Y N 153 
RKL N3     N  Y N 154 
RKL C4     C  Y N 155 
RKL N4     N  Y N 156 
RKL C5     C  Y N 157 
RKL N5     N  Y N 158 
RKL C6     C  Y N 159 
RKL N6     N  Y N 160 
RKL C7     C  Y N 161 
RKL N7     N  Y N 162 
RKL C8     C  Y N 163 
RKL N8     N  Y N 164 
RKL C9     C  Y N 165 
RKL N9     N  Y N 166 
RKL C10    C  Y N 167 
RKL N10    N  Y N 168 
RKL C11    C  Y N 169 
RKL N11    N  Y N 170 
RKL C12    C  Y N 171 
RKL N12    N  Y N 172 
RKL C13    C  Y N 173 
RKL C14    C  Y N 174 
RKL C15    C  Y N 175 
RKL C16    C  Y N 176 
RKL C17    C  Y N 177 
RKL C18    C  Y N 178 
RKL C19    C  Y N 179 
RKL C20    C  Y N 180 
RKL C21    C  Y N 181 
RKL C22    C  Y N 182 
RKL C23    C  Y N 183 
RKL C24    C  Y N 184 
RKL C25    C  Y N 185 
RKL C26    C  Y N 186 
RKL C27    C  Y N 187 
RKL C28    C  Y N 188 
RKL C29    C  Y N 189 
RKL C30    C  Y N 190 
RKL C31    C  Y N 191 
RKL C32    C  Y N 192 
RKL C33    C  Y N 193 
RKL C34    C  Y N 194 
RKL C35    C  Y N 195 
RKL C36    C  Y N 196 
RKL C37    C  Y N 197 
RKL C38    C  Y N 198 
RKL H2     H  N N 199 
RKL H3     H  N N 200 
RKL H4     H  N N 201 
RKL H9     H  N N 202 
RKL H11    H  N N 203 
RKL H12    H  N N 204 
RKL H14    H  N N 205 
RKL H16    H  N N 206 
RKL H17    H  N N 207 
RKL H18    H  N N 208 
RKL H20    H  N N 209 
RKL H21    H  N N 210 
RKL H23    H  N N 211 
RKL H24    H  N N 212 
RKL H27    H  N N 213 
RKL H28    H  N N 214 
RKL H30    H  N N 215 
RKL H31    H  N N 216 
RKL H33    H  N N 217 
RKL H34    H  N N 218 
RKL H37    H  N N 219 
RKL H38    H  N N 220 
THM "O5'"  O  N N 221 
THM "C5'"  C  N N 222 
THM "C4'"  C  N R 223 
THM "O4'"  O  N N 224 
THM "C3'"  C  N S 225 
THM "O3'"  O  N N 226 
THM "C2'"  C  N N 227 
THM "C1'"  C  N R 228 
THM N1     N  N N 229 
THM C2     C  N N 230 
THM O2     O  N N 231 
THM N3     N  N N 232 
THM C4     C  N N 233 
THM O4     O  N N 234 
THM C5     C  N N 235 
THM C5M    C  N N 236 
THM C6     C  N N 237 
THM "HO5'" H  N N 238 
THM "H5'1" H  N N 239 
THM "H5'2" H  N N 240 
THM "H4'"  H  N N 241 
THM "H3'"  H  N N 242 
THM "HO3'" H  N N 243 
THM "H2'1" H  N N 244 
THM "H2'2" H  N N 245 
THM "H1'"  H  N N 246 
THM HN3    H  N N 247 
THM HM51   H  N N 248 
THM HM52   H  N N 249 
THM HM53   H  N N 250 
THM H6     H  N N 251 
# 
loop_
_chem_comp_bond.comp_id 
_chem_comp_bond.atom_id_1 
_chem_comp_bond.atom_id_2 
_chem_comp_bond.value_order 
_chem_comp_bond.pdbx_aromatic_flag 
_chem_comp_bond.pdbx_stereo_config 
_chem_comp_bond.pdbx_ordinal 
DA  OP3   P      sing N N 1   
DA  OP3   HOP3   sing N N 2   
DA  P     OP1    doub N N 3   
DA  P     OP2    sing N N 4   
DA  P     "O5'"  sing N N 5   
DA  OP2   HOP2   sing N N 6   
DA  "O5'" "C5'"  sing N N 7   
DA  "C5'" "C4'"  sing N N 8   
DA  "C5'" "H5'"  sing N N 9   
DA  "C5'" "H5''" sing N N 10  
DA  "C4'" "O4'"  sing N N 11  
DA  "C4'" "C3'"  sing N N 12  
DA  "C4'" "H4'"  sing N N 13  
DA  "O4'" "C1'"  sing N N 14  
DA  "C3'" "O3'"  sing N N 15  
DA  "C3'" "C2'"  sing N N 16  
DA  "C3'" "H3'"  sing N N 17  
DA  "O3'" "HO3'" sing N N 18  
DA  "C2'" "C1'"  sing N N 19  
DA  "C2'" "H2'"  sing N N 20  
DA  "C2'" "H2''" sing N N 21  
DA  "C1'" N9     sing N N 22  
DA  "C1'" "H1'"  sing N N 23  
DA  N9    C8     sing Y N 24  
DA  N9    C4     sing Y N 25  
DA  C8    N7     doub Y N 26  
DA  C8    H8     sing N N 27  
DA  N7    C5     sing Y N 28  
DA  C5    C6     sing Y N 29  
DA  C5    C4     doub Y N 30  
DA  C6    N6     sing N N 31  
DA  C6    N1     doub Y N 32  
DA  N6    H61    sing N N 33  
DA  N6    H62    sing N N 34  
DA  N1    C2     sing Y N 35  
DA  C2    N3     doub Y N 36  
DA  C2    H2     sing N N 37  
DA  N3    C4     sing Y N 38  
DC  OP3   P      sing N N 39  
DC  OP3   HOP3   sing N N 40  
DC  P     OP1    doub N N 41  
DC  P     OP2    sing N N 42  
DC  P     "O5'"  sing N N 43  
DC  OP2   HOP2   sing N N 44  
DC  "O5'" "C5'"  sing N N 45  
DC  "C5'" "C4'"  sing N N 46  
DC  "C5'" "H5'"  sing N N 47  
DC  "C5'" "H5''" sing N N 48  
DC  "C4'" "O4'"  sing N N 49  
DC  "C4'" "C3'"  sing N N 50  
DC  "C4'" "H4'"  sing N N 51  
DC  "O4'" "C1'"  sing N N 52  
DC  "C3'" "O3'"  sing N N 53  
DC  "C3'" "C2'"  sing N N 54  
DC  "C3'" "H3'"  sing N N 55  
DC  "O3'" "HO3'" sing N N 56  
DC  "C2'" "C1'"  sing N N 57  
DC  "C2'" "H2'"  sing N N 58  
DC  "C2'" "H2''" sing N N 59  
DC  "C1'" N1     sing N N 60  
DC  "C1'" "H1'"  sing N N 61  
DC  N1    C2     sing N N 62  
DC  N1    C6     sing N N 63  
DC  C2    O2     doub N N 64  
DC  C2    N3     sing N N 65  
DC  N3    C4     doub N N 66  
DC  C4    N4     sing N N 67  
DC  C4    C5     sing N N 68  
DC  N4    H41    sing N N 69  
DC  N4    H42    sing N N 70  
DC  C5    C6     doub N N 71  
DC  C5    H5     sing N N 72  
DC  C6    H6     sing N N 73  
DG  OP3   P      sing N N 74  
DG  OP3   HOP3   sing N N 75  
DG  P     OP1    doub N N 76  
DG  P     OP2    sing N N 77  
DG  P     "O5'"  sing N N 78  
DG  OP2   HOP2   sing N N 79  
DG  "O5'" "C5'"  sing N N 80  
DG  "C5'" "C4'"  sing N N 81  
DG  "C5'" "H5'"  sing N N 82  
DG  "C5'" "H5''" sing N N 83  
DG  "C4'" "O4'"  sing N N 84  
DG  "C4'" "C3'"  sing N N 85  
DG  "C4'" "H4'"  sing N N 86  
DG  "O4'" "C1'"  sing N N 87  
DG  "C3'" "O3'"  sing N N 88  
DG  "C3'" "C2'"  sing N N 89  
DG  "C3'" "H3'"  sing N N 90  
DG  "O3'" "HO3'" sing N N 91  
DG  "C2'" "C1'"  sing N N 92  
DG  "C2'" "H2'"  sing N N 93  
DG  "C2'" "H2''" sing N N 94  
DG  "C1'" N9     sing N N 95  
DG  "C1'" "H1'"  sing N N 96  
DG  N9    C8     sing Y N 97  
DG  N9    C4     sing Y N 98  
DG  C8    N7     doub Y N 99  
DG  C8    H8     sing N N 100 
DG  N7    C5     sing Y N 101 
DG  C5    C6     sing N N 102 
DG  C5    C4     doub Y N 103 
DG  C6    O6     doub N N 104 
DG  C6    N1     sing N N 105 
DG  N1    C2     sing N N 106 
DG  N1    H1     sing N N 107 
DG  C2    N2     sing N N 108 
DG  C2    N3     doub N N 109 
DG  N2    H21    sing N N 110 
DG  N2    H22    sing N N 111 
DG  N3    C4     sing N N 112 
DT  OP3   P      sing N N 113 
DT  OP3   HOP3   sing N N 114 
DT  P     OP1    doub N N 115 
DT  P     OP2    sing N N 116 
DT  P     "O5'"  sing N N 117 
DT  OP2   HOP2   sing N N 118 
DT  "O5'" "C5'"  sing N N 119 
DT  "C5'" "C4'"  sing N N 120 
DT  "C5'" "H5'"  sing N N 121 
DT  "C5'" "H5''" sing N N 122 
DT  "C4'" "O4'"  sing N N 123 
DT  "C4'" "C3'"  sing N N 124 
DT  "C4'" "H4'"  sing N N 125 
DT  "O4'" "C1'"  sing N N 126 
DT  "C3'" "O3'"  sing N N 127 
DT  "C3'" "C2'"  sing N N 128 
DT  "C3'" "H3'"  sing N N 129 
DT  "O3'" "HO3'" sing N N 130 
DT  "C2'" "C1'"  sing N N 131 
DT  "C2'" "H2'"  sing N N 132 
DT  "C2'" "H2''" sing N N 133 
DT  "C1'" N1     sing N N 134 
DT  "C1'" "H1'"  sing N N 135 
DT  N1    C2     sing N N 136 
DT  N1    C6     sing N N 137 
DT  C2    O2     doub N N 138 
DT  C2    N3     sing N N 139 
DT  N3    C4     sing N N 140 
DT  N3    H3     sing N N 141 
DT  C4    O4     doub N N 142 
DT  C4    C5     sing N N 143 
DT  C5    C7     sing N N 144 
DT  C5    C6     doub N N 145 
DT  C7    H71    sing N N 146 
DT  C7    H72    sing N N 147 
DT  C7    H73    sing N N 148 
DT  C6    H6     sing N N 149 
HOH O     H1     sing N N 150 
HOH O     H2     sing N N 151 
RKL RU    N1     sing N N 152 
RKL RU    N2     sing N N 153 
RKL RU    N5     sing N N 154 
RKL RU    N8     sing N N 155 
RKL RU    N9     sing N N 156 
RKL RU    N12    sing N N 157 
RKL C1    N2     doub Y N 158 
RKL C1    C5     sing Y N 159 
RKL C1    C10    sing Y N 160 
RKL N1    C10    doub Y N 161 
RKL N1    C12    sing Y N 162 
RKL C2    N2     sing Y N 163 
RKL C2    C3     doub Y N 164 
RKL C2    H2     sing N N 165 
RKL C3    C4     sing Y N 166 
RKL C3    H3     sing N N 167 
RKL N3    C6     doub Y N 168 
RKL N3    C15    sing Y N 169 
RKL C4    C5     doub Y N 170 
RKL C4    H4     sing N N 171 
RKL N4    C7     doub Y N 172 
RKL N4    C13    sing Y N 173 
RKL C5    C6     sing Y N 174 
RKL N5    C19    doub Y N 175 
RKL N5    C20    sing Y N 176 
RKL C6    C7     sing Y N 177 
RKL N6    C21    sing Y N 178 
RKL N6    C22    doub Y N 179 
RKL C7    C8     sing Y N 180 
RKL N7    C25    doub Y N 181 
RKL N7    C27    sing Y N 182 
RKL C8    C9     doub Y N 183 
RKL C8    C10    sing Y N 184 
RKL N8    C26    doub Y N 185 
RKL N8    C28    sing Y N 186 
RKL C9    C11    sing Y N 187 
RKL C9    H9     sing N N 188 
RKL N9    C29    doub Y N 189 
RKL N9    C30    sing Y N 190 
RKL N10   C31    sing Y N 191 
RKL N10   C32    doub Y N 192 
RKL C11   C12    doub Y N 193 
RKL C11   H11    sing N N 194 
RKL N11   C35    doub Y N 195 
RKL N11   C37    sing Y N 196 
RKL C12   H12    sing N N 197 
RKL N12   C36    doub Y N 198 
RKL N12   C38    sing Y N 199 
RKL C13   C14    sing Y N 200 
RKL C13   C15    doub Y N 201 
RKL C14   C18    doub Y N 202 
RKL C14   H14    sing N N 203 
RKL C15   C16    sing Y N 204 
RKL C16   C17    doub Y N 205 
RKL C16   H16    sing N N 206 
RKL C17   C18    sing Y N 207 
RKL C17   H17    sing N N 208 
RKL C18   H18    sing N N 209 
RKL C19   C22    sing Y N 210 
RKL C19   C26    sing Y N 211 
RKL C20   C21    doub Y N 212 
RKL C20   H20    sing N N 213 
RKL C21   H21    sing N N 214 
RKL C22   C23    sing Y N 215 
RKL C23   C24    doub Y N 216 
RKL C23   H23    sing N N 217 
RKL C24   C25    sing Y N 218 
RKL C24   H24    sing N N 219 
RKL C25   C26    sing Y N 220 
RKL C27   C28    doub Y N 221 
RKL C27   H27    sing N N 222 
RKL C28   H28    sing N N 223 
RKL C29   C32    sing Y N 224 
RKL C29   C36    sing Y N 225 
RKL C30   C31    doub Y N 226 
RKL C30   H30    sing N N 227 
RKL C31   H31    sing N N 228 
RKL C32   C33    sing Y N 229 
RKL C33   C34    doub Y N 230 
RKL C33   H33    sing N N 231 
RKL C34   C35    sing Y N 232 
RKL C34   H34    sing N N 233 
RKL C35   C36    sing Y N 234 
RKL C37   C38    doub Y N 235 
RKL C37   H37    sing N N 236 
RKL C38   H38    sing N N 237 
THM "O5'" "C5'"  sing N N 238 
THM "O5'" "HO5'" sing N N 239 
THM "C5'" "C4'"  sing N N 240 
THM "C5'" "H5'1" sing N N 241 
THM "C5'" "H5'2" sing N N 242 
THM "C4'" "O4'"  sing N N 243 
THM "C4'" "C3'"  sing N N 244 
THM "C4'" "H4'"  sing N N 245 
THM "O4'" "C1'"  sing N N 246 
THM "C3'" "O3'"  sing N N 247 
THM "C3'" "C2'"  sing N N 248 
THM "C3'" "H3'"  sing N N 249 
THM "O3'" "HO3'" sing N N 250 
THM "C2'" "C1'"  sing N N 251 
THM "C2'" "H2'1" sing N N 252 
THM "C2'" "H2'2" sing N N 253 
THM "C1'" N1     sing N N 254 
THM "C1'" "H1'"  sing N N 255 
THM N1    C2     sing N N 256 
THM N1    C6     sing N N 257 
THM C2    O2     doub N N 258 
THM C2    N3     sing N N 259 
THM N3    C4     sing N N 260 
THM N3    HN3    sing N N 261 
THM C4    O4     doub N N 262 
THM C4    C5     sing N N 263 
THM C5    C5M    sing N N 264 
THM C5    C6     doub N N 265 
THM C5M   HM51   sing N N 266 
THM C5M   HM52   sing N N 267 
THM C5M   HM53   sing N N 268 
THM C6    H6     sing N N 269 
# 
loop_
_ndb_struct_conf_na.entry_id 
_ndb_struct_conf_na.feature 
5ET2 'double helix'        
5ET2 'b-form double helix' 
# 
loop_
_ndb_struct_na_base_pair.model_number 
_ndb_struct_na_base_pair.i_label_asym_id 
_ndb_struct_na_base_pair.i_label_comp_id 
_ndb_struct_na_base_pair.i_label_seq_id 
_ndb_struct_na_base_pair.i_symmetry 
_ndb_struct_na_base_pair.j_label_asym_id 
_ndb_struct_na_base_pair.j_label_comp_id 
_ndb_struct_na_base_pair.j_label_seq_id 
_ndb_struct_na_base_pair.j_symmetry 
_ndb_struct_na_base_pair.shear 
_ndb_struct_na_base_pair.stretch 
_ndb_struct_na_base_pair.stagger 
_ndb_struct_na_base_pair.buckle 
_ndb_struct_na_base_pair.propeller 
_ndb_struct_na_base_pair.opening 
_ndb_struct_na_base_pair.pair_number 
_ndb_struct_na_base_pair.pair_name 
_ndb_struct_na_base_pair.i_auth_asym_id 
_ndb_struct_na_base_pair.i_auth_seq_id 
_ndb_struct_na_base_pair.i_PDB_ins_code 
_ndb_struct_na_base_pair.j_auth_asym_id 
_ndb_struct_na_base_pair.j_auth_seq_id 
_ndb_struct_na_base_pair.j_PDB_ins_code 
_ndb_struct_na_base_pair.hbond_type_28 
_ndb_struct_na_base_pair.hbond_type_12 
1 A DT 2 1_555 A DA 9 7_555 -0.029 -0.052 0.290  -13.328 5.365  3.737  1 A_DT2:DA9_A A 2 ? A 9 ? 20 1 
1 A DG 3 1_555 A DC 8 7_555 -0.178 0.008  0.144  24.375  -3.580 -1.026 2 A_DG3:DC8_A A 3 ? A 8 ? 19 1 
1 A DG 4 1_555 A DC 7 7_555 -0.296 -0.146 -0.031 -8.401  1.416  -2.005 3 A_DG4:DC7_A A 4 ? A 7 ? 19 1 
1 A DC 5 1_555 A DG 6 7_555 0.214  -0.110 0.358  -7.686  -8.984 -1.119 4 A_DC5:DG6_A A 5 ? A 6 ? 19 1 
1 A DG 6 1_555 A DC 5 7_555 -0.214 -0.110 0.358  7.686   -8.984 -1.119 5 A_DG6:DC5_A A 6 ? A 5 ? 19 1 
1 A DC 7 1_555 A DG 4 7_555 0.296  -0.146 -0.031 8.401   1.416  -2.005 6 A_DC7:DG4_A A 7 ? A 4 ? 19 1 
1 A DC 8 1_555 A DG 3 7_555 0.178  0.008  0.144  -24.375 -3.580 -1.026 7 A_DC8:DG3_A A 8 ? A 3 ? 19 1 
1 A DA 9 1_555 A DT 2 7_555 0.029  -0.052 0.290  13.328  5.365  3.737  8 A_DA9:DT2_A A 9 ? A 2 ? 20 1 
# 
loop_
_ndb_struct_na_base_pair_step.model_number 
_ndb_struct_na_base_pair_step.i_label_asym_id_1 
_ndb_struct_na_base_pair_step.i_label_comp_id_1 
_ndb_struct_na_base_pair_step.i_label_seq_id_1 
_ndb_struct_na_base_pair_step.i_symmetry_1 
_ndb_struct_na_base_pair_step.j_label_asym_id_1 
_ndb_struct_na_base_pair_step.j_label_comp_id_1 
_ndb_struct_na_base_pair_step.j_label_seq_id_1 
_ndb_struct_na_base_pair_step.j_symmetry_1 
_ndb_struct_na_base_pair_step.i_label_asym_id_2 
_ndb_struct_na_base_pair_step.i_label_comp_id_2 
_ndb_struct_na_base_pair_step.i_label_seq_id_2 
_ndb_struct_na_base_pair_step.i_symmetry_2 
_ndb_struct_na_base_pair_step.j_label_asym_id_2 
_ndb_struct_na_base_pair_step.j_label_comp_id_2 
_ndb_struct_na_base_pair_step.j_label_seq_id_2 
_ndb_struct_na_base_pair_step.j_symmetry_2 
_ndb_struct_na_base_pair_step.shift 
_ndb_struct_na_base_pair_step.slide 
_ndb_struct_na_base_pair_step.rise 
_ndb_struct_na_base_pair_step.tilt 
_ndb_struct_na_base_pair_step.roll 
_ndb_struct_na_base_pair_step.twist 
_ndb_struct_na_base_pair_step.x_displacement 
_ndb_struct_na_base_pair_step.y_displacement 
_ndb_struct_na_base_pair_step.helical_rise 
_ndb_struct_na_base_pair_step.inclination 
_ndb_struct_na_base_pair_step.tip 
_ndb_struct_na_base_pair_step.helical_twist 
_ndb_struct_na_base_pair_step.step_number 
_ndb_struct_na_base_pair_step.step_name 
_ndb_struct_na_base_pair_step.i_auth_asym_id_1 
_ndb_struct_na_base_pair_step.i_auth_seq_id_1 
_ndb_struct_na_base_pair_step.i_PDB_ins_code_1 
_ndb_struct_na_base_pair_step.j_auth_asym_id_1 
_ndb_struct_na_base_pair_step.j_auth_seq_id_1 
_ndb_struct_na_base_pair_step.j_PDB_ins_code_1 
_ndb_struct_na_base_pair_step.i_auth_asym_id_2 
_ndb_struct_na_base_pair_step.i_auth_seq_id_2 
_ndb_struct_na_base_pair_step.i_PDB_ins_code_2 
_ndb_struct_na_base_pair_step.j_auth_asym_id_2 
_ndb_struct_na_base_pair_step.j_auth_seq_id_2 
_ndb_struct_na_base_pair_step.j_PDB_ins_code_2 
1 A DT 2 1_555 A DA 9 7_555 A DG 3 1_555 A DC 8 7_555 -0.386 1.346 2.563 2.173  3.310  24.008 2.354  1.467  2.677 7.889  -5.178 
24.328 1 AA_DT2DG3:DC8DA9_AA A 2 ? A 9 ? A 3 ? A 8 ? 
1 A DG 3 1_555 A DC 8 7_555 A DG 4 1_555 A DC 7 7_555 -0.094 0.730 5.172 -1.911 52.445 15.919 -5.128 -0.113 2.258 74.260 2.706  
54.676 2 AA_DG3DG4:DC7DC8_AA A 3 ? A 8 ? A 4 ? A 7 ? 
1 A DG 4 1_555 A DC 7 7_555 A DC 5 1_555 A DG 6 7_555 -0.882 0.110 3.304 -4.909 -2.700 38.817 0.494  0.712  3.371 -4.037 7.340  
39.203 3 AA_DG4DC5:DG6DC7_AA A 4 ? A 7 ? A 5 ? A 6 ? 
1 A DC 5 1_555 A DG 6 7_555 A DG 6 1_555 A DC 5 7_555 0.000  0.723 3.245 0.000  18.515 28.076 -1.990 0.000  3.120 33.899 0.000  
33.528 4 AA_DC5DG6:DC5DG6_AA A 5 ? A 6 ? A 6 ? A 5 ? 
1 A DG 6 1_555 A DC 5 7_555 A DC 7 1_555 A DG 4 7_555 0.882  0.110 3.304 4.909  -2.700 38.817 0.494  -0.712 3.371 -4.037 -7.340 
39.203 5 AA_DG6DC7:DG4DC5_AA A 6 ? A 5 ? A 7 ? A 4 ? 
1 A DC 7 1_555 A DG 4 7_555 A DC 8 1_555 A DG 3 7_555 0.094  0.730 5.172 1.911  52.445 15.919 -5.128 0.113  2.258 74.260 -2.706 
54.676 6 AA_DC7DC8:DG3DG4_AA A 7 ? A 4 ? A 8 ? A 3 ? 
1 A DC 8 1_555 A DG 3 7_555 A DA 9 1_555 A DT 2 7_555 0.386  1.346 2.563 -2.173 3.310  24.008 2.354  -1.467 2.677 7.889  5.178  
24.328 7 AA_DC8DA9:DT2DG3_AA A 8 ? A 3 ? A 9 ? A 2 ? 
# 
loop_
_pdbx_audit_support.funding_organization 
_pdbx_audit_support.country 
_pdbx_audit_support.grant_number 
_pdbx_audit_support.ordinal 
'Biotechnology and Biological Sciences Research Council' 'United Kingdom' BB/K019279/1 1 
'Biotechnology and Biological Sciences Research Council' 'United Kingdom' BB/M004635/1 2 
# 
_atom_sites.entry_id                    5ET2 
_atom_sites.fract_transf_matrix[1][1]   -0.01590535 
_atom_sites.fract_transf_matrix[1][2]   0.01617358 
_atom_sites.fract_transf_matrix[1][3]   -0.00649663 
_atom_sites.fract_transf_matrix[2][1]   0.01362182 
_atom_sites.fract_transf_matrix[2][2]   0.00604787 
_atom_sites.fract_transf_matrix[2][3]   -0.01829318 
_atom_sites.fract_transf_matrix[3][1]   -0.01172576 
_atom_sites.fract_transf_matrix[3][2]   -0.01734149 
_atom_sites.fract_transf_matrix[3][3]   -0.01446469 
_atom_sites.fract_transf_vector[1]      0.267782 
_atom_sites.fract_transf_vector[2]      0.253171 
_atom_sites.fract_transf_vector[3]      -0.023409 
# 
loop_
_atom_type.symbol 
BA 
C  
H  
N  
O  
P  
RU 
# 
loop_
_atom_site.group_PDB 
_atom_site.id 
_atom_site.type_symbol 
_atom_site.label_atom_id 
_atom_site.label_alt_id 
_atom_site.label_comp_id 
_atom_site.label_asym_id 
_atom_site.label_entity_id 
_atom_site.label_seq_id 
_atom_site.pdbx_PDB_ins_code 
_atom_site.Cartn_x 
_atom_site.Cartn_y 
_atom_site.Cartn_z 
_atom_site.occupancy 
_atom_site.B_iso_or_equiv 
_atom_site.pdbx_formal_charge 
_atom_site.auth_seq_id 
_atom_site.auth_comp_id 
_atom_site.auth_asym_id 
_atom_site.auth_atom_id 
_atom_site.pdbx_PDB_model_num 
HETATM 1   O  "O5'"  . THM A 1 1  ? -4.539  -17.700 -3.184  1.00 25.48 ? 1   THM A "O5'"  1 
HETATM 2   C  "C5'"  . THM A 1 1  ? -3.433  -18.396 -2.577  1.00 21.90 ? 1   THM A "C5'"  1 
HETATM 3   C  "C4'"  . THM A 1 1  ? -2.117  -17.776 -2.990  1.00 21.48 ? 1   THM A "C4'"  1 
HETATM 4   O  "O4'"  . THM A 1 1  ? -1.950  -17.878 -4.420  1.00 21.66 ? 1   THM A "O4'"  1 
HETATM 5   C  "C3'"  . THM A 1 1  ? -1.975  -16.290 -2.673  1.00 21.51 ? 1   THM A "C3'"  1 
HETATM 6   O  "O3'"  . THM A 1 1  ? -1.487  -16.138 -1.335  1.00 21.95 ? 1   THM A "O3'"  1 
HETATM 7   C  "C2'"  . THM A 1 1  ? -0.998  -15.808 -3.731  1.00 21.05 ? 1   THM A "C2'"  1 
HETATM 8   C  "C1'"  . THM A 1 1  ? -1.226  -16.758 -4.912  1.00 20.55 ? 1   THM A "C1'"  1 
HETATM 9   N  N1     . THM A 1 1  ? -1.987  -16.196 -6.052  1.00 20.90 ? 1   THM A N1     1 
HETATM 10  C  C2     . THM A 1 1  ? -1.599  -16.534 -7.330  1.00 20.78 ? 1   THM A C2     1 
HETATM 11  O  O2     . THM A 1 1  ? -0.648  -17.260 -7.568  1.00 19.90 ? 1   THM A O2     1 
HETATM 12  N  N3     . THM A 1 1  ? -2.361  -15.978 -8.327  1.00 21.53 ? 1   THM A N3     1 
HETATM 13  C  C4     . THM A 1 1  ? -3.455  -15.147 -8.178  1.00 22.15 ? 1   THM A C4     1 
HETATM 14  O  O4     . THM A 1 1  ? -4.040  -14.724 -9.171  1.00 23.98 ? 1   THM A O4     1 
HETATM 15  C  C5     . THM A 1 1  ? -3.812  -14.840 -6.811  1.00 22.19 ? 1   THM A C5     1 
HETATM 16  C  C5M    . THM A 1 1  ? -4.985  -13.946 -6.547  1.00 23.47 ? 1   THM A C5M    1 
HETATM 17  C  C6     . THM A 1 1  ? -3.077  -15.380 -5.830  1.00 22.14 ? 1   THM A C6     1 
HETATM 18  H  "HO5'" . THM A 1 1  ? -4.414  -17.210 -4.024  1.00 20.40 ? 1   THM A "HO5'" 1 
HETATM 19  H  "H5'1" . THM A 1 1  ? -3.453  -19.445 -2.880  1.00 20.24 ? 1   THM A "H5'1" 1 
HETATM 20  H  "H5'2" . THM A 1 1  ? -3.529  -18.357 -1.490  1.00 20.24 ? 1   THM A "H5'2" 1 
HETATM 21  H  "H4'"  . THM A 1 1  ? -1.305  -18.316 -2.485  1.00 20.24 ? 1   THM A "H4'"  1 
HETATM 22  H  "H3'"  . THM A 1 1  ? -2.941  -15.786 -2.792  1.00 20.40 ? 1   THM A "H3'"  1 
HETATM 23  H  "H2'1" . THM A 1 1  ? 0.026   -15.890 -3.368  1.00 20.42 ? 1   THM A "H2'1" 1 
HETATM 24  H  "H2'2" . THM A 1 1  ? -1.188  -14.767 -3.999  1.00 20.41 ? 1   THM A "H2'2" 1 
HETATM 25  H  "H1'"  . THM A 1 1  ? -0.231  -17.094 -5.231  1.00 20.24 ? 1   THM A "H1'"  1 
HETATM 26  H  HN3    . THM A 1 1  ? -2.083  -16.211 -9.291  1.00 20.24 ? 1   THM A HN3    1 
HETATM 27  H  HM51   . THM A 1 1  ? -5.351  -13.520 -7.444  1.00 20.24 ? 1   THM A HM51   1 
HETATM 28  H  HM52   . THM A 1 1  ? -5.756  -14.510 -6.089  1.00 20.24 ? 1   THM A HM52   1 
HETATM 29  H  HM53   . THM A 1 1  ? -4.688  -13.169 -5.895  1.00 20.24 ? 1   THM A HM53   1 
HETATM 30  H  H6     . THM A 1 1  ? -3.367  -15.134 -4.822  1.00 20.41 ? 1   THM A H6     1 
ATOM   31  P  P      . DT  A 1 2  ? -1.478  -14.701 -0.624  1.00 24.15 ? 2   DT  A P      1 
ATOM   32  O  OP1    . DT  A 1 2  ? -1.316  -14.913 0.836   1.00 25.17 ? 2   DT  A OP1    1 
ATOM   33  O  OP2    . DT  A 1 2  ? -2.631  -13.915 -1.130  1.00 25.05 ? 2   DT  A OP2    1 
ATOM   34  O  "O5'"  . DT  A 1 2  ? -0.140  -14.042 -1.177  1.00 22.65 ? 2   DT  A "O5'"  1 
ATOM   35  C  "C5'"  . DT  A 1 2  ? 1.144   -14.617 -0.882  1.00 20.76 ? 2   DT  A "C5'"  1 
ATOM   36  C  "C4'"  . DT  A 1 2  ? 2.232   -13.697 -1.380  1.00 18.62 ? 2   DT  A "C4'"  1 
ATOM   37  O  "O4'"  . DT  A 1 2  ? 2.073   -13.496 -2.799  1.00 17.68 ? 2   DT  A "O4'"  1 
ATOM   38  C  "C3'"  . DT  A 1 2  ? 2.202   -12.304 -0.760  1.00 18.19 ? 2   DT  A "C3'"  1 
ATOM   39  O  "O3'"  . DT  A 1 2  ? 3.058   -12.310 0.384   1.00 18.71 ? 2   DT  A "O3'"  1 
ATOM   40  C  "C2'"  . DT  A 1 2  ? 2.701   -11.400 -1.874  1.00 17.93 ? 2   DT  A "C2'"  1 
ATOM   41  C  "C1'"  . DT  A 1 2  ? 2.488   -12.189 -3.164  1.00 17.34 ? 2   DT  A "C1'"  1 
ATOM   42  N  N1     . DT  A 1 2  ? 1.472   -11.636 -4.079  1.00 16.61 ? 2   DT  A N1     1 
ATOM   43  C  C2     . DT  A 1 2  ? 1.839   -11.337 -5.372  1.00 16.32 ? 2   DT  A C2     1 
ATOM   44  O  O2     . DT  A 1 2  ? 2.969   -11.505 -5.803  1.00 16.02 ? 2   DT  A O2     1 
ATOM   45  N  N3     . DT  A 1 2  ? 0.822   -10.853 -6.157  1.00 16.30 ? 2   DT  A N3     1 
ATOM   46  C  C4     . DT  A 1 2  ? -0.491  -10.636 -5.785  1.00 16.99 ? 2   DT  A C4     1 
ATOM   47  O  O4     . DT  A 1 2  ? -1.291  -10.191 -6.603  1.00 18.24 ? 2   DT  A O4     1 
ATOM   48  C  C5     . DT  A 1 2  ? -0.806  -10.969 -4.413  1.00 17.06 ? 2   DT  A C5     1 
ATOM   49  C  C7     . DT  A 1 2  ? -2.203  -10.769 -3.917  1.00 17.58 ? 2   DT  A C7     1 
ATOM   50  C  C6     . DT  A 1 2  ? 0.178   -11.451 -3.641  1.00 17.00 ? 2   DT  A C6     1 
ATOM   51  H  "H5'"  . DT  A 1 2  ? 1.236   -15.594 -1.362  1.00 20.65 ? 2   DT  A "H5'"  1 
ATOM   52  H  "H5''" . DT  A 1 2  ? 1.253   -14.756 0.196   1.00 20.65 ? 2   DT  A "H5''" 1 
ATOM   53  H  "H4'"  . DT  A 1 2  ? 3.200   -14.156 -1.153  1.00 18.75 ? 2   DT  A "H4'"  1 
ATOM   54  H  "H3'"  . DT  A 1 2  ? 1.175   -12.024 -0.492  1.00 18.41 ? 2   DT  A "H3'"  1 
ATOM   55  H  "H2'"  . DT  A 1 2  ? 2.127   -10.474 -1.884  1.00 17.98 ? 2   DT  A "H2'"  1 
ATOM   56  H  "H2''" . DT  A 1 2  ? 3.757   -11.173 -1.741  1.00 17.98 ? 2   DT  A "H2''" 1 
ATOM   57  H  "H1'"  . DT  A 1 2  ? 3.460   -12.247 -3.661  1.00 17.46 ? 2   DT  A "H1'"  1 
ATOM   58  H  H3     . DT  A 1 2  ? 1.059   -10.614 -7.128  1.00 16.37 ? 2   DT  A H3     1 
ATOM   59  H  H71    . DT  A 1 2  ? -2.788  -10.238 -4.618  1.00 17.45 ? 2   DT  A H71    1 
ATOM   60  H  H72    . DT  A 1 2  ? -2.647  -11.714 -3.735  1.00 17.45 ? 2   DT  A H72    1 
ATOM   61  H  H73    . DT  A 1 2  ? -2.170  -10.221 -3.010  1.00 17.45 ? 2   DT  A H73    1 
ATOM   62  H  H6     . DT  A 1 2  ? -0.058  -11.704 -2.615  1.00 16.99 ? 2   DT  A H6     1 
ATOM   63  P  P      . DG  A 1 3  ? 3.164   -11.038 1.341   1.00 18.84 ? 3   DG  A P      1 
ATOM   64  O  OP1    . DG  A 1 3  ? 3.703   -11.504 2.645   1.00 19.41 ? 3   DG  A OP1    1 
ATOM   65  O  OP2    . DG  A 1 3  ? 1.869   -10.314 1.311   1.00 19.14 ? 3   DG  A OP2    1 
ATOM   66  O  "O5'"  . DG  A 1 3  ? 4.287   -10.157 0.635   1.00 18.22 ? 3   DG  A "O5'"  1 
ATOM   67  C  "C5'"  . DG  A 1 3  ? 5.650   -10.617 0.587   1.00 17.94 ? 3   DG  A "C5'"  1 
ATOM   68  C  "C4'"  . DG  A 1 3  ? 6.466   -9.756  -0.348  1.00 16.71 ? 3   DG  A "C4'"  1 
ATOM   69  O  "O4'"  . DG  A 1 3  ? 5.975   -9.904  -1.698  1.00 15.30 ? 3   DG  A "O4'"  1 
ATOM   70  C  "C3'"  . DG  A 1 3  ? 6.420   -8.261  -0.048  1.00 17.01 ? 3   DG  A "C3'"  1 
ATOM   71  O  "O3'"  . DG  A 1 3  ? 7.514   -7.941  0.823   1.00 19.03 ? 3   DG  A "O3'"  1 
ATOM   72  C  "C2'"  . DG  A 1 3  ? 6.556   -7.620  -1.419  1.00 15.13 ? 3   DG  A "C2'"  1 
ATOM   73  C  "C1'"  . DG  A 1 3  ? 5.998   -8.662  -2.389  1.00 14.55 ? 3   DG  A "C1'"  1 
ATOM   74  N  N9     . DG  A 1 3  ? 4.642   -8.396  -2.860  1.00 14.03 ? 3   DG  A N9     1 
ATOM   75  C  C8     . DG  A 1 3  ? 3.547   -8.115  -2.081  1.00 14.28 ? 3   DG  A C8     1 
ATOM   76  N  N7     . DG  A 1 3  ? 2.455   -7.942  -2.775  1.00 14.60 ? 3   DG  A N7     1 
ATOM   77  C  C5     . DG  A 1 3  ? 2.851   -8.131  -4.092  1.00 14.57 ? 3   DG  A C5     1 
ATOM   78  C  C6     . DG  A 1 3  ? 2.106   -8.043  -5.298  1.00 14.83 ? 3   DG  A C6     1 
ATOM   79  O  O6     . DG  A 1 3  ? 0.900   -7.810  -5.444  1.00 14.64 ? 3   DG  A O6     1 
ATOM   80  N  N1     . DG  A 1 3  ? 2.902   -8.295  -6.411  1.00 14.83 ? 3   DG  A N1     1 
ATOM   81  C  C2     . DG  A 1 3  ? 4.249   -8.568  -6.372  1.00 14.72 ? 3   DG  A C2     1 
ATOM   82  N  N2     . DG  A 1 3  ? 4.847   -8.779  -7.554  1.00 16.05 ? 3   DG  A N2     1 
ATOM   83  N  N3     . DG  A 1 3  ? 4.955   -8.646  -5.255  1.00 14.39 ? 3   DG  A N3     1 
ATOM   84  C  C4     . DG  A 1 3  ? 4.200   -8.408  -4.162  1.00 14.31 ? 3   DG  A C4     1 
ATOM   85  H  "H5'"  . DG  A 1 3  ? 5.678   -11.654 0.247   1.00 18.07 ? 3   DG  A "H5'"  1 
ATOM   86  H  "H5''" . DG  A 1 3  ? 6.084   -10.580 1.589   1.00 18.07 ? 3   DG  A "H5''" 1 
ATOM   87  H  "H4'"  . DG  A 1 3  ? 7.512   -10.091 -0.304  1.00 16.82 ? 3   DG  A "H4'"  1 
ATOM   88  H  "H3'"  . DG  A 1 3  ? 5.454   -7.978  0.385   1.00 15.48 ? 3   DG  A "H3'"  1 
ATOM   89  H  "H2'"  . DG  A 1 3  ? 5.981   -6.694  -1.472  1.00 14.91 ? 3   DG  A "H2'"  1 
ATOM   90  H  "H2''" . DG  A 1 3  ? 7.603   -7.407  -1.641  1.00 14.91 ? 3   DG  A "H2''" 1 
ATOM   91  H  "H1'"  . DG  A 1 3  ? 6.688   -8.734  -3.240  1.00 14.35 ? 3   DG  A "H1'"  1 
ATOM   92  H  H8     . DG  A 1 3  ? 3.602   -8.059  -1.006  1.00 15.48 ? 3   DG  A H8     1 
ATOM   93  H  H1     . DG  A 1 3  ? 2.432   -8.262  -7.337  1.00 15.93 ? 3   DG  A H1     1 
ATOM   94  H  H21    . DG  A 1 3  ? 4.324   -8.733  -8.416  1.00 15.94 ? 3   DG  A H21    1 
ATOM   95  H  H22    . DG  A 1 3  ? 5.834   -8.989  -7.584  1.00 15.94 ? 3   DG  A H22    1 
ATOM   96  P  P      . DG  A 1 4  ? 7.345   -6.860  1.993   1.00 20.90 ? 4   DG  A P      1 
ATOM   97  O  OP1    . DG  A 1 4  ? 8.576   -6.885  2.822   1.00 23.80 ? 4   DG  A OP1    1 
ATOM   98  O  OP2    . DG  A 1 4  ? 6.021   -7.053  2.632   1.00 23.04 ? 4   DG  A OP2    1 
ATOM   99  O  "O5'"  . DG  A 1 4  ? 7.299   -5.483  1.202   1.00 19.47 ? 4   DG  A "O5'"  1 
ATOM   100 C  "C5'"  . DG  A 1 4  ? 8.458   -4.991  0.516   1.00 19.36 ? 4   DG  A "C5'"  1 
ATOM   101 C  "C4'"  . DG  A 1 4  ? 8.139   -3.660  -0.121  1.00 17.99 ? 4   DG  A "C4'"  1 
ATOM   102 O  "O4'"  . DG  A 1 4  ? 7.058   -3.830  -1.069  1.00 17.16 ? 4   DG  A "O4'"  1 
ATOM   103 C  "C3'"  . DG  A 1 4  ? 7.674   -2.574  0.852   1.00 18.68 ? 4   DG  A "C3'"  1 
ATOM   104 O  "O3'"  . DG  A 1 4  ? 8.197   -1.325  0.392   1.00 20.26 ? 4   DG  A "O3'"  1 
ATOM   105 C  "C2'"  . DG  A 1 4  ? 6.162   -2.630  0.727   1.00 17.56 ? 4   DG  A "C2'"  1 
ATOM   106 C  "C1'"  . DG  A 1 4  ? 6.000   -2.940  -0.748  1.00 16.51 ? 4   DG  A "C1'"  1 
ATOM   107 N  N9     . DG  A 1 4  ? 4.745   -3.576  -1.141  1.00 14.37 ? 4   DG  A N9     1 
ATOM   108 C  C8     . DG  A 1 4  ? 4.080   -4.591  -0.495  1.00 14.33 ? 4   DG  A C8     1 
ATOM   109 N  N7     . DG  A 1 4  ? 2.988   -4.957  -1.109  1.00 13.93 ? 4   DG  A N7     1 
ATOM   110 C  C5     . DG  A 1 4  ? 2.933   -4.142  -2.230  1.00 13.49 ? 4   DG  A C5     1 
ATOM   111 C  C6     . DG  A 1 4  ? 1.973   -4.077  -3.275  1.00 13.17 ? 4   DG  A C6     1 
ATOM   112 O  O6     . DG  A 1 4  ? 0.949   -4.753  -3.423  1.00 14.59 ? 4   DG  A O6     1 
ATOM   113 N  N1     . DG  A 1 4  ? 2.302   -3.106  -4.213  1.00 12.97 ? 4   DG  A N1     1 
ATOM   114 C  C2     . DG  A 1 4  ? 3.416   -2.306  -4.160  1.00 14.01 ? 4   DG  A C2     1 
ATOM   115 N  N2     . DG  A 1 4  ? 3.563   -1.427  -5.160  1.00 14.27 ? 4   DG  A N2     1 
ATOM   116 N  N3     . DG  A 1 4  ? 4.315   -2.351  -3.191  1.00 13.89 ? 4   DG  A N3     1 
ATOM   117 C  C4     . DG  A 1 4  ? 4.014   -3.289  -2.268  1.00 13.77 ? 4   DG  A C4     1 
ATOM   118 H  "H5'"  . DG  A 1 4  ? 8.764   -5.704  -0.252  1.00 19.44 ? 4   DG  A "H5'"  1 
ATOM   119 H  "H5''" . DG  A 1 4  ? 9.286   -4.870  1.219   1.00 19.44 ? 4   DG  A "H5''" 1 
ATOM   120 H  "H4'"  . DG  A 1 4  ? 9.037   -3.306  -0.647  1.00 17.91 ? 4   DG  A "H4'"  1 
ATOM   121 H  "H3'"  . DG  A 1 4  ? 7.992   -2.807  1.877   1.00 18.67 ? 4   DG  A "H3'"  1 
ATOM   122 H  "H2'"  . DG  A 1 4  ? 5.743   -3.401  1.374   1.00 17.27 ? 4   DG  A "H2'"  1 
ATOM   123 H  "H2''" . DG  A 1 4  ? 5.704   -1.673  0.967   1.00 17.27 ? 4   DG  A "H2''" 1 
ATOM   124 H  "H1'"  . DG  A 1 4  ? 6.137   -2.002  -1.301  1.00 16.55 ? 4   DG  A "H1'"  1 
ATOM   125 H  H8     . DG  A 1 4  ? 4.422   -5.038  0.428   1.00 17.26 ? 4   DG  A H8     1 
ATOM   126 H  H1     . DG  A 1 4  ? 1.652   -2.995  -5.012  1.00 14.30 ? 4   DG  A H1     1 
ATOM   127 H  H21    . DG  A 1 4  ? 2.895   -1.362  -5.910  1.00 14.31 ? 4   DG  A H21    1 
ATOM   128 H  H22    . DG  A 1 4  ? 4.364   -0.818  -5.148  1.00 14.31 ? 4   DG  A H22    1 
ATOM   129 P  P      . DC  A 1 5  ? 8.209   -0.029  1.331   1.00 22.28 ? 5   DC  A P      1 
ATOM   130 O  OP1    . DC  A 1 5  ? 9.605   0.213   1.767   1.00 24.25 ? 5   DC  A OP1    1 
ATOM   131 O  OP2    . DC  A 1 5  ? 7.138   -0.159  2.348   1.00 23.88 ? 5   DC  A OP2    1 
ATOM   132 O  "O5'"  . DC  A 1 5  ? 7.817   1.126   0.308   1.00 22.25 ? 5   DC  A "O5'"  1 
ATOM   133 C  "C5'"  . DC  A 1 5  ? 8.587   1.347   -0.892  1.00 22.39 ? 5   DC  A "C5'"  1 
ATOM   134 C  "C4'"  . DC  A 1 5  ? 7.752   2.054   -1.933  1.00 21.40 ? 5   DC  A "C4'"  1 
ATOM   135 O  "O4'"  . DC  A 1 5  ? 6.761   1.150   -2.460  1.00 19.88 ? 5   DC  A "O4'"  1 
ATOM   136 C  "C3'"  . DC  A 1 5  ? 6.978   3.261   -1.418  1.00 22.03 ? 5   DC  A "C3'"  1 
ATOM   137 O  "O3'"  . DC  A 1 5  ? 7.766   4.425   -1.662  1.00 22.01 ? 5   DC  A "O3'"  1 
ATOM   138 C  "C2'"  . DC  A 1 5  ? 5.698   3.258   -2.237  1.00 22.59 ? 5   DC  A "C2'"  1 
ATOM   139 C  "C1'"  . DC  A 1 5  ? 5.556   1.840   -2.759  1.00 21.34 ? 5   DC  A "C1'"  1 
ATOM   140 N  N1     . DC  A 1 5  ? 4.443   1.055   -2.196  1.00 19.51 ? 5   DC  A N1     1 
ATOM   141 C  C2     . DC  A 1 5  ? 3.273   0.902   -2.946  1.00 18.72 ? 5   DC  A C2     1 
ATOM   142 O  O2     . DC  A 1 5  ? 3.178   1.482   -4.038  1.00 19.33 ? 5   DC  A O2     1 
ATOM   143 N  N3     . DC  A 1 5  ? 2.267   0.143   -2.454  1.00 17.64 ? 5   DC  A N3     1 
ATOM   144 C  C4     . DC  A 1 5  ? 2.408   -0.469  -1.275  1.00 16.75 ? 5   DC  A C4     1 
ATOM   145 N  N4     . DC  A 1 5  ? 1.396   -1.217  -0.835  1.00 16.78 ? 5   DC  A N4     1 
ATOM   146 C  C5     . DC  A 1 5  ? 3.593   -0.337  -0.495  1.00 17.93 ? 5   DC  A C5     1 
ATOM   147 C  C6     . DC  A 1 5  ? 4.579   0.419   -0.992  1.00 19.11 ? 5   DC  A C6     1 
ATOM   148 H  "H5'"  . DC  A 1 5  ? 8.945   0.401   -1.303  1.00 22.59 ? 5   DC  A "H5'"  1 
ATOM   149 H  "H5''" . DC  A 1 5  ? 9.460   1.957   -0.653  1.00 22.59 ? 5   DC  A "H5''" 1 
ATOM   150 H  "H4'"  . DC  A 1 5  ? 8.418   2.382   -2.743  1.00 21.51 ? 5   DC  A "H4'"  1 
ATOM   151 H  "H3'"  . DC  A 1 5  ? 6.724   3.146   -0.357  1.00 22.31 ? 5   DC  A "H3'"  1 
ATOM   152 H  "H2'"  . DC  A 1 5  ? 4.845   3.511   -1.617  1.00 22.27 ? 5   DC  A "H2'"  1 
ATOM   153 H  "H2''" . DC  A 1 5  ? 5.760   3.953   -3.072  1.00 22.27 ? 5   DC  A "H2''" 1 
ATOM   154 H  "H1'"  . DC  A 1 5  ? 5.476   1.905   -3.850  1.00 21.81 ? 5   DC  A "H1'"  1 
ATOM   155 H  H41    . DC  A 1 5  ? 0.559   -1.297  -1.387  1.00 17.08 ? 5   DC  A H41    1 
ATOM   156 H  H42    . DC  A 1 5  ? 1.460   -1.684  0.059   1.00 17.09 ? 5   DC  A H42    1 
ATOM   157 H  H5     . DC  A 1 5  ? 3.689   -0.838  0.457   1.00 17.18 ? 5   DC  A H5     1 
ATOM   158 H  H6     . DC  A 1 5  ? 5.486   0.519   -0.417  1.00 17.18 ? 5   DC  A H6     1 
ATOM   159 P  P      . DG  A 1 6  ? 7.479   5.761   -0.860  1.00 22.70 ? 6   DG  A P      1 
ATOM   160 O  OP1    . DG  A 1 6  ? 8.566   6.723   -1.172  1.00 25.15 ? 6   DG  A OP1    1 
ATOM   161 O  OP2    . DG  A 1 6  ? 7.200   5.404   0.554   1.00 25.92 ? 6   DG  A OP2    1 
ATOM   162 O  "O5'"  . DG  A 1 6  ? 6.129   6.281   -1.518  1.00 22.28 ? 6   DG  A "O5'"  1 
ATOM   163 C  "C5'"  . DG  A 1 6  ? 6.099   6.775   -2.868  1.00 21.59 ? 6   DG  A "C5'"  1 
ATOM   164 C  "C4'"  . DG  A 1 6  ? 4.725   7.325   -3.158  1.00 21.98 ? 6   DG  A "C4'"  1 
ATOM   165 O  "O4'"  . DG  A 1 6  ? 3.747   6.265   -3.030  1.00 21.77 ? 6   DG  A "O4'"  1 
ATOM   166 C  "C3'"  . DG  A 1 6  ? 4.291   8.430   -2.195  1.00 22.33 ? 6   DG  A "C3'"  1 
ATOM   167 O  "O3'"  . DG  A 1 6  ? 3.655   9.499   -2.898  1.00 24.82 ? 6   DG  A "O3'"  1 
ATOM   168 C  "C2'"  . DG  A 1 6  ? 3.371   7.721   -1.218  1.00 21.37 ? 6   DG  A "C2'"  1 
ATOM   169 C  "C1'"  . DG  A 1 6  ? 2.773   6.598   -2.050  1.00 20.53 ? 6   DG  A "C1'"  1 
ATOM   170 N  N9     . DG  A 1 6  ? 2.456   5.381   -1.305  1.00 19.07 ? 6   DG  A N9     1 
ATOM   171 C  C8     . DG  A 1 6  ? 3.182   4.824   -0.279  1.00 18.11 ? 6   DG  A C8     1 
ATOM   172 N  N7     . DG  A 1 6  ? 2.655   3.724   0.183   1.00 17.03 ? 6   DG  A N7     1 
ATOM   173 C  C5     . DG  A 1 6  ? 1.510   3.544   -0.579  1.00 16.62 ? 6   DG  A C5     1 
ATOM   174 C  C6     . DG  A 1 6  ? 0.522   2.524   -0.529  1.00 15.91 ? 6   DG  A C6     1 
ATOM   175 O  O6     . DG  A 1 6  ? 0.465   1.542   0.221   1.00 14.22 ? 6   DG  A O6     1 
ATOM   176 N  N1     . DG  A 1 6  ? -0.473  2.729   -1.479  1.00 16.27 ? 6   DG  A N1     1 
ATOM   177 C  C2     . DG  A 1 6  ? -0.517  3.780   -2.364  1.00 18.04 ? 6   DG  A C2     1 
ATOM   178 N  N2     . DG  A 1 6  ? -1.561  3.804   -3.205  1.00 19.62 ? 6   DG  A N2     1 
ATOM   179 N  N3     . DG  A 1 6  ? 0.394   4.738   -2.417  1.00 19.11 ? 6   DG  A N3     1 
ATOM   180 C  C4     . DG  A 1 6  ? 1.372   4.558   -1.502  1.00 18.08 ? 6   DG  A C4     1 
ATOM   181 H  "H5'"  . DG  A 1 6  ? 6.350   5.989   -3.580  1.00 22.07 ? 6   DG  A "H5'"  1 
ATOM   182 H  "H5''" . DG  A 1 6  ? 6.833   7.575   -2.982  1.00 22.07 ? 6   DG  A "H5''" 1 
ATOM   183 H  "H4'"  . DG  A 1 6  ? 4.714   7.721   -4.182  1.00 21.92 ? 6   DG  A "H4'"  1 
ATOM   184 H  "H3'"  . DG  A 1 6  ? 5.179   8.792   -1.658  1.00 22.29 ? 6   DG  A "H3'"  1 
ATOM   185 H  "H2'"  . DG  A 1 6  ? 3.947   7.369   -0.364  1.00 19.19 ? 6   DG  A "H2'"  1 
ATOM   186 H  "H2''" . DG  A 1 6  ? 2.585   8.381   -0.858  1.00 19.18 ? 6   DG  A "H2''" 1 
ATOM   187 H  "H1'"  . DG  A 1 6  ? 1.872   6.984   -2.546  1.00 20.80 ? 6   DG  A "H1'"  1 
ATOM   188 H  H8     . DG  A 1 6  ? 4.106   5.235   0.104   1.00 19.19 ? 6   DG  A H8     1 
ATOM   189 H  H1     . DG  A 1 6  ? -1.233  2.025   -1.511  1.00 20.22 ? 6   DG  A H1     1 
ATOM   190 H  H21    . DG  A 1 6  ? -2.266  3.087   -3.183  1.00 20.23 ? 6   DG  A H21    1 
ATOM   191 H  H22    . DG  A 1 6  ? -1.642  4.555   -3.876  1.00 20.23 ? 6   DG  A H22    1 
ATOM   192 P  P      . DC  A 1 7  ? 3.318   10.871  -2.145  1.00 25.25 ? 7   DC  A P      1 
ATOM   193 O  OP1    . DC  A 1 7  ? 3.435   11.977  -3.130  1.00 26.97 ? 7   DC  A OP1    1 
ATOM   194 O  OP2    . DC  A 1 7  ? 4.087   10.922  -0.876  1.00 26.24 ? 7   DC  A OP2    1 
ATOM   195 O  "O5'"  . DC  A 1 7  ? 1.782   10.698  -1.768  1.00 23.27 ? 7   DC  A "O5'"  1 
ATOM   196 C  "C5'"  . DC  A 1 7  ? 0.789   10.532  -2.794  1.00 22.65 ? 7   DC  A "C5'"  1 
ATOM   197 C  "C4'"  . DC  A 1 7  ? -0.502  10.016  -2.203  1.00 20.35 ? 7   DC  A "C4'"  1 
ATOM   198 O  "O4'"  . DC  A 1 7  ? -0.375  8.627   -1.851  1.00 19.31 ? 7   DC  A "O4'"  1 
ATOM   199 C  "C3'"  . DC  A 1 7  ? -0.955  10.687  -0.913  1.00 21.32 ? 7   DC  A "C3'"  1 
ATOM   200 O  "O3'"  . DC  A 1 7  ? -1.613  11.922  -1.217  1.00 22.20 ? 7   DC  A "O3'"  1 
ATOM   201 C  "C2'"  . DC  A 1 7  ? -1.868  9.638   -0.300  1.00 19.22 ? 7   DC  A "C2'"  1 
ATOM   202 C  "C1'"  . DC  A 1 7  ? -1.399  8.314   -0.914  1.00 18.39 ? 7   DC  A "C1'"  1 
ATOM   203 N  N1     . DC  A 1 7  ? -0.841  7.357   0.056   1.00 17.31 ? 7   DC  A N1     1 
ATOM   204 C  C2     . DC  A 1 7  ? -1.486  6.129   0.259   1.00 17.06 ? 7   DC  A C2     1 
ATOM   205 O  O2     . DC  A 1 7  ? -2.524  5.883   -0.371  1.00 17.24 ? 7   DC  A O2     1 
ATOM   206 N  N3     . DC  A 1 7  ? -0.966  5.249   1.148   1.00 16.14 ? 7   DC  A N3     1 
ATOM   207 C  C4     . DC  A 1 7  ? 0.156   5.552   1.808   1.00 16.49 ? 7   DC  A C4     1 
ATOM   208 N  N4     . DC  A 1 7  ? 0.635   4.655   2.674   1.00 14.90 ? 7   DC  A N4     1 
ATOM   209 C  C5     . DC  A 1 7  ? 0.832   6.792   1.617   1.00 16.58 ? 7   DC  A C5     1 
ATOM   210 C  C6     . DC  A 1 7  ? 0.308   7.654   0.735   1.00 17.16 ? 7   DC  A C6     1 
ATOM   211 H  "H5'"  . DC  A 1 7  ? 1.144   9.832   -3.552  1.00 22.98 ? 7   DC  A "H5'"  1 
ATOM   212 H  "H5''" . DC  A 1 7  ? 0.608   11.492  -3.283  1.00 22.98 ? 7   DC  A "H5''" 1 
ATOM   213 H  "H4'"  . DC  A 1 7  ? -1.298  10.135  -2.950  1.00 20.25 ? 7   DC  A "H4'"  1 
ATOM   214 H  "H3'"  . DC  A 1 7  ? -0.104  10.824  -0.233  1.00 21.55 ? 7   DC  A "H3'"  1 
ATOM   215 H  "H2'"  . DC  A 1 7  ? -1.768  9.623   0.787   1.00 19.13 ? 7   DC  A "H2'"  1 
ATOM   216 H  "H2''" . DC  A 1 7  ? -2.910  9.836   -0.562  1.00 19.13 ? 7   DC  A "H2''" 1 
ATOM   217 H  "H1'"  . DC  A 1 7  ? -2.240  7.891   -1.472  1.00 18.35 ? 7   DC  A "H1'"  1 
ATOM   218 H  H41    . DC  A 1 7  ? 0.161   3.777   2.816   1.00 16.98 ? 7   DC  A H41    1 
ATOM   219 H  H42    . DC  A 1 7  ? 1.479   4.857   3.190   1.00 16.99 ? 7   DC  A H42    1 
ATOM   220 H  H5     . DC  A 1 7  ? 1.740   7.026   2.159   1.00 17.69 ? 7   DC  A H5     1 
ATOM   221 H  H6     . DC  A 1 7  ? 0.791   8.604   0.563   1.00 18.42 ? 7   DC  A H6     1 
ATOM   222 P  P      . DC  A 1 8  ? -1.385  13.217  -0.304  1.00 23.26 ? 8   DC  A P      1 
ATOM   223 O  OP1    . DC  A 1 8  ? -1.951  14.387  -1.022  1.00 24.68 ? 8   DC  A OP1    1 
ATOM   224 O  OP2    . DC  A 1 8  ? 0.038   13.247  0.122   1.00 24.40 ? 8   DC  A OP2    1 
ATOM   225 O  "O5'"  . DC  A 1 8  ? -2.282  12.914  0.974   1.00 22.60 ? 8   DC  A "O5'"  1 
ATOM   226 C  "C5'"  . DC  A 1 8  ? -3.716  12.899  0.875   1.00 21.02 ? 8   DC  A "C5'"  1 
ATOM   227 C  "C4'"  . DC  A 1 8  ? -4.316  12.537  2.212   1.00 20.16 ? 8   DC  A "C4'"  1 
ATOM   228 O  "O4'"  . DC  A 1 8  ? -3.869  11.221  2.589   1.00 19.80 ? 8   DC  A "O4'"  1 
ATOM   229 C  "C3'"  . DC  A 1 8  ? -3.938  13.473  3.362   1.00 20.07 ? 8   DC  A "C3'"  1 
ATOM   230 O  "O3'"  . DC  A 1 8  ? -5.140  14.147  3.750   1.00 21.76 ? 8   DC  A "O3'"  1 
ATOM   231 C  "C2'"  . DC  A 1 8  ? -3.342  12.563  4.431   1.00 19.28 ? 8   DC  A "C2'"  1 
ATOM   232 C  "C1'"  . DC  A 1 8  ? -3.687  11.149  3.986   1.00 19.15 ? 8   DC  A "C1'"  1 
ATOM   233 N  N1     . DC  A 1 8  ? -2.645  10.137  4.237   1.00 17.76 ? 8   DC  A N1     1 
ATOM   234 C  C2     . DC  A 1 8  ? -2.954  8.990   4.984   1.00 16.96 ? 8   DC  A C2     1 
ATOM   235 O  O2     . DC  A 1 8  ? -4.093  8.872   5.461   1.00 16.48 ? 8   DC  A O2     1 
ATOM   236 N  N3     . DC  A 1 8  ? -2.002  8.047   5.172   1.00 16.92 ? 8   DC  A N3     1 
ATOM   237 C  C4     . DC  A 1 8  ? -0.787  8.209   4.639   1.00 17.29 ? 8   DC  A C4     1 
ATOM   238 N  N4     . DC  A 1 8  ? 0.126   7.261   4.861   1.00 17.06 ? 8   DC  A N4     1 
ATOM   239 C  C5     . DC  A 1 8  ? -0.448  9.361   3.870   1.00 17.26 ? 8   DC  A C5     1 
ATOM   240 C  C6     . DC  A 1 8  ? -1.402  10.283  3.683   1.00 18.11 ? 8   DC  A C6     1 
ATOM   241 H  "H5'"  . DC  A 1 8  ? -4.026  12.171  0.122   1.00 20.92 ? 8   DC  A "H5'"  1 
ATOM   242 H  "H5''" . DC  A 1 8  ? -4.075  13.882  0.566   1.00 20.92 ? 8   DC  A "H5''" 1 
ATOM   243 H  "H4'"  . DC  A 1 8  ? -5.409  12.535  2.110   1.00 20.10 ? 8   DC  A "H4'"  1 
ATOM   244 H  "H3'"  . DC  A 1 8  ? -3.168  14.171  3.008   1.00 19.85 ? 8   DC  A "H3'"  1 
ATOM   245 H  "H2'"  . DC  A 1 8  ? -2.265  12.719  4.503   1.00 18.51 ? 8   DC  A "H2'"  1 
ATOM   246 H  "H2''" . DC  A 1 8  ? -3.785  12.762  5.405   1.00 18.51 ? 8   DC  A "H2''" 1 
ATOM   247 H  "H1'"  . DC  A 1 8  ? -4.646  10.882  4.451   1.00 19.19 ? 8   DC  A "H1'"  1 
ATOM   248 H  H41    . DC  A 1 8  ? -0.106  6.449   5.413   1.00 17.84 ? 8   DC  A H41    1 
ATOM   249 H  H42    . DC  A 1 8  ? 1.055   7.356   4.474   1.00 17.84 ? 8   DC  A H42    1 
ATOM   250 H  H5     . DC  A 1 8  ? 0.539   9.480   3.442   1.00 18.06 ? 8   DC  A H5     1 
ATOM   251 H  H6     . DC  A 1 8  ? -1.185  11.164  3.095   1.00 18.28 ? 8   DC  A H6     1 
ATOM   252 P  P      A DA  A 1 9  ? -5.088  15.515  4.583   0.50 24.70 ? 9   DA  A P      1 
ATOM   253 P  P      B DA  A 1 9  ? -5.090  15.440  4.698   0.50 21.99 ? 9   DA  A P      1 
ATOM   254 O  OP1    A DA  A 1 9  ? -6.296  16.307  4.238   0.50 26.43 ? 9   DA  A OP1    1 
ATOM   255 O  OP1    B DA  A 1 9  ? -6.350  16.199  4.501   0.50 23.76 ? 9   DA  A OP1    1 
ATOM   256 O  OP2    A DA  A 1 9  ? -3.740  16.118  4.424   0.50 25.78 ? 9   DA  A OP2    1 
ATOM   257 O  OP2    B DA  A 1 9  ? -3.783  16.119  4.503   0.50 23.01 ? 9   DA  A OP2    1 
ATOM   258 O  "O5'"  A DA  A 1 9  ? -5.229  15.017  6.088   0.50 24.50 ? 9   DA  A "O5'"  1 
ATOM   259 O  "O5'"  B DA  A 1 9  ? -5.120  14.812  6.161   0.50 20.36 ? 9   DA  A "O5'"  1 
ATOM   260 C  "C5'"  A DA  A 1 9  ? -6.371  14.254  6.515   0.50 24.25 ? 9   DA  A "C5'"  1 
ATOM   261 C  "C5'"  B DA  A 1 9  ? -6.356  14.347  6.730   0.50 19.59 ? 9   DA  A "C5'"  1 
ATOM   262 C  "C4'"  A DA  A 1 9  ? -6.106  13.680  7.886   0.50 23.70 ? 9   DA  A "C4'"  1 
ATOM   263 C  "C4'"  B DA  A 1 9  ? -6.087  13.539  7.977   0.50 19.61 ? 9   DA  A "C4'"  1 
ATOM   264 O  "O4'"  A DA  A 1 9  ? -5.148  12.600  7.766   0.50 22.49 ? 9   DA  A "O4'"  1 
ATOM   265 O  "O4'"  B DA  A 1 9  ? -5.080  12.532  7.703   0.50 19.04 ? 9   DA  A "O4'"  1 
ATOM   266 C  "C3'"  A DA  A 1 9  ? -5.507  14.684  8.875   0.50 24.04 ? 9   DA  A "C3'"  1 
ATOM   267 C  "C3'"  B DA  A 1 9  ? -5.552  14.346  9.164   0.50 20.27 ? 9   DA  A "C3'"  1 
ATOM   268 O  "O3'"  A DA  A 1 9  ? -6.246  14.708  10.103  0.50 26.65 ? 9   DA  A "O3'"  1 
ATOM   269 O  "O3'"  B DA  A 1 9  ? -6.097  13.834  10.381  0.50 22.16 ? 9   DA  A "O3'"  1 
ATOM   270 C  "C2'"  A DA  A 1 9  ? -4.073  14.216  9.056   0.50 22.73 ? 9   DA  A "C2'"  1 
ATOM   271 C  "C2'"  B DA  A 1 9  ? -4.067  14.044  9.142   0.50 19.87 ? 9   DA  A "C2'"  1 
ATOM   272 C  "C1'"  A DA  A 1 9  ? -4.169  12.731  8.780   0.50 21.34 ? 9   DA  A "C1'"  1 
ATOM   273 C  "C1'"  B DA  A 1 9  ? -4.116  12.589  8.739   0.50 18.74 ? 9   DA  A "C1'"  1 
ATOM   274 N  N9     A DA  A 1 9  ? -2.932  12.117  8.297   0.50 19.92 ? 9   DA  A N9     1 
ATOM   275 N  N9     B DA  A 1 9  ? -2.869  12.014  8.243   0.50 18.16 ? 9   DA  A N9     1 
ATOM   276 C  C8     A DA  A 1 9  ? -1.880  12.720  7.655   0.50 19.94 ? 9   DA  A C8     1 
ATOM   277 C  C8     B DA  A 1 9  ? -1.830  12.622  7.583   0.50 18.29 ? 9   DA  A C8     1 
ATOM   278 N  N7     A DA  A 1 9  ? -0.900  11.900  7.361   0.50 19.12 ? 9   DA  A N7     1 
ATOM   279 N  N7     B DA  A 1 9  ? -0.840  11.811  7.298   0.50 17.73 ? 9   DA  A N7     1 
ATOM   280 C  C5     A DA  A 1 9  ? -1.334  10.674  7.848   0.50 18.06 ? 9   DA  A C5     1 
ATOM   281 C  C5     B DA  A 1 9  ? -1.251  10.590  7.815   0.50 17.50 ? 9   DA  A C5     1 
ATOM   282 C  C6     A DA  A 1 9  ? -0.748  9.398   7.854   0.50 16.71 ? 9   DA  A C6     1 
ATOM   283 C  C6     B DA  A 1 9  ? -0.645  9.324   7.845   0.50 17.18 ? 9   DA  A C6     1 
ATOM   284 N  N6     A DA  A 1 9  ? 0.451   9.130   7.333   0.50 16.72 ? 9   DA  A N6     1 
ATOM   285 N  N6     B DA  A 1 9  ? 0.554   9.063   7.319   0.50 17.18 ? 9   DA  A N6     1 
ATOM   286 N  N1     A DA  A 1 9  ? -1.447  8.389   8.420   0.50 16.20 ? 9   DA  A N1     1 
ATOM   287 N  N1     B DA  A 1 9  ? -1.324  8.317   8.437   0.50 16.70 ? 9   DA  A N1     1 
ATOM   288 C  C2     A DA  A 1 9  ? -2.650  8.657   8.942   0.50 16.20 ? 9   DA  A C2     1 
ATOM   289 C  C2     B DA  A 1 9  ? -2.528  8.578   8.964   0.50 16.92 ? 9   DA  A C2     1 
ATOM   290 N  N3     A DA  A 1 9  ? -3.303  9.815   9.003   0.50 17.79 ? 9   DA  A N3     1 
ATOM   291 N  N3     B DA  A 1 9  ? -3.196  9.726   9.005   0.50 17.67 ? 9   DA  A N3     1 
ATOM   292 C  C4     A DA  A 1 9  ? -2.583  10.795  8.430   0.50 18.57 ? 9   DA  A C4     1 
ATOM   293 C  C4     B DA  A 1 9  ? -2.495  10.704  8.405   0.50 17.70 ? 9   DA  A C4     1 
ATOM   294 H  "H5'"  A DA  A 1 9  ? -6.573  13.443  5.813   0.50 24.55 ? 9   DA  A "H5'"  1 
ATOM   295 H  "H5'"  B DA  A 1 9  ? -6.887  13.730  6.000   0.50 19.15 ? 9   DA  A "H5'"  1 
ATOM   296 H  "H5''" A DA  A 1 9  ? -7.252  14.899  6.551   0.50 24.55 ? 9   DA  A "H5''" 1 
ATOM   297 H  "H5''" B DA  A 1 9  ? -6.991  15.200  6.977   0.50 19.15 ? 9   DA  A "H5''" 1 
ATOM   298 H  "H4'"  A DA  A 1 9  ? -7.050  13.296  8.297   0.50 23.74 ? 9   DA  A "H4'"  1 
ATOM   299 H  "H4'"  B DA  A 1 9  ? -7.022  13.050  8.283   0.50 19.44 ? 9   DA  A "H4'"  1 
ATOM   300 H  "H3'"  A DA  A 1 9  ? -5.504  15.682  8.415   0.50 23.79 ? 9   DA  A "H3'"  1 
ATOM   301 H  "H3'"  B DA  A 1 9  ? -5.741  15.421  9.033   0.50 20.10 ? 9   DA  A "H3'"  1 
ATOM   302 H  "H2'"  A DA  A 1 9  ? -3.407  14.707  8.343   0.50 22.43 ? 9   DA  A "H2'"  1 
ATOM   303 H  "H2'"  B DA  A 1 9  ? -3.543  14.650  8.400   0.50 19.78 ? 9   DA  A "H2'"  1 
ATOM   304 H  "H2''" A DA  A 1 9  ? -3.724  14.404  10.073  0.50 22.43 ? 9   DA  A "H2''" 1 
ATOM   305 H  "H2''" B DA  A 1 9  ? -3.614  14.174  10.128  0.50 19.78 ? 9   DA  A "H2''" 1 
ATOM   306 H  "H1'"  A DA  A 1 9  ? -4.508  12.222  9.693   0.50 21.24 ? 9   DA  A "H1'"  1 
ATOM   307 H  "H1'"  B DA  A 1 9  ? -4.463  12.012  9.607   0.50 18.56 ? 9   DA  A "H1'"  1 
ATOM   308 H  H8     A DA  A 1 9  ? -1.862  13.772  7.412   0.50 20.06 ? 9   DA  A H8     1 
ATOM   309 H  H8     B DA  A 1 9  ? -1.832  13.670  7.316   0.50 18.12 ? 9   DA  A H8     1 
ATOM   310 H  H61    A DA  A 1 9  ? 0.990   9.868   6.901   0.50 16.45 ? 9   DA  A H61    1 
ATOM   311 H  H61    B DA  A 1 9  ? 1.077   9.798   6.867   0.50 17.12 ? 9   DA  A H61    1 
ATOM   312 H  H62    A DA  A 1 9  ? 0.817   8.189   7.363   0.50 16.45 ? 9   DA  A H62    1 
ATOM   313 H  H62    B DA  A 1 9  ? 0.935   8.129   7.366   0.50 17.12 ? 9   DA  A H62    1 
ATOM   314 H  H2     A DA  A 1 9  ? -3.164  7.814   9.384   0.50 15.81 ? 9   DA  A H2     1 
ATOM   315 H  H2     B DA  A 1 9  ? -3.028  7.742   9.431   0.50 16.71 ? 9   DA  A H2     1 
ATOM   316 P  P      A DA  A 1 10 ? -6.734  16.107  10.716  0.50 29.90 ? 10  DA  A P      1 
ATOM   317 P  P      B DA  A 1 10 ? -6.726  14.826  11.458  0.50 23.45 ? 10  DA  A P      1 
ATOM   318 O  OP1    A DA  A 1 10 ? -6.453  17.173  9.719   0.50 30.81 ? 10  DA  A OP1    1 
ATOM   319 O  OP1    B DA  A 1 10 ? -5.742  15.911  11.710  0.50 24.53 ? 10  DA  A OP1    1 
ATOM   320 O  OP2    A DA  A 1 10 ? -6.183  16.225  12.091  0.50 31.35 ? 10  DA  A OP2    1 
ATOM   321 O  OP2    B DA  A 1 10 ? -7.232  14.013  12.594  0.50 23.50 ? 10  DA  A OP2    1 
ATOM   322 O  "O5'"  A DA  A 1 10 ? -8.312  15.924  10.828  0.50 32.15 ? 10  DA  A "O5'"  1 
ATOM   323 O  "O5'"  B DA  A 1 10 ? -7.980  15.430  10.685  0.50 24.60 ? 10  DA  A "O5'"  1 
ATOM   324 C  "C5'"  A DA  A 1 10 ? -8.998  14.930  10.045  0.50 31.99 ? 10  DA  A "C5'"  1 
ATOM   325 C  "C5'"  B DA  A 1 10 ? -9.145  14.621  10.444  0.50 25.18 ? 10  DA  A "C5'"  1 
ATOM   326 C  "C4'"  A DA  A 1 10 ? -9.992  15.594  9.121   0.50 31.14 ? 10  DA  A "C4'"  1 
ATOM   327 C  "C4'"  B DA  A 1 10 ? -10.080 15.318  9.484   0.50 25.13 ? 10  DA  A "C4'"  1 
ATOM   328 O  "O4'"  A DA  A 1 10 ? -9.620  15.332  7.748   0.50 29.52 ? 10  DA  A "O4'"  1 
ATOM   329 O  "O4'"  B DA  A 1 10 ? -9.631  15.092  8.127   0.50 24.07 ? 10  DA  A "O4'"  1 
ATOM   330 C  "C3'"  A DA  A 1 10 ? -11.425 15.087  9.256   0.50 32.58 ? 10  DA  A "C3'"  1 
ATOM   331 C  "C3'"  B DA  A 1 10 ? -11.522 14.820  9.529   0.50 26.40 ? 10  DA  A "C3'"  1 
ATOM   332 O  "O3'"  A DA  A 1 10 ? -12.360 16.124  8.941   0.50 33.90 ? 10  DA  A "O3'"  1 
ATOM   333 O  "O3'"  B DA  A 1 10 ? -12.437 15.883  9.242   0.50 28.27 ? 10  DA  A "O3'"  1 
ATOM   334 C  "C2'"  A DA  A 1 10 ? -11.481 13.961  8.241   0.50 30.78 ? 10  DA  A "C2'"  1 
ATOM   335 C  "C2'"  B DA  A 1 10 ? -11.547 13.754  8.450   0.50 25.40 ? 10  DA  A "C2'"  1 
ATOM   336 C  "C1'"  A DA  A 1 10 ? -10.565 14.463  7.133   0.50 28.21 ? 10  DA  A "C1'"  1 
ATOM   337 C  "C1'"  B DA  A 1 10 ? -10.582 14.310  7.413   0.50 23.60 ? 10  DA  A "C1'"  1 
ATOM   338 N  N9     A DA  A 1 10 ? -9.821  13.413  6.439   0.50 24.18 ? 10  DA  A N9     1 
ATOM   339 N  N9     B DA  A 1 10 ? -9.848  13.297  6.656   0.50 21.90 ? 10  DA  A N9     1 
ATOM   340 C  C8     A DA  A 1 10 ? -9.393  12.207  6.936   0.50 23.66 ? 10  DA  A C8     1 
ATOM   341 C  C8     B DA  A 1 10 ? -9.375  12.086  7.098   0.50 21.25 ? 10  DA  A C8     1 
ATOM   342 N  N7     A DA  A 1 10 ? -8.741  11.478  6.063   0.50 22.25 ? 10  DA  A N7     1 
ATOM   343 N  N7     B DA  A 1 10 ? -8.746  11.398  6.176   0.50 20.66 ? 10  DA  A N7     1 
ATOM   344 C  C5     A DA  A 1 10 ? -8.737  12.258  4.915   0.50 21.78 ? 10  DA  A C5     1 
ATOM   345 C  C5     B DA  A 1 10 ? -8.804  12.212  5.054   0.50 20.38 ? 10  DA  A C5     1 
ATOM   346 C  C6     A DA  A 1 10 ? -8.202  12.050  3.632   0.50 20.85 ? 10  DA  A C6     1 
ATOM   347 C  C6     B DA  A 1 10 ? -8.318  12.054  3.744   0.50 20.24 ? 10  DA  A C6     1 
ATOM   348 N  N6     A DA  A 1 10 ? -7.540  10.946  3.275   0.50 19.55 ? 10  DA  A N6     1 
ATOM   349 N  N6     B DA  A 1 10 ? -7.650  10.976  3.327   0.50 19.65 ? 10  DA  A N6     1 
ATOM   350 N  N1     A DA  A 1 10 ? -8.375  13.026  2.714   0.50 21.00 ? 10  DA  A N1     1 
ATOM   351 N  N1     B DA  A 1 10 ? -8.549  13.053  2.865   0.50 20.80 ? 10  DA  A N1     1 
ATOM   352 C  C2     A DA  A 1 10 ? -9.039  14.133  3.072   0.50 22.31 ? 10  DA  A C2     1 
ATOM   353 C  C2     B DA  A 1 10 ? -9.219  14.135  3.284   0.50 21.34 ? 10  DA  A C2     1 
ATOM   354 N  N3     A DA  A 1 10 ? -9.587  14.443  4.244   0.50 22.75 ? 10  DA  A N3     1 
ATOM   355 N  N3     B DA  A 1 10 ? -9.725  14.398  4.487   0.50 21.41 ? 10  DA  A N3     1 
ATOM   356 C  C4     A DA  A 1 10 ? -9.397  13.453  5.133   0.50 22.87 ? 10  DA  A C4     1 
ATOM   357 C  C4     B DA  A 1 10 ? -9.478  13.385  5.337   0.50 20.85 ? 10  DA  A C4     1 
ATOM   358 H  "H5'"  A DA  A 1 10 ? -9.520  14.238  10.709  0.50 32.09 ? 10  DA  A "H5'"  1 
ATOM   359 H  "H5'"  B DA  A 1 10 ? -9.662  14.431  11.387  0.50 25.06 ? 10  DA  A "H5'"  1 
ATOM   360 H  "H5''" A DA  A 1 10 ? -8.275  14.359  9.460   0.50 32.09 ? 10  DA  A "H5''" 1 
ATOM   361 H  "H5''" B DA  A 1 10 ? -8.842  13.658  10.026  0.50 25.06 ? 10  DA  A "H5''" 1 
ATOM   362 H  "H4'"  A DA  A 1 10 ? -9.981  16.676  9.310   0.50 31.26 ? 10  DA  A "H4'"  1 
ATOM   363 H  "H4'"  B DA  A 1 10 ? -10.072 16.395  9.704   0.50 25.01 ? 10  DA  A "H4'"  1 
ATOM   364 H  "H3'"  A DA  A 1 10 ? -11.590 14.691  10.267  0.50 33.09 ? 10  DA  A "H3'"  1 
ATOM   365 H  "H3'"  B DA  A 1 10 ? -11.732 14.368  10.508  0.50 26.61 ? 10  DA  A "H3'"  1 
ATOM   366 H  "HO3'" A DA  A 1 10 ? -13.308 15.923  8.918   0.00 34.25 ? 10  DA  A "HO3'" 1 
ATOM   367 H  "HO3'" B DA  A 1 10 ? -13.378 15.694  9.171   0.00 28.31 ? 10  DA  A "HO3'" 1 
ATOM   368 H  "H2'"  A DA  A 1 10 ? -11.107 13.028  8.668   0.50 31.13 ? 10  DA  A "H2'"  1 
ATOM   369 H  "H2'"  B DA  A 1 10 ? -11.199 12.794  8.835   0.50 25.67 ? 10  DA  A "H2'"  1 
ATOM   370 H  "H2''" A DA  A 1 10 ? -12.500 13.816  7.876   0.50 31.13 ? 10  DA  A "H2''" 1 
ATOM   371 H  "H2''" B DA  A 1 10 ? -12.550 13.641  8.033   0.50 25.67 ? 10  DA  A "H2''" 1 
ATOM   372 H  "H1'"  A DA  A 1 10 ? -11.171 15.028  6.410   0.50 28.25 ? 10  DA  A "H1'"  1 
ATOM   373 H  "H1'"  B DA  A 1 10 ? -11.144 14.952  6.722   0.50 23.34 ? 10  DA  A "H1'"  1 
ATOM   374 H  H8     A DA  A 1 10 ? -9.578  11.887  7.953   0.50 23.45 ? 10  DA  A H8     1 
ATOM   375 H  H8     B DA  A 1 10 ? -9.511  11.730  8.110   0.50 20.73 ? 10  DA  A H8     1 
ATOM   376 H  H61    A DA  A 1 10 ? -7.401  10.203  3.946   0.50 19.10 ? 10  DA  A H61    1 
ATOM   377 H  H61    B DA  A 1 10 ? -7.469  10.216  3.966   0.50 19.54 ? 10  DA  A H61    1 
ATOM   378 H  H62    A DA  A 1 10 ? -7.179  10.852  2.338   0.50 19.10 ? 10  DA  A H62    1 
ATOM   379 H  H62    B DA  A 1 10 ? -7.328  10.920  2.372   0.50 19.54 ? 10  DA  A H62    1 
ATOM   380 H  H2     A DA  A 1 10 ? -9.146  14.881  2.296   0.50 22.21 ? 10  DA  A H2     1 
ATOM   381 H  H2     B DA  A 1 10 ? -9.373  14.905  2.537   0.50 21.36 ? 10  DA  A H2     1 
HETATM 382 RU RU     . RKL B 2 .  ? 4.413   -15.678 -7.263  1.00 15.45 ? 101 RKL A RU     1 
HETATM 383 C  C1     . RKL B 2 .  ? 2.221   -14.596 -8.679  1.00 15.04 ? 101 RKL A C1     1 
HETATM 384 N  N1     . RKL B 2 .  ? 4.261   -15.642 -9.336  1.00 15.71 ? 101 RKL A N1     1 
HETATM 385 C  C2     . RKL B 2 .  ? 1.741   -14.429 -6.367  1.00 14.73 ? 101 RKL A C2     1 
HETATM 386 N  N2     . RKL B 2 .  ? 2.566   -14.738 -7.370  1.00 13.96 ? 101 RKL A N2     1 
HETATM 387 C  C3     . RKL B 2 .  ? 0.506   -13.839 -6.655  1.00 15.64 ? 101 RKL A C3     1 
HETATM 388 N  N3     . RKL B 2 .  ? -0.494  -13.247 -10.754 1.00 17.85 ? 101 RKL A N3     1 
HETATM 389 C  C4     . RKL B 2 .  ? 0.135   -13.617 -7.986  1.00 15.94 ? 101 RKL A C4     1 
HETATM 390 N  N4     . RKL B 2 .  ? 1.248   -14.022 -12.705 1.00 18.84 ? 101 RKL A N4     1 
HETATM 391 C  C5     . RKL B 2 .  ? 0.993   -14.009 -9.026  1.00 15.60 ? 101 RKL A C5     1 
HETATM 392 N  N5     . RKL B 2 .  ? 3.577   -17.568 -7.224  1.00 14.94 ? 101 RKL A N5     1 
HETATM 393 C  C6     . RKL B 2 .  ? 0.678   -13.810 -10.390 1.00 16.51 ? 101 RKL A C6     1 
HETATM 394 N  N6     . RKL B 2 .  ? 2.999   -20.215 -6.953  1.00 14.40 ? 101 RKL A N6     1 
HETATM 395 C  C7     . RKL B 2 .  ? 1.581   -14.219 -11.398 1.00 16.89 ? 101 RKL A C7     1 
HETATM 396 N  N7     . RKL B 2 .  ? 8.261   -18.512 -7.055  1.00 13.95 ? 101 RKL A N7     1 
HETATM 397 C  C8     . RKL B 2 .  ? 2.807   -14.820 -11.051 1.00 16.46 ? 101 RKL A C8     1 
HETATM 398 N  N8     . RKL B 2 .  ? 6.235   -16.674 -7.185  1.00 13.95 ? 101 RKL A N8     1 
HETATM 399 C  C9     . RKL B 2 .  ? 3.746   -15.250 -12.001 1.00 16.41 ? 101 RKL A C9     1 
HETATM 400 N  N9     . RKL B 2 .  ? 5.295   -13.798 -7.244  1.00 17.49 ? 101 RKL A N9     1 
HETATM 401 C  C10    . RKL B 2 .  ? 3.120   -15.013 -9.696  1.00 15.27 ? 101 RKL A C10    1 
HETATM 402 N  N10    . RKL B 2 .  ? 6.543   -11.521 -6.611  1.00 18.50 ? 101 RKL A N10    1 
HETATM 403 C  C11    . RKL B 2 .  ? 4.945   -15.837 -11.579 1.00 17.07 ? 101 RKL A C11    1 
HETATM 404 N  N11    . RKL B 2 .  ? 5.031   -15.011 -2.593  1.00 18.26 ? 101 RKL A N11    1 
HETATM 405 C  C12    . RKL B 2 .  ? 5.205   -15.999 -10.215 1.00 15.75 ? 101 RKL A C12    1 
HETATM 406 N  N12    . RKL B 2 .  ? 4.564   -15.646 -5.193  1.00 17.10 ? 101 RKL A N12    1 
HETATM 407 C  C13    . RKL B 2 .  ? 0.081   -13.452 -13.049 1.00 19.64 ? 101 RKL A C13    1 
HETATM 408 C  C14    . RKL B 2 .  ? -0.239  -13.262 -14.397 1.00 22.08 ? 101 RKL A C14    1 
HETATM 409 C  C15    . RKL B 2 .  ? -0.813  -13.053 -12.047 1.00 19.73 ? 101 RKL A C15    1 
HETATM 410 C  C16    . RKL B 2 .  ? -2.028  -12.455 -12.395 1.00 21.53 ? 101 RKL A C16    1 
HETATM 411 C  C17    . RKL B 2 .  ? -2.347  -12.263 -13.743 1.00 23.55 ? 101 RKL A C17    1 
HETATM 412 C  C18    . RKL B 2 .  ? -1.456  -12.667 -14.745 1.00 23.37 ? 101 RKL A C18    1 
HETATM 413 C  C19    . RKL B 2 .  ? 4.587   -18.457 -7.086  1.00 13.92 ? 101 RKL A C19    1 
HETATM 414 C  C20    . RKL B 2 .  ? 2.309   -17.933 -7.141  1.00 14.35 ? 101 RKL A C20    1 
HETATM 415 C  C21    . RKL B 2 .  ? 2.016   -19.297 -7.032  1.00 14.87 ? 101 RKL A C21    1 
HETATM 416 C  C22    . RKL B 2 .  ? 4.297   -19.823 -6.978  1.00 14.23 ? 101 RKL A C22    1 
HETATM 417 C  C23    . RKL B 2 .  ? 5.343   -20.747 -6.898  1.00 13.91 ? 101 RKL A C23    1 
HETATM 418 C  C24    . RKL B 2 .  ? 6.668   -20.306 -6.921  1.00 13.11 ? 101 RKL A C24    1 
HETATM 419 C  C25    . RKL B 2 .  ? 6.971   -18.943 -7.028  1.00 12.56 ? 101 RKL A C25    1 
HETATM 420 C  C26    . RKL B 2 .  ? 5.934   -18.001 -7.103  1.00 13.02 ? 101 RKL A C26    1 
HETATM 421 C  C27    . RKL B 2 .  ? 8.532   -17.191 -7.155  1.00 15.25 ? 101 RKL A C27    1 
HETATM 422 C  C28    . RKL B 2 .  ? 7.497   -16.247 -7.234  1.00 14.37 ? 101 RKL A C28    1 
HETATM 423 C  C29    . RKL B 2 .  ? 5.553   -13.549 -5.932  1.00 18.13 ? 101 RKL A C29    1 
HETATM 424 C  C30    . RKL B 2 .  ? 5.708   -12.962 -8.211  1.00 18.06 ? 101 RKL A C30    1 
HETATM 425 C  C31    . RKL B 2 .  ? 6.315   -11.808 -7.841  1.00 18.39 ? 101 RKL A C31    1 
HETATM 426 C  C32    . RKL B 2 .  ? 6.189   -12.346 -5.604  1.00 18.67 ? 101 RKL A C32    1 
HETATM 427 C  C33    . RKL B 2 .  ? 6.427   -12.034 -4.257  1.00 18.59 ? 101 RKL A C33    1 
HETATM 428 C  C34    . RKL B 2 .  ? 6.048   -12.922 -3.237  1.00 18.47 ? 101 RKL A C34    1 
HETATM 429 C  C35    . RKL B 2 .  ? 5.412   -14.135 -3.555  1.00 18.22 ? 101 RKL A C35    1 
HETATM 430 C  C36    . RKL B 2 .  ? 5.160   -14.457 -4.895  1.00 17.92 ? 101 RKL A C36    1 
HETATM 431 C  C37    . RKL B 2 .  ? 4.413   -16.169 -2.909  1.00 18.00 ? 101 RKL A C37    1 
HETATM 432 C  C38    . RKL B 2 .  ? 4.160   -16.502 -4.249  1.00 17.54 ? 101 RKL A C38    1 
HETATM 433 H  H2     . RKL B 2 .  ? 2.036   -14.596 -5.338  1.00 19.57 ? 101 RKL A H2     1 
HETATM 434 H  H3     . RKL B 2 .  ? -0.149  -13.528 -5.850  1.00 19.59 ? 101 RKL A H3     1 
HETATM 435 H  H4     . RKL B 2 .  ? -0.817  -13.145 -8.197  1.00 19.59 ? 101 RKL A H4     1 
HETATM 436 H  H9     . RKL B 2 .  ? 3.559   -15.136 -13.062 1.00 16.66 ? 101 RKL A H9     1 
HETATM 437 H  H11    . RKL B 2 .  ? 5.668   -16.174 -12.312 1.00 16.66 ? 101 RKL A H11    1 
HETATM 438 H  H12    . RKL B 2 .  ? 6.126   -16.457 -9.882  1.00 16.66 ? 101 RKL A H12    1 
HETATM 439 H  H14    . RKL B 2 .  ? 0.452   -13.581 -15.167 1.00 23.17 ? 101 RKL A H14    1 
HETATM 440 H  H16    . RKL B 2 .  ? -2.718  -12.139 -11.623 1.00 23.17 ? 101 RKL A H16    1 
HETATM 441 H  H17    . RKL B 2 .  ? -3.289  -11.803 -14.014 1.00 23.17 ? 101 RKL A H17    1 
HETATM 442 H  H18    . RKL B 2 .  ? -1.710  -12.521 -15.787 1.00 23.17 ? 101 RKL A H18    1 
HETATM 443 H  H20    . RKL B 2 .  ? 1.533   -17.192 -7.201  1.00 14.79 ? 101 RKL A H20    1 
HETATM 444 H  H21    . RKL B 2 .  ? 0.984   -19.615 -7.018  1.00 14.79 ? 101 RKL A H21    1 
HETATM 445 H  H23    . RKL B 2 .  ? 5.125   -21.804 -6.822  1.00 13.68 ? 101 RKL A H23    1 
HETATM 446 H  H24    . RKL B 2 .  ? 7.473   -21.020 -6.859  1.00 13.68 ? 101 RKL A H24    1 
HETATM 447 H  H27    . RKL B 2 .  ? 9.558   -16.852 -7.169  1.00 14.68 ? 101 RKL A H27    1 
HETATM 448 H  H28    . RKL B 2 .  ? 7.716   -15.192 -7.311  1.00 14.68 ? 101 RKL A H28    1 
HETATM 449 H  H30    . RKL B 2 .  ? 5.526   -13.185 -9.249  1.00 18.41 ? 101 RKL A H30    1 
HETATM 450 H  H31    . RKL B 2 .  ? 6.621   -11.102 -8.591  1.00 18.41 ? 101 RKL A H31    1 
HETATM 451 H  H33    . RKL B 2 .  ? 6.912   -11.106 -4.004  1.00 18.82 ? 101 RKL A H33    1 
HETATM 452 H  H34    . RKL B 2 .  ? 6.236   -12.670 -2.207  1.00 18.82 ? 101 RKL A H34    1 
HETATM 453 H  H37    . RKL B 2 .  ? 4.126   -16.856 -2.123  1.00 18.04 ? 101 RKL A H37    1 
HETATM 454 H  H38    . RKL B 2 .  ? 3.683   -17.436 -4.511  1.00 18.04 ? 101 RKL A H38    1 
HETATM 455 BA BA     . BA  C 3 .  ? 0.337   -6.551  -1.182  1.00 15.32 ? 102 BA  A BA     1 
HETATM 456 O  O      . HOH D 4 .  ? -0.970  -7.479  -3.382  1.00 17.24 ? 201 HOH A O      1 
HETATM 457 O  O      . HOH D 4 .  ? 11.713  -1.057  0.395   1.00 27.58 ? 202 HOH A O      1 
HETATM 458 O  O      . HOH D 4 .  ? -4.870  -18.030 -5.968  1.00 35.46 ? 203 HOH A O      1 
HETATM 459 O  O      . HOH D 4 .  ? 1.068   12.449  2.648   1.00 34.24 ? 204 HOH A O      1 
HETATM 460 O  O      . HOH D 4 .  ? 6.853   -1.291  -3.957  1.00 17.38 ? 205 HOH A O      1 
HETATM 461 O  O      . HOH D 4 .  ? 2.765   10.525  6.251   1.00 29.33 ? 206 HOH A O      1 
HETATM 462 O  O      . HOH D 4 .  ? 4.381   -0.532  3.035   1.00 30.71 ? 207 HOH A O      1 
HETATM 463 O  O      . HOH D 4 .  ? 3.428   -5.816  2.741   1.00 27.23 ? 208 HOH A O      1 
HETATM 464 O  O      . HOH D 4 .  ? -3.915  -9.011  -6.660  1.00 34.76 ? 209 HOH A O      1 
HETATM 465 O  O      . HOH D 4 .  ? 2.032   -7.463  0.791   1.00 20.35 ? 210 HOH A O      1 
HETATM 466 O  O      . HOH D 4 .  ? -6.190  10.078  9.273   1.00 22.21 ? 211 HOH A O      1 
HETATM 467 O  O      . HOH D 4 .  ? 3.971   2.396   2.425   1.00 27.03 ? 212 HOH A O      1 
HETATM 468 O  O      . HOH D 4 .  ? -2.235  -11.141 -0.296  1.00 26.67 ? 213 HOH A O      1 
HETATM 469 O  O      . HOH D 4 .  ? 0.004   -9.270  -0.694  1.00 19.55 ? 214 HOH A O      1 
HETATM 470 O  O      . HOH D 4 .  ? -0.194  -17.498 1.643   1.00 41.07 ? 215 HOH A O      1 
HETATM 471 O  O      . HOH D 4 .  ? -1.243  -4.472  -1.481  1.00 14.78 ? 216 HOH A O      1 
HETATM 472 O  O      . HOH D 4 .  ? 4.678   -9.744  4.804   1.00 40.01 ? 217 HOH A O      1 
HETATM 473 O  O      . HOH D 4 .  ? -8.429  17.568  6.095   1.00 37.50 ? 218 HOH A O      1 
HETATM 474 O  O      . HOH D 4 .  ? 10.287  3.100   1.970   1.00 34.71 ? 219 HOH A O      1 
HETATM 475 O  O      . HOH D 4 .  ? 0.538   6.359   -4.909  1.00 34.63 ? 220 HOH A O      1 
HETATM 476 O  O      . HOH D 4 .  ? 2.880   8.244   4.297   1.00 29.51 ? 221 HOH A O      1 
HETATM 477 O  O      . HOH D 4 .  ? -4.689  -13.464 -3.235  1.00 38.66 ? 222 HOH A O      1 
HETATM 478 O  O      . HOH D 4 .  ? -2.237  17.105  2.045   1.00 38.87 ? 223 HOH A O      1 
HETATM 479 O  O      . HOH D 4 .  ? -0.624  -13.286 3.244   1.00 38.20 ? 224 HOH A O      1 
HETATM 480 O  O      . HOH D 4 .  ? -7.774  8.792   7.276   1.00 29.08 ? 225 HOH A O      1 
HETATM 481 O  O      . HOH D 4 .  ? 3.904   3.544   -6.082  1.00 30.65 ? 226 HOH A O      1 
HETATM 482 O  O      . HOH D 4 .  ? -1.628  16.197  6.581   1.00 34.19 ? 227 HOH A O      1 
HETATM 483 O  O      . HOH D 4 .  ? 1.220   13.001  5.475   1.00 27.59 ? 228 HOH A O      1 
HETATM 484 O  O      . HOH D 4 .  ? 2.367   14.777  -2.961  1.00 47.95 ? 229 HOH A O      1 
HETATM 485 O  O      . HOH D 4 .  ? 5.006   6.794   2.068   1.00 36.84 ? 230 HOH A O      1 
HETATM 486 O  O      . HOH D 4 .  ? 2.549   10.189  1.603   1.00 27.15 ? 231 HOH A O      1 
HETATM 487 O  O      . HOH D 4 .  ? 10.751  -8.969  2.987   1.00 44.86 ? 232 HOH A O      1 
HETATM 488 O  O      . HOH D 4 .  ? 3.258   4.687   4.178   1.00 32.47 ? 233 HOH A O      1 
HETATM 489 O  O      . HOH D 4 .  ? -11.119 17.090  4.206   1.00 32.17 ? 234 HOH A O      1 
HETATM 490 O  O      A HOH D 4 .  ? -3.363  17.403  10.284  0.50 19.52 ? 235 HOH A O      1 
HETATM 491 O  O      B HOH D 4 .  ? -2.404  17.189  9.312   0.50 30.37 ? 235 HOH A O      1 
HETATM 492 O  O      . HOH D 4 .  ? 3.240   -18.560 -10.215 1.00 19.37 ? 236 HOH A O      1 
HETATM 493 O  O      . HOH D 4 .  ? 9.138   -10.091 -2.479  1.00 25.59 ? 237 HOH A O      1 
HETATM 494 O  O      . HOH D 4 .  ? 3.078   10.205  -6.092  0.50 28.09 ? 238 HOH A O      1 
HETATM 495 O  O      . HOH D 4 .  ? 2.538   -2.695  1.960   1.00 15.69 ? 239 HOH A O      1 
HETATM 496 O  O      . HOH D 4 .  ? 9.473   -9.818  -6.824  1.00 36.55 ? 240 HOH A O      1 
HETATM 497 O  O      . HOH D 4 .  ? 0.328   -5.038  1.188   1.00 25.31 ? 241 HOH A O      1 
HETATM 498 O  O      . HOH D 4 .  ? 10.474  -9.835  0.113   1.00 36.77 ? 242 HOH A O      1 
HETATM 499 O  O      . HOH D 4 .  ? 7.777   -18.341 -10.609 1.00 29.42 ? 243 HOH A O      1 
HETATM 500 O  O      . HOH D 4 .  ? 1.512   -18.037 -3.381  1.00 30.49 ? 244 HOH A O      1 
HETATM 501 O  O      . HOH D 4 .  ? -5.814  16.024  0.416   1.00 46.52 ? 245 HOH A O      1 
HETATM 502 O  O      . HOH D 4 .  ? 8.184   -14.541 -9.855  0.50 22.61 ? 246 HOH A O      1 
HETATM 503 O  O      . HOH D 4 .  ? 9.239   -14.234 -5.545  1.00 21.34 ? 247 HOH A O      1 
HETATM 504 O  O      . HOH D 4 .  ? -1.023  -19.862 -0.013  1.00 47.75 ? 248 HOH A O      1 
HETATM 505 O  O      . HOH D 4 .  ? 10.007  -11.697 -4.640  1.00 22.72 ? 249 HOH A O      1 
HETATM 506 O  O      . HOH D 4 .  ? 10.628  -4.718  -2.620  1.00 42.77 ? 250 HOH A O      1 
HETATM 507 O  O      . HOH D 4 .  ? 1.771   -18.289 -0.471  1.00 38.30 ? 251 HOH A O      1 
HETATM 508 O  O      . HOH D 4 .  ? 10.233  -16.695 -10.222 1.00 37.11 ? 252 HOH A O      1 
HETATM 509 O  O      . HOH D 4 .  ? 4.480   7.975   -6.814  0.50 23.46 ? 253 HOH A O      1 
HETATM 510 O  O      . HOH D 4 .  ? 13.811  0.973   1.016   1.00 39.12 ? 254 HOH A O      1 
HETATM 511 O  O      . HOH D 4 .  ? -9.977  8.296   9.117   1.00 45.47 ? 255 HOH A O      1 
HETATM 512 O  O      . HOH D 4 .  ? 0.479   -6.658  3.707   1.00 35.27 ? 256 HOH A O      1 
HETATM 513 O  O      . HOH D 4 .  ? -1.974  -8.076  2.610   1.00 38.34 ? 257 HOH A O      1 
HETATM 514 O  O      . HOH D 4 .  ? 2.005   17.304  -1.327  0.50 31.56 ? 258 HOH A O      1 
HETATM 515 O  O      . HOH D 4 .  ? -5.675  -10.187 -4.499  1.00 48.93 ? 259 HOH A O      1 
HETATM 516 O  O      . HOH D 4 .  ? 1.337   15.987  5.937   0.50 33.96 ? 260 HOH A O      1 
HETATM 517 O  O      . HOH D 4 .  ? 7.551   -13.288 -12.315 1.00 40.41 ? 261 HOH A O      1 
HETATM 518 O  O      . HOH D 4 .  ? -2.190  -7.117  -0.201  1.00 27.47 ? 262 HOH A O      1 
HETATM 519 O  O      . HOH D 4 .  ? -0.921  -18.715 4.320   0.50 64.95 ? 263 HOH A O      1 
HETATM 520 O  O      . HOH D 4 .  ? -4.541  -8.203  -2.419  1.00 44.21 ? 264 HOH A O      1 
HETATM 521 O  O      . HOH D 4 .  ? 10.268  -12.164 -12.074 1.00 45.25 ? 265 HOH A O      1 
# 
loop_
_atom_site_anisotrop.id 
_atom_site_anisotrop.type_symbol 
_atom_site_anisotrop.pdbx_label_atom_id 
_atom_site_anisotrop.pdbx_label_alt_id 
_atom_site_anisotrop.pdbx_label_comp_id 
_atom_site_anisotrop.pdbx_label_asym_id 
_atom_site_anisotrop.pdbx_label_seq_id 
_atom_site_anisotrop.pdbx_PDB_ins_code 
_atom_site_anisotrop.U[1][1] 
_atom_site_anisotrop.U[2][2] 
_atom_site_anisotrop.U[3][3] 
_atom_site_anisotrop.U[1][2] 
_atom_site_anisotrop.U[1][3] 
_atom_site_anisotrop.U[2][3] 
_atom_site_anisotrop.pdbx_auth_seq_id 
_atom_site_anisotrop.pdbx_auth_comp_id 
_atom_site_anisotrop.pdbx_auth_asym_id 
_atom_site_anisotrop.pdbx_auth_atom_id 
1   O  "O5'" . THM A 1  ? 0.3082 0.2963 0.3635 0.0258  -0.0095 0.0291  1   THM A "O5'" 
2   C  "C5'" . THM A 1  ? 0.2639 0.2726 0.2953 0.0000  0.0095  0.0055  1   THM A "C5'" 
3   C  "C4'" . THM A 1  ? 0.2718 0.2725 0.2717 -0.0101 0.0081  -0.0027 1   THM A "C4'" 
4   O  "O4'" . THM A 1  ? 0.2846 0.2632 0.2748 -0.0028 0.0162  -0.0019 1   THM A "O4'" 
5   C  "C3'" . THM A 1  ? 0.2558 0.2746 0.2868 -0.0049 0.0165  -0.0109 1   THM A "C3'" 
6   O  "O3'" . THM A 1  ? 0.2506 0.2967 0.2866 -0.0083 0.0218  -0.0089 1   THM A "O3'" 
7   C  "C2'" . THM A 1  ? 0.2668 0.2631 0.2698 -0.0101 0.0079  -0.0078 1   THM A "C2'" 
8   C  "C1'" . THM A 1  ? 0.2613 0.2610 0.2581 0.0029  0.0071  -0.0025 1   THM A "C1'" 
9   N  N1    . THM A 1  ? 0.2589 0.2663 0.2689 0.0093  0.0057  0.0031  1   THM A N1    
10  C  C2    . THM A 1  ? 0.2621 0.2590 0.2681 0.0081  0.0054  0.0025  1   THM A C2    
11  O  O2    . THM A 1  ? 0.2364 0.2516 0.2678 -0.0026 -0.0083 0.0049  1   THM A O2    
12  N  N3    . THM A 1  ? 0.2583 0.2826 0.2771 0.0164  0.0065  0.0101  1   THM A N3    
13  C  C4    . THM A 1  ? 0.2727 0.2860 0.2826 0.0246  0.0088  0.0081  1   THM A C4    
14  O  O4    . THM A 1  ? 0.2890 0.3158 0.3062 0.0446  -0.0067 0.0101  1   THM A O4    
15  C  C5    . THM A 1  ? 0.2696 0.2942 0.2790 0.0221  0.0082  0.0142  1   THM A C5    
16  C  C5M   . THM A 1  ? 0.2842 0.3142 0.2930 0.0374  0.0133  0.0147  1   THM A C5M   
17  C  C6    . THM A 1  ? 0.2693 0.2887 0.2830 0.0258  0.0072  0.0107  1   THM A C6    
31  P  P     . DT  A 2  ? 0.2639 0.2990 0.3544 -0.0039 0.0471  -0.0224 2   DT  A P     
32  O  OP1   . DT  A 2  ? 0.2881 0.3130 0.3550 -0.0056 0.0481  -0.0122 2   DT  A OP1   
33  O  OP2   . DT  A 2  ? 0.2666 0.3168 0.3683 0.0089  0.0409  -0.0366 2   DT  A OP2   
34  O  "O5'" . DT  A 2  ? 0.2554 0.2704 0.3346 0.0076  0.0342  -0.0102 2   DT  A "O5'" 
35  C  "C5'" . DT  A 2  ? 0.2564 0.2231 0.3092 -0.0049 0.0338  0.0089  2   DT  A "C5'" 
36  C  "C4'" . DT  A 2  ? 0.2233 0.2078 0.2761 0.0223  0.0262  0.0114  2   DT  A "C4'" 
37  O  "O4'" . DT  A 2  ? 0.2040 0.1929 0.2749 0.0156  0.0303  0.0116  2   DT  A "O4'" 
38  C  "C3'" . DT  A 2  ? 0.2224 0.2013 0.2671 0.0259  0.0124  0.0173  2   DT  A "C3'" 
39  O  "O3'" . DT  A 2  ? 0.2437 0.2192 0.2480 0.0227  0.0165  0.0222  2   DT  A "O3'" 
40  C  "C2'" . DT  A 2  ? 0.2161 0.1954 0.2695 0.0167  0.0172  0.0084  2   DT  A "C2'" 
41  C  "C1'" . DT  A 2  ? 0.1995 0.1901 0.2689 0.0172  0.0263  0.0081  2   DT  A "C1'" 
42  N  N1    . DT  A 2  ? 0.1769 0.2016 0.2523 0.0163  0.0385  -0.0009 2   DT  A N1    
43  C  C2    . DT  A 2  ? 0.1830 0.1830 0.2540 0.0117  0.0326  0.0077  2   DT  A C2    
44  O  O2    . DT  A 2  ? 0.1915 0.1739 0.2434 0.0210  0.0379  0.0068  2   DT  A O2    
45  N  N3    . DT  A 2  ? 0.1752 0.1871 0.2568 0.0224  0.0367  -0.0047 2   DT  A N3    
46  C  C4    . DT  A 2  ? 0.1706 0.2054 0.2691 0.0273  0.0301  -0.0007 2   DT  A C4    
47  O  O4    . DT  A 2  ? 0.1624 0.2490 0.2816 0.0335  0.0227  -0.0055 2   DT  A O4    
48  C  C5    . DT  A 2  ? 0.1532 0.2306 0.2644 0.0286  0.0420  -0.0216 2   DT  A C5    
49  C  C7    . DT  A 2  ? 0.1632 0.2445 0.2601 0.0335  0.0549  -0.0179 2   DT  A C7    
50  C  C6    . DT  A 2  ? 0.1791 0.2107 0.2559 0.0262  0.0397  -0.0026 2   DT  A C6    
63  P  P     . DG  A 3  ? 0.2512 0.2335 0.2311 0.0177  0.0170  0.0220  3   DG  A P     
64  O  OP1   . DG  A 3  ? 0.2445 0.2547 0.2382 0.0400  0.0197  0.0295  3   DG  A OP1   
65  O  OP2   . DG  A 3  ? 0.2512 0.2340 0.2417 0.0192  0.0220  0.0075  3   DG  A OP2   
66  O  "O5'" . DG  A 3  ? 0.2402 0.2158 0.2362 0.0183  0.0087  0.0131  3   DG  A "O5'" 
67  C  "C5'" . DG  A 3  ? 0.2343 0.2164 0.2309 0.0110  0.0080  0.0206  3   DG  A "C5'" 
68  C  "C4'" . DG  A 3  ? 0.2135 0.1999 0.2215 0.0112  -0.0018 0.0099  3   DG  A "C4'" 
69  O  "O4'" . DG  A 3  ? 0.1899 0.1808 0.2102 0.0126  0.0118  0.0244  3   DG  A "O4'" 
70  C  "C3'" . DG  A 3  ? 0.2350 0.1937 0.2176 0.0066  0.0016  0.0237  3   DG  A "C3'" 
71  O  "O3'" . DG  A 3  ? 0.2738 0.2148 0.2342 -0.0110 -0.0190 0.0189  3   DG  A "O3'" 
72  C  "C2'" . DG  A 3  ? 0.1869 0.1827 0.2052 0.0060  0.0081  0.0084  3   DG  A "C2'" 
73  C  "C1'" . DG  A 3  ? 0.1823 0.1678 0.2024 0.0099  0.0175  0.0111  3   DG  A "C1'" 
74  N  N9    . DG  A 3  ? 0.1920 0.1616 0.1795 0.0082  0.0086  0.0179  3   DG  A N9    
75  C  C8    . DG  A 3  ? 0.1995 0.1543 0.1885 0.0060  0.0164  0.0179  3   DG  A C8    
76  N  N7    . DG  A 3  ? 0.2025 0.1556 0.1963 -0.0006 0.0116  0.0149  3   DG  A N7    
77  C  C5    . DG  A 3  ? 0.2016 0.1603 0.1917 0.0023  0.0001  0.0111  3   DG  A C5    
78  C  C6    . DG  A 3  ? 0.2063 0.1575 0.1996 0.0066  -0.0062 0.0143  3   DG  A C6    
79  O  O6    . DG  A 3  ? 0.1989 0.1553 0.2017 0.0018  0.0106  0.0171  3   DG  A O6    
80  N  N1    . DG  A 3  ? 0.2060 0.1579 0.1993 0.0138  -0.0090 0.0113  3   DG  A N1    
81  C  C2    . DG  A 3  ? 0.2050 0.1584 0.1958 0.0121  -0.0121 0.0033  3   DG  A C2    
82  N  N2    . DG  A 3  ? 0.2171 0.1952 0.1974 0.0039  -0.0084 -0.0016 3   DG  A N2    
83  N  N3    . DG  A 3  ? 0.1987 0.1567 0.1913 0.0151  -0.0070 -0.0007 3   DG  A N3    
84  C  C4    . DG  A 3  ? 0.2021 0.1546 0.1870 0.0073  -0.0035 0.0108  3   DG  A C4    
96  P  P     . DG  A 4  ? 0.3451 0.2086 0.2400 -0.0252 -0.0261 0.0182  4   DG  A P     
97  O  OP1   . DG  A 4  ? 0.3600 0.2584 0.2857 -0.0251 -0.0507 0.0142  4   DG  A OP1   
98  O  OP2   . DG  A 4  ? 0.3538 0.2535 0.2679 -0.0356 -0.0095 0.0076  4   DG  A OP2   
99  O  "O5'" . DG  A 4  ? 0.2960 0.2082 0.2352 -0.0170 -0.0152 0.0164  4   DG  A "O5'" 
100 C  "C5'" . DG  A 4  ? 0.2914 0.2125 0.2314 -0.0167 -0.0143 0.0087  4   DG  A "C5'" 
101 C  "C4'" . DG  A 4  ? 0.2596 0.2070 0.2167 -0.0077 0.0040  -0.0015 4   DG  A "C4'" 
102 O  "O4'" . DG  A 4  ? 0.2305 0.2058 0.2156 0.0054  0.0205  -0.0131 4   DG  A "O4'" 
103 C  "C3'" . DG  A 4  ? 0.2656 0.2114 0.2325 -0.0019 0.0111  -0.0057 4   DG  A "C3'" 
104 O  "O3'" . DG  A 4  ? 0.2914 0.2188 0.2595 -0.0150 0.0141  -0.0042 4   DG  A "O3'" 
105 C  "C2'" . DG  A 4  ? 0.2634 0.1921 0.2115 -0.0006 0.0134  0.0011  4   DG  A "C2'" 
106 C  "C1'" . DG  A 4  ? 0.2401 0.1776 0.2097 0.0036  0.0217  -0.0008 4   DG  A "C1'" 
107 N  N9    . DG  A 4  ? 0.2223 0.1459 0.1776 0.0229  0.0315  0.0079  4   DG  A N9    
108 C  C8    . DG  A 4  ? 0.2243 0.1367 0.1831 0.0229  0.0270  0.0067  4   DG  A C8    
109 N  N7    . DG  A 4  ? 0.2292 0.1205 0.1795 0.0219  0.0223  0.0208  4   DG  A N7    
110 C  C5    . DG  A 4  ? 0.2186 0.1282 0.1657 0.0267  0.0318  0.0133  4   DG  A C5    
111 C  C6    . DG  A 4  ? 0.2100 0.1250 0.1651 0.0282  0.0359  0.0181  4   DG  A C6    
112 O  O6    . DG  A 4  ? 0.2196 0.1572 0.1774 0.0079  0.0414  0.0283  4   DG  A O6    
113 N  N1    . DG  A 4  ? 0.1903 0.1277 0.1747 0.0286  0.0430  0.0214  4   DG  A N1    
114 C  C2    . DG  A 4  ? 0.1966 0.1471 0.1886 0.0177  0.0413  0.0128  4   DG  A C2    
115 N  N2    . DG  A 4  ? 0.1908 0.1515 0.1996 0.0233  0.0352  0.0239  4   DG  A N2    
116 N  N3    . DG  A 4  ? 0.1947 0.1413 0.1918 0.0232  0.0401  0.0077  4   DG  A N3    
117 C  C4    . DG  A 4  ? 0.2055 0.1378 0.1796 0.0314  0.0355  0.0030  4   DG  A C4    
129 P  P     . DC  A 5  ? 0.3132 0.2375 0.2958 -0.0261 -0.0062 -0.0264 5   DC  A P     
130 O  OP1   . DC  A 5  ? 0.3090 0.2853 0.3269 -0.0216 -0.0083 -0.0375 5   DC  A OP1   
131 O  OP2   . DC  A 5  ? 0.3243 0.2659 0.3168 -0.0182 0.0083  -0.0257 5   DC  A OP2   
132 O  "O5'" . DC  A 5  ? 0.3025 0.2418 0.3010 -0.0170 0.0161  -0.0168 5   DC  A "O5'" 
133 C  "C5'" . DC  A 5  ? 0.2903 0.2496 0.3108 -0.0079 0.0273  -0.0336 5   DC  A "C5'" 
134 C  "C4'" . DC  A 5  ? 0.2728 0.2314 0.3088 -0.0046 0.0461  -0.0270 5   DC  A "C4'" 
135 O  "O4'" . DC  A 5  ? 0.2471 0.2062 0.3017 0.0133  0.0495  -0.0153 5   DC  A "O4'" 
136 C  "C3'" . DC  A 5  ? 0.2683 0.2437 0.3250 0.0090  0.0441  -0.0224 5   DC  A "C3'" 
137 O  "O3'" . DC  A 5  ? 0.2549 0.2593 0.3221 -0.0017 0.0323  -0.0239 5   DC  A "O3'" 
138 C  "C2'" . DC  A 5  ? 0.2637 0.2521 0.3424 0.0198  0.0436  -0.0116 5   DC  A "C2'" 
139 C  "C1'" . DC  A 5  ? 0.2401 0.2433 0.3272 0.0089  0.0434  0.0069  5   DC  A "C1'" 
140 N  N1    . DC  A 5  ? 0.2253 0.2288 0.2869 0.0239  0.0359  0.0075  5   DC  A N1    
141 C  C2    . DC  A 5  ? 0.2167 0.2226 0.2720 0.0255  0.0466  0.0148  5   DC  A C2    
142 O  O2    . DC  A 5  ? 0.2329 0.1943 0.3073 0.0218  0.0375  0.0398  5   DC  A O2    
143 N  N3    . DC  A 5  ? 0.2126 0.2154 0.2421 0.0299  0.0467  0.0070  5   DC  A N3    
144 C  C4    . DC  A 5  ? 0.1971 0.2133 0.2258 0.0437  0.0533  -0.0103 5   DC  A C4    
145 N  N4    . DC  A 5  ? 0.1922 0.2140 0.2309 0.0335  0.0378  -0.0145 5   DC  A N4    
146 C  C5    . DC  A 5  ? 0.2143 0.2237 0.2432 0.0317  0.0383  -0.0094 5   DC  A C5    
147 C  C6    . DC  A 5  ? 0.2118 0.2346 0.2794 0.0243  0.0310  0.0022  5   DC  A C6    
159 P  P     . DG  A 6  ? 0.2780 0.2679 0.3166 -0.0200 -0.0005 -0.0425 6   DG  A P     
160 O  OP1   . DG  A 6  ? 0.2838 0.3064 0.3653 -0.0429 0.0004  -0.0435 6   DG  A OP1   
161 O  OP2   . DG  A 6  ? 0.3313 0.3226 0.3307 -0.0143 0.0096  -0.0139 6   DG  A OP2   
162 O  "O5'" . DG  A 6  ? 0.2638 0.2596 0.3229 -0.0047 0.0314  -0.0220 6   DG  A "O5'" 
163 C  "C5'" . DG  A 6  ? 0.2360 0.2587 0.3253 0.0096  0.0506  -0.0155 6   DG  A "C5'" 
164 C  "C4'" . DG  A 6  ? 0.2431 0.2706 0.3215 0.0216  0.0602  0.0046  6   DG  A "C4'" 
165 O  "O4'" . DG  A 6  ? 0.2520 0.2767 0.2984 0.0152  0.0578  0.0030  6   DG  A "O4'" 
166 C  "C3'" . DG  A 6  ? 0.2376 0.2720 0.3386 0.0244  0.0706  0.0030  6   DG  A "C3'" 
167 O  "O3'" . DG  A 6  ? 0.2405 0.3074 0.3949 0.0440  0.0698  0.0309  6   DG  A "O3'" 
168 C  "C2'" . DG  A 6  ? 0.2440 0.2549 0.3130 0.0277  0.0543  0.0102  6   DG  A "C2'" 
169 C  "C1'" . DG  A 6  ? 0.2358 0.2475 0.2965 0.0255  0.0521  0.0230  6   DG  A "C1'" 
170 N  N9    . DG  A 6  ? 0.2184 0.2464 0.2597 0.0261  0.0383  0.0172  6   DG  A N9    
171 C  C8    . DG  A 6  ? 0.2173 0.2178 0.2531 0.0327  0.0435  0.0072  6   DG  A C8    
172 N  N7    . DG  A 6  ? 0.2049 0.2066 0.2355 0.0349  0.0381  -0.0049 6   DG  A N7    
173 C  C5    . DG  A 6  ? 0.2125 0.2022 0.2166 0.0314  0.0367  0.0128  6   DG  A C5    
174 C  C6    . DG  A 6  ? 0.2075 0.1922 0.2048 0.0375  0.0413  0.0055  6   DG  A C6    
175 O  O6    . DG  A 6  ? 0.1695 0.1844 0.1861 0.0559  0.0473  -0.0049 6   DG  A O6    
176 N  N1    . DG  A 6  ? 0.2302 0.1939 0.1940 0.0230  0.0382  0.0360  6   DG  A N1    
177 C  C2    . DG  A 6  ? 0.2453 0.2129 0.2270 0.0228  0.0217  0.0604  6   DG  A C2    
178 N  N2    . DG  A 6  ? 0.2462 0.2593 0.2398 0.0068  0.0160  0.0707  6   DG  A N2    
179 N  N3    . DG  A 6  ? 0.2427 0.2405 0.2426 0.0093  0.0220  0.0425  6   DG  A N3    
180 C  C4    . DG  A 6  ? 0.2352 0.2182 0.2337 0.0247  0.0314  0.0291  6   DG  A C4    
192 P  P     . DC  A 7  ? 0.2211 0.2982 0.4398 0.0482  0.0823  0.0352  7   DC  A P     
193 O  OP1   . DC  A 7  ? 0.2236 0.3270 0.4741 0.0388  0.1063  0.0630  7   DC  A OP1   
194 O  OP2   . DC  A 7  ? 0.2307 0.3228 0.4430 0.0532  0.0782  0.0219  7   DC  A OP2   
195 O  "O5'" . DC  A 7  ? 0.2200 0.2812 0.3827 0.0546  0.0789  0.0320  7   DC  A "O5'" 
196 C  "C5'" . DC  A 7  ? 0.2550 0.2636 0.3419 0.0259  0.0791  0.0419  7   DC  A "C5'" 
197 C  "C4'" . DC  A 7  ? 0.2444 0.2318 0.2969 0.0092  0.0350  0.0480  7   DC  A "C4'" 
198 O  "O4'" . DC  A 7  ? 0.2340 0.2353 0.2642 0.0085  0.0269  0.0480  7   DC  A "O4'" 
199 C  "C3'" . DC  A 7  ? 0.2632 0.2449 0.3018 -0.0031 0.0340  0.0352  7   DC  A "C3'" 
200 O  "O3'" . DC  A 7  ? 0.2478 0.2571 0.3383 0.0026  0.0316  0.0387  7   DC  A "O3'" 
201 C  "C2'" . DC  A 7  ? 0.2369 0.2377 0.2557 0.0175  0.0295  0.0359  7   DC  A "C2'" 
202 C  "C1'" . DC  A 7  ? 0.2281 0.2285 0.2420 0.0134  0.0175  0.0433  7   DC  A "C1'" 
203 N  N1    . DC  A 7  ? 0.2106 0.2367 0.2105 0.0086  0.0152  0.0321  7   DC  A N1    
204 C  C2    . DC  A 7  ? 0.2125 0.2366 0.1992 0.0110  0.0209  0.0373  7   DC  A C2    
205 O  O2    . DC  A 7  ? 0.2271 0.2329 0.1950 0.0102  0.0066  0.0609  7   DC  A O2    
206 N  N3    . DC  A 7  ? 0.1877 0.2431 0.1825 0.0146  0.0196  0.0258  7   DC  A N3    
207 C  C4    . DC  A 7  ? 0.1873 0.2476 0.1915 0.0215  0.0140  0.0262  7   DC  A C4    
208 N  N4    . DC  A 7  ? 0.1384 0.2392 0.1882 0.0363  0.0264  0.0135  7   DC  A N4    
209 C  C5    . DC  A 7  ? 0.1796 0.2487 0.2014 0.0211  0.0199  0.0238  7   DC  A C5    
210 C  C6    . DC  A 7  ? 0.1958 0.2443 0.2118 0.0201  0.0203  0.0304  7   DC  A C6    
222 P  P     . DC  A 8  ? 0.2437 0.2705 0.3695 -0.0089 0.0406  0.0247  8   DC  A P     
223 O  OP1   . DC  A 8  ? 0.2612 0.2787 0.3978 -0.0068 0.0326  0.0398  8   DC  A OP1   
224 O  OP2   . DC  A 8  ? 0.2420 0.2860 0.3988 -0.0052 0.0371  0.0173  8   DC  A OP2   
225 O  "O5'" . DC  A 8  ? 0.2501 0.2712 0.3375 -0.0148 0.0196  0.0171  8   DC  A "O5'" 
226 C  "C5'" . DC  A 8  ? 0.2513 0.2537 0.2935 -0.0068 0.0122  0.0112  8   DC  A "C5'" 
227 C  "C4'" . DC  A 8  ? 0.2541 0.2378 0.2740 -0.0083 -0.0017 -0.0018 8   DC  A "C4'" 
228 O  "O4'" . DC  A 8  ? 0.2729 0.2385 0.2410 -0.0119 -0.0112 -0.0008 8   DC  A "O4'" 
229 C  "C3'" . DC  A 8  ? 0.2629 0.2393 0.2600 0.0026  -0.0019 0.0014  8   DC  A "C3'" 
230 O  "O3'" . DC  A 8  ? 0.2810 0.2680 0.2777 0.0224  0.0012  -0.0149 8   DC  A "O3'" 
231 C  "C2'" . DC  A 8  ? 0.2553 0.2353 0.2417 -0.0081 -0.0011 -0.0040 8   DC  A "C2'" 
232 C  "C1'" . DC  A 8  ? 0.2512 0.2354 0.2410 -0.0125 -0.0120 0.0028  8   DC  A "C1'" 
233 N  N1    . DC  A 8  ? 0.2477 0.2193 0.2077 -0.0179 0.0014  0.0078  8   DC  A N1    
234 C  C2    . DC  A 8  ? 0.2260 0.2279 0.1905 -0.0197 0.0048  0.0055  8   DC  A C2    
235 O  O2    . DC  A 8  ? 0.2265 0.2291 0.1705 -0.0166 0.0025  0.0148  8   DC  A O2    
236 N  N3    . DC  A 8  ? 0.2310 0.2263 0.1853 -0.0194 -0.0012 0.0111  8   DC  A N3    
237 C  C4    . DC  A 8  ? 0.2346 0.2285 0.1938 -0.0213 0.0030  0.0150  8   DC  A C4    
238 N  N4    . DC  A 8  ? 0.2080 0.2405 0.1995 -0.0235 0.0140  0.0097  8   DC  A N4    
239 C  C5    . DC  A 8  ? 0.2339 0.2258 0.1960 -0.0234 0.0083  0.0119  8   DC  A C5    
240 C  C6    . DC  A 8  ? 0.2443 0.2301 0.2135 -0.0189 -0.0021 0.0117  8   DC  A C6    
252 P  P     A DA  A 9  ? 0.3555 0.2722 0.3107 0.0101  -0.0052 -0.0242 9   DA  A P     
253 P  P     B DA  A 9  ? 0.2713 0.2802 0.2838 0.0298  0.0151  -0.0258 9   DA  A P     
254 O  OP1   A DA  A 9  ? 0.3678 0.3050 0.3315 0.0250  -0.0099 -0.0177 9   DA  A OP1   
255 O  OP1   B DA  A 9  ? 0.2860 0.3004 0.3164 0.0466  0.0141  -0.0239 9   DA  A OP1   
256 O  OP2   A DA  A 9  ? 0.3631 0.2944 0.3222 -0.0011 -0.0020 -0.0123 9   DA  A OP2   
257 O  OP2   B DA  A 9  ? 0.2842 0.2888 0.3011 0.0140  0.0109  -0.0219 9   DA  A OP2   
258 O  "O5'" A DA  A 9  ? 0.3394 0.2863 0.3050 0.0161  -0.0010 -0.0286 9   DA  A "O5'" 
259 O  "O5'" B DA  A 9  ? 0.2410 0.2705 0.2618 0.0413  0.0341  -0.0491 9   DA  A "O5'" 
260 C  "C5'" A DA  A 9  ? 0.3192 0.3032 0.2987 0.0216  -0.0034 -0.0347 9   DA  A "C5'" 
261 C  "C5'" B DA  A 9  ? 0.2382 0.2727 0.2331 0.0399  0.0222  -0.0423 9   DA  A "C5'" 
262 C  "C4'" A DA  A 9  ? 0.2915 0.3197 0.2892 0.0262  0.0103  -0.0391 9   DA  A "C4'" 
263 C  "C4'" B DA  A 9  ? 0.2441 0.2720 0.2288 0.0347  0.0156  -0.0462 9   DA  A "C4'" 
264 O  "O4'" A DA  A 9  ? 0.2691 0.3164 0.2689 0.0165  -0.0013 -0.0373 9   DA  A "O4'" 
265 O  "O4'" B DA  A 9  ? 0.2302 0.2734 0.2197 0.0311  0.0055  -0.0459 9   DA  A "O4'" 
266 C  "C3'" A DA  A 9  ? 0.2832 0.3262 0.3042 0.0300  0.0083  -0.0484 9   DA  A "C3'" 
267 C  "C3'" B DA  A 9  ? 0.2568 0.2810 0.2322 0.0309  0.0066  -0.0458 9   DA  A "C3'" 
268 O  "O3'" A DA  A 9  ? 0.3099 0.3675 0.3353 0.0376  0.0389  -0.0638 9   DA  A "O3'" 
269 O  "O3'" B DA  A 9  ? 0.3017 0.2961 0.2440 0.0195  0.0135  -0.0338 9   DA  A "O3'" 
270 C  "C2'" A DA  A 9  ? 0.2746 0.3099 0.2792 0.0167  0.0092  -0.0449 9   DA  A "C2'" 
271 C  "C2'" B DA  A 9  ? 0.2540 0.2706 0.2304 0.0264  0.0080  -0.0450 9   DA  A "C2'" 
272 C  "C1'" A DA  A 9  ? 0.2412 0.3074 0.2620 0.0182  0.0147  -0.0400 9   DA  A "C1'" 
273 C  "C1'" B DA  A 9  ? 0.2172 0.2720 0.2226 0.0278  0.0094  -0.0470 9   DA  A "C1'" 
274 N  N9    A DA  A 9  ? 0.2289 0.2811 0.2466 0.0084  0.0109  -0.0241 9   DA  A N9    
275 N  N9    B DA  A 9  ? 0.2027 0.2725 0.2145 0.0154  0.0078  -0.0401 9   DA  A N9    
276 C  C8    A DA  A 9  ? 0.2251 0.2846 0.2480 0.0121  0.0131  -0.0232 9   DA  A C8    
277 C  C8    B DA  A 9  ? 0.2059 0.2746 0.2141 0.0139  0.0059  -0.0336 9   DA  A C8    
278 N  N7    A DA  A 9  ? 0.2141 0.2730 0.2395 0.0043  0.0156  -0.0101 9   DA  A N7    
279 N  N7    B DA  A 9  ? 0.1991 0.2680 0.2063 0.0077  0.0082  -0.0280 9   DA  A N7    
280 C  C5    A DA  A 9  ? 0.1972 0.2662 0.2228 0.0115  0.0156  -0.0162 9   DA  A C5    
281 C  C5    B DA  A 9  ? 0.1971 0.2708 0.1969 -0.0007 0.0075  -0.0323 9   DA  A C5    
282 C  C6    A DA  A 9  ? 0.1721 0.2667 0.1961 0.0089  0.0266  -0.0088 9   DA  A C6    
283 C  C6    B DA  A 9  ? 0.2028 0.2633 0.1867 -0.0074 0.0100  -0.0251 9   DA  A C6    
284 N  N6    A DA  A 9  ? 0.1721 0.2648 0.1983 0.0101  0.0277  -0.0073 9   DA  A N6    
285 N  N6    B DA  A 9  ? 0.1991 0.2654 0.1880 -0.0100 0.0095  -0.0167 9   DA  A N6    
286 N  N1    A DA  A 9  ? 0.1635 0.2647 0.1873 0.0151  0.0298  -0.0104 9   DA  A N1    
287 N  N1    B DA  A 9  ? 0.1857 0.2675 0.1811 -0.0043 0.0197  -0.0321 9   DA  A N1    
288 C  C2    A DA  A 9  ? 0.1604 0.2687 0.1862 0.0155  0.0262  -0.0054 9   DA  A C2    
289 C  C2    B DA  A 9  ? 0.1840 0.2688 0.1899 0.0002  0.0162  -0.0351 9   DA  A C2    
290 N  N3    A DA  A 9  ? 0.1898 0.2709 0.2149 0.0226  0.0171  -0.0194 9   DA  A N3    
291 N  N3    B DA  A 9  ? 0.1941 0.2735 0.2037 0.0064  0.0094  -0.0370 9   DA  A N3    
292 C  C4    A DA  A 9  ? 0.1964 0.2822 0.2268 0.0104  0.0154  -0.0193 9   DA  A C4    
293 C  C4    B DA  A 9  ? 0.1957 0.2697 0.2069 0.0077  0.0065  -0.0356 9   DA  A C4    
316 P  P     A DA  A 10 ? 0.3476 0.3924 0.3958 0.0620  0.0399  -0.0884 10  DA  A P     
317 P  P     B DA  A 10 ? 0.3320 0.3057 0.2531 0.0239  0.0152  -0.0440 10  DA  A P     
318 O  OP1   A DA  A 10 ? 0.3557 0.4070 0.4077 0.0578  0.0438  -0.0779 10  DA  A OP1   
319 O  OP1   B DA  A 10 ? 0.3319 0.3297 0.2704 0.0147  0.0020  -0.0477 10  DA  A OP1   
320 O  OP2   A DA  A 10 ? 0.3705 0.4195 0.4010 0.0441  0.0328  -0.0974 10  DA  A OP2   
321 O  OP2   B DA  A 10 ? 0.3171 0.3110 0.2647 0.0311  0.0191  -0.0353 10  DA  A OP2   
322 O  "O5'" A DA  A 10 ? 0.3530 0.4245 0.4438 0.0413  0.0354  -0.0918 10  DA  A "O5'" 
323 O  "O5'" B DA  A 10 ? 0.3312 0.3212 0.2824 0.0316  0.0111  -0.0432 10  DA  A "O5'" 
324 C  "C5'" A DA  A 10 ? 0.3517 0.4235 0.4399 0.0434  0.0455  -0.0991 10  DA  A "C5'" 
325 C  "C5'" B DA  A 10 ? 0.3485 0.3139 0.2943 0.0162  0.0207  -0.0314 10  DA  A "C5'" 
326 C  "C4'" A DA  A 10 ? 0.3394 0.4094 0.4340 0.0505  0.0603  -0.1013 10  DA  A "C4'" 
327 C  "C4'" B DA  A 10 ? 0.3453 0.3147 0.2948 0.0227  0.0277  -0.0311 10  DA  A "C4'" 
328 O  "O4'" A DA  A 10 ? 0.3090 0.3914 0.4211 0.0279  0.0423  -0.0927 10  DA  A "O4'" 
329 O  "O4'" B DA  A 10 ? 0.3141 0.3025 0.2977 -0.0069 0.0320  -0.0289 10  DA  A "O4'" 
330 C  "C3'" A DA  A 10 ? 0.3431 0.4284 0.4662 0.0447  0.0654  -0.0930 10  DA  A "C3'" 
331 C  "C3'" B DA  A 10 ? 0.3519 0.3226 0.3283 0.0145  0.0327  -0.0235 10  DA  A "C3'" 
332 O  "O3'" A DA  A 10 ? 0.3633 0.4272 0.4975 0.0533  0.0654  -0.0913 10  DA  A "O3'" 
333 O  "O3'" B DA  A 10 ? 0.3663 0.3428 0.3648 0.0339  0.0316  -0.0282 10  DA  A "O3'" 
334 C  "C2'" A DA  A 10 ? 0.3228 0.4048 0.4420 0.0399  0.0551  -0.0690 10  DA  A "C2'" 
335 C  "C2'" B DA  A 10 ? 0.3342 0.3095 0.3213 0.0106  0.0439  -0.0142 10  DA  A "C2'" 
336 C  "C1'" A DA  A 10 ? 0.3082 0.3576 0.4060 0.0419  0.0286  -0.0739 10  DA  A "C1'" 
337 C  "C1'" B DA  A 10 ? 0.3167 0.2698 0.3099 0.0010  0.0299  -0.0299 10  DA  A "C1'" 
338 N  N9    A DA  A 10 ? 0.2855 0.3053 0.3277 0.0157  0.0186  -0.0373 10  DA  A N9    
339 N  N9    B DA  A 10 ? 0.2773 0.2458 0.3089 -0.0092 0.0263  -0.0131 10  DA  A N9    
340 C  C8    A DA  A 10 ? 0.2807 0.3001 0.3180 0.0043  0.0150  -0.0339 10  DA  A C8    
341 C  C8    B DA  A 10 ? 0.2643 0.2381 0.3049 -0.0208 0.0301  -0.0112 10  DA  A C8    
342 N  N7    A DA  A 10 ? 0.2780 0.2750 0.2921 0.0013  0.0069  -0.0169 10  DA  A N7    
343 N  N7    B DA  A 10 ? 0.2568 0.2278 0.3000 -0.0228 0.0271  -0.0062 10  DA  A N7    
344 C  C5    A DA  A 10 ? 0.2739 0.2646 0.2888 0.0051  -0.0001 -0.0220 10  DA  A C5    
345 C  C5    B DA  A 10 ? 0.2497 0.2204 0.3041 -0.0210 0.0203  -0.0069 10  DA  A C5    
346 C  C6    A DA  A 10 ? 0.2732 0.2381 0.2807 0.0077  -0.0083 -0.0164 10  DA  A C6    
347 C  C6    B DA  A 10 ? 0.2544 0.2098 0.3048 -0.0219 0.0200  -0.0101 10  DA  A C6    
348 N  N6    A DA  A 10 ? 0.2552 0.2245 0.2628 0.0052  -0.0264 -0.0008 10  DA  A N6    
349 N  N6    B DA  A 10 ? 0.2496 0.1946 0.3023 -0.0260 0.0094  -0.0019 10  DA  A N6    
350 N  N1    A DA  A 10 ? 0.2880 0.2423 0.2676 0.0000  -0.0044 -0.0184 10  DA  A N1    
351 N  N1    B DA  A 10 ? 0.2689 0.2063 0.3150 -0.0237 0.0142  -0.0089 10  DA  A N1    
352 C  C2    A DA  A 10 ? 0.3090 0.2526 0.2857 0.0049  0.0078  -0.0322 10  DA  A C2    
353 C  C2    B DA  A 10 ? 0.2670 0.2161 0.3277 -0.0187 0.0174  -0.0132 10  DA  A C2    
354 N  N3    A DA  A 10 ? 0.2992 0.2722 0.2928 0.0105  0.0135  -0.0312 10  DA  A N3    
355 N  N3    B DA  A 10 ? 0.2636 0.2213 0.3284 -0.0148 0.0188  -0.0081 10  DA  A N3    
356 C  C4    A DA  A 10 ? 0.2853 0.2691 0.3144 0.0107  0.0011  -0.0265 10  DA  A C4    
357 C  C4    B DA  A 10 ? 0.2575 0.2251 0.3095 -0.0176 0.0237  -0.0107 10  DA  A C4    
382 RU RU    . RKL B .  ? 0.1749 0.1848 0.2274 0.0166  0.0190  0.0069  101 RKL A RU    
383 C  C1    . RKL B .  ? 0.1850 0.1687 0.2178 0.0001  0.0295  0.0117  101 RKL A C1    
384 N  N1    . RKL B .  ? 0.1825 0.1874 0.2268 -0.0053 0.0173  0.0241  101 RKL A N1    
385 C  C2    . RKL B .  ? 0.1618 0.1949 0.2029 0.0273  0.0976  -0.0394 101 RKL A C2    
386 N  N2    . RKL B .  ? 0.1497 0.1997 0.1808 0.0031  0.0953  -0.0166 101 RKL A N2    
387 C  C3    . RKL B .  ? 0.1869 0.1903 0.2171 0.0181  0.0466  -0.0079 101 RKL A C3    
388 N  N3    . RKL B .  ? 0.2188 0.2009 0.2583 0.0035  -0.0363 0.0157  101 RKL A N3    
389 C  C4    . RKL B .  ? 0.1982 0.1742 0.2329 0.0055  0.0194  0.0044  101 RKL A C4    
390 N  N4    . RKL B .  ? 0.2380 0.2378 0.2398 -0.0047 -0.0304 0.0184  101 RKL A N4    
391 C  C5    . RKL B .  ? 0.1964 0.1744 0.2215 0.0054  0.0112  0.0060  101 RKL A C5    
392 N  N5    . RKL B .  ? 0.1615 0.1890 0.2169 0.0143  0.0287  0.0059  101 RKL A N5    
393 C  C6    . RKL B .  ? 0.2146 0.1760 0.2364 0.0035  -0.0166 0.0166  101 RKL A C6    
394 N  N6    . RKL B .  ? 0.1814 0.1709 0.1945 0.0000  0.0146  0.0069  101 RKL A N6    
395 C  C7    . RKL B .  ? 0.2198 0.1911 0.2307 -0.0088 -0.0101 0.0217  101 RKL A C7    
396 N  N7    . RKL B .  ? 0.1332 0.1987 0.1980 0.0206  0.0130  0.0001  101 RKL A N7    
397 C  C8    . RKL B .  ? 0.2164 0.1860 0.2229 -0.0059 0.0035  0.0251  101 RKL A C8    
398 N  N8    . RKL B .  ? 0.0984 0.2059 0.2257 -0.0390 0.0598  -0.0144 101 RKL A N8    
399 C  C9    . RKL B .  ? 0.2315 0.1902 0.2018 -0.0077 0.0055  0.0334  101 RKL A C9    
400 N  N9    . RKL B .  ? 0.1916 0.1837 0.2893 0.0167  0.0305  0.0086  101 RKL A N9    
401 C  C10   . RKL B .  ? 0.1938 0.1755 0.2108 0.0040  0.0231  0.0116  101 RKL A C10   
402 N  N10   . RKL B .  ? 0.1918 0.1836 0.3274 0.0179  0.0145  0.0019  101 RKL A N10   
403 C  C11   . RKL B .  ? 0.2236 0.2096 0.2153 -0.0059 0.0111  0.0340  101 RKL A C11   
404 N  N11   . RKL B .  ? 0.2192 0.2292 0.2453 0.0699  0.0109  -0.0124 101 RKL A N11   
405 C  C12   . RKL B .  ? 0.1986 0.1853 0.2144 0.0004  0.0210  0.0369  101 RKL A C12   
406 N  N12   . RKL B .  ? 0.1920 0.2257 0.2319 0.0175  0.0142  0.0158  101 RKL A N12   
407 C  C13   . RKL B .  ? 0.2418 0.2517 0.2526 -0.0052 -0.0479 0.0089  101 RKL A C13   
408 C  C14   . RKL B .  ? 0.2841 0.2990 0.2555 -0.0069 -0.0590 0.0059  101 RKL A C14   
409 C  C15   . RKL B .  ? 0.2460 0.2454 0.2581 0.0007  -0.0476 0.0029  101 RKL A C15   
410 C  C16   . RKL B .  ? 0.2471 0.2849 0.2860 0.0062  -0.0607 -0.0021 101 RKL A C16   
411 C  C17   . RKL B .  ? 0.2911 0.3161 0.2875 0.0177  -0.0652 -0.0037 101 RKL A C17   
412 C  C18   . RKL B .  ? 0.2913 0.3102 0.2864 0.0059  -0.0597 -0.0013 101 RKL A C18   
413 C  C19   . RKL B .  ? 0.1521 0.1760 0.2005 0.0045  0.0196  -0.0016 101 RKL A C19   
414 C  C20   . RKL B .  ? 0.1646 0.1762 0.2044 0.0097  0.0275  0.0064  101 RKL A C20   
415 C  C21   . RKL B .  ? 0.1791 0.1769 0.2087 0.0045  0.0294  0.0000  101 RKL A C21   
416 C  C22   . RKL B .  ? 0.1743 0.1732 0.1932 0.0092  0.0148  -0.0056 101 RKL A C22   
417 C  C23   . RKL B .  ? 0.1820 0.1591 0.1872 0.0057  0.0109  0.0099  101 RKL A C23   
418 C  C24   . RKL B .  ? 0.1599 0.1538 0.1841 0.0364  0.0083  0.0067  101 RKL A C24   
419 C  C25   . RKL B .  ? 0.1308 0.1558 0.1902 0.0317  0.0205  0.0021  101 RKL A C25   
420 C  C26   . RKL B .  ? 0.1285 0.1713 0.1948 0.0358  0.0181  0.0056  101 RKL A C26   
421 C  C27   . RKL B .  ? 0.1485 0.2086 0.2221 -0.0053 0.0363  -0.0099 101 RKL A C27   
422 C  C28   . RKL B .  ? 0.0947 0.2282 0.2231 -0.0259 0.0478  -0.0233 101 RKL A C28   
423 C  C29   . RKL B .  ? 0.2021 0.1950 0.2915 0.0319  0.0189  0.0108  101 RKL A C29   
424 C  C30   . RKL B .  ? 0.2088 0.1738 0.3035 0.0097  0.0275  0.0122  101 RKL A C30   
425 C  C31   . RKL B .  ? 0.2021 0.1774 0.3188 0.0085  0.0341  0.0056  101 RKL A C31   
426 C  C32   . RKL B .  ? 0.2031 0.1982 0.3080 0.0348  0.0113  0.0038  101 RKL A C32   
427 C  C33   . RKL B .  ? 0.1962 0.1941 0.3159 0.0355  0.0061  -0.0093 101 RKL A C33   
428 C  C34   . RKL B .  ? 0.2089 0.2133 0.2795 0.0454  0.0011  -0.0150 101 RKL A C34   
429 C  C35   . RKL B .  ? 0.2117 0.2126 0.2680 0.0445  0.0055  -0.0156 101 RKL A C35   
430 C  C36   . RKL B .  ? 0.2169 0.2068 0.2570 0.0384  0.0078  0.0048  101 RKL A C36   
431 C  C37   . RKL B .  ? 0.2128 0.2461 0.2249 0.0533  0.0136  -0.0103 101 RKL A C37   
432 C  C38   . RKL B .  ? 0.2169 0.2437 0.2058 0.0431  0.0266  0.0163  101 RKL A C38   
455 BA BA    . BA  C .  ? 0.1895 0.1842 0.2081 0.0231  0.0363  0.0161  102 BA  A BA    
456 O  O     . HOH D .  ? 0.2086 0.2319 0.2144 -0.0184 0.0300  0.0318  201 HOH A O     
457 O  O     . HOH D .  ? 0.3392 0.3675 0.3410 0.0364  -0.0155 -0.0143 202 HOH A O     
458 O  O     . HOH D .  ? 0.3160 0.5784 0.4528 0.1113  0.0228  -0.0661 203 HOH A O     
459 O  O     . HOH D .  ? 0.3812 0.4646 0.4553 0.0442  0.0888  0.0346  204 HOH A O     
460 O  O     . HOH D .  ? 0.2428 0.1776 0.2399 -0.0282 0.0182  0.0707  205 HOH A O     
461 O  O     . HOH D .  ? 0.2959 0.4540 0.3646 -0.0469 0.0739  0.0473  206 HOH A O     
462 O  O     . HOH D .  ? 0.2732 0.5485 0.3450 0.0738  0.0308  -0.0956 207 HOH A O     
463 O  O     . HOH D .  ? 0.4694 0.2928 0.2721 -0.0717 -0.0359 0.0378  208 HOH A O     
464 O  O     . HOH D .  ? 0.1902 0.6277 0.5026 0.1339  0.0748  0.0362  209 HOH A O     
465 O  O     . HOH D .  ? 0.3276 0.1998 0.2455 -0.0071 -0.0059 0.0194  210 HOH A O     
466 O  O     . HOH D .  ? 0.2153 0.2843 0.3439 0.0124  0.0311  0.0406  211 HOH A O     
467 O  O     . HOH D .  ? 0.4303 0.3255 0.2711 0.0462  -0.0397 -0.0435 212 HOH A O     
468 O  O     . HOH D .  ? 0.2198 0.3874 0.4059 0.0068  0.0609  -0.0228 213 HOH A O     
469 O  O     . HOH D .  ? 0.2258 0.2813 0.2355 0.0581  0.0004  0.0175  214 HOH A O     
470 O  O     . HOH D .  ? 0.5926 0.4458 0.5221 0.0426  0.0805  0.0447  215 HOH A O     
471 O  O     . HOH D .  ? 0.1680 0.1484 0.2449 0.0926  0.0761  0.1109  216 HOH A O     
472 O  O     . HOH D .  ? 0.5394 0.5797 0.4009 0.1797  0.0336  -0.0553 217 HOH A O     
473 O  O     . HOH D .  ? 0.4346 0.4440 0.5461 -0.0088 -0.0379 -0.0596 218 HOH A O     
474 O  O     . HOH D .  ? 0.4615 0.3936 0.4636 -0.0599 -0.0260 -0.0274 219 HOH A O     
475 O  O     . HOH D .  ? 0.4820 0.4421 0.3915 -0.0296 -0.0724 0.1925  220 HOH A O     
476 O  O     . HOH D .  ? 0.2587 0.4557 0.4068 -0.0275 0.0131  0.0169  221 HOH A O     
477 O  O     . HOH D .  ? 0.4424 0.4726 0.5539 -0.0574 0.0649  -0.0569 222 HOH A O     
478 O  O     . HOH D .  ? 0.5165 0.4539 0.5061 -0.0311 0.0893  -0.1019 223 HOH A O     
479 O  O     . HOH D .  ? 0.4458 0.5108 0.4948 -0.1249 -0.0885 0.1407  224 HOH A O     
480 O  O     . HOH D .  ? 0.3062 0.4912 0.3074 0.0070  -0.0248 -0.0032 225 HOH A O     
481 O  O     . HOH D .  ? 0.2904 0.3820 0.4917 0.0309  0.0660  0.0438  226 HOH A O     
482 O  O     . HOH D .  ? 0.4915 0.3890 0.4182 0.0001  0.0233  0.0678  227 HOH A O     
483 O  O     . HOH D .  ? 0.2988 0.3978 0.3516 0.0400  0.0718  0.0187  228 HOH A O     
484 O  O     . HOH D .  ? 0.4265 0.6829 0.7122 0.0862  0.0439  0.1163  229 HOH A O     
485 O  O     . HOH D .  ? 0.5043 0.5732 0.3222 0.0287  0.0180  0.0530  230 HOH A O     
486 O  O     . HOH D .  ? 0.2992 0.3382 0.3940 0.0351  0.0513  0.0417  231 HOH A O     
487 O  O     . HOH D .  ? 0.6971 0.4043 0.6030 -0.0288 0.0601  0.0825  232 HOH A O     
488 O  O     . HOH D .  ? 0.1832 0.6772 0.3733 -0.0344 0.0574  -0.1306 233 HOH A O     
489 O  O     . HOH D .  ? 0.4434 0.2976 0.4811 0.0020  0.0719  -0.0323 234 HOH A O     
490 O  O     A HOH D .  ? 0.2550 0.2462 0.2403 0.0240  0.0561  -0.0188 235 HOH A O     
491 O  O     B HOH D .  ? 0.4501 0.2617 0.4421 -0.0971 -0.0717 -0.0122 235 HOH A O     
492 O  O     . HOH D .  ? 0.1940 0.2502 0.2916 -0.0431 -0.0084 0.0450  236 HOH A O     
493 O  O     . HOH D .  ? 0.2077 0.3618 0.4025 -0.0027 0.0945  -0.0463 237 HOH A O     
494 O  O     . HOH D .  ? 0.3641 0.3813 0.3219 0.0122  0.0439  0.0653  238 HOH A O     
495 O  O     . HOH D .  ? 0.2685 0.1605 0.1670 0.0496  0.0941  0.0016  239 HOH A O     
496 O  O     . HOH D .  ? 0.6301 0.3895 0.3691 -0.1206 -0.0280 0.0522  240 HOH A O     
497 O  O     . HOH D .  ? 0.2790 0.3456 0.3369 0.1013  0.0127  -0.1128 241 HOH A O     
498 O  O     . HOH D .  ? 0.4877 0.3972 0.5123 0.0535  0.0010  0.0667  242 HOH A O     
499 O  O     . HOH D .  ? 0.3613 0.3570 0.3995 -0.0011 -0.0623 0.2201  243 HOH A O     
500 O  O     . HOH D .  ? 0.3111 0.2950 0.5521 -0.0234 0.0116  0.0090  244 HOH A O     
501 O  O     . HOH D .  ? 0.5845 0.5804 0.6025 0.0628  -0.0242 0.0733  245 HOH A O     
502 O  O     . HOH D .  ? 0.2865 0.3175 0.2549 -0.0723 0.0566  0.0725  246 HOH A O     
503 O  O     . HOH D .  ? 0.2439 0.2639 0.3027 0.0143  0.0106  0.0170  247 HOH A O     
504 O  O     . HOH D .  ? 1.0722 0.4423 0.2999 0.0301  -0.0483 -0.0175 248 HOH A O     
505 O  O     . HOH D .  ? 0.3254 0.2506 0.2872 -0.0289 -0.0039 0.0476  249 HOH A O     
506 O  O     . HOH D .  ? 0.4201 0.5282 0.6767 0.1753  -0.2125 -0.2891 250 HOH A O     
507 O  O     . HOH D .  ? 0.4839 0.2793 0.6920 0.0624  0.0342  0.2231  251 HOH A O     
508 O  O     . HOH D .  ? 0.5585 0.4430 0.4083 -0.0043 -0.0048 0.2425  252 HOH A O     
509 O  O     . HOH D .  ? 0.2989 0.2957 0.2965 0.0479  0.1512  -0.0270 253 HOH A O     
510 O  O     . HOH D .  ? 0.4100 0.5628 0.5133 0.0019  -0.0662 0.0286  254 HOH A O     
511 O  O     . HOH D .  ? 0.4149 0.8340 0.4787 -0.0855 -0.0838 -0.0638 255 HOH A O     
512 O  O     . HOH D .  ? 0.5275 0.3819 0.4303 0.1367  0.1296  -0.0712 256 HOH A O     
513 O  O     . HOH D .  ? 0.4768 0.4735 0.5062 0.0983  0.2139  -0.0187 257 HOH A O     
514 O  O     . HOH D .  ? 0.3964 0.4333 0.3694 -0.0627 -0.0527 0.0173  258 HOH A O     
515 O  O     . HOH D .  ? 0.2931 0.8932 0.6724 0.0706  0.0689  -0.0015 259 HOH A O     
516 O  O     . HOH D .  ? 0.4430 0.5048 0.3426 0.1135  0.0114  0.0488  260 HOH A O     
517 O  O     . HOH D .  ? 0.3400 0.4750 0.7201 0.0823  0.1153  0.0685  261 HOH A O     
518 O  O     . HOH D .  ? 0.3462 0.2536 0.4437 -0.0765 0.2491  0.0536  262 HOH A O     
519 O  O     . HOH D .  ? 0.7957 0.9118 0.7601 0.0711  0.0287  -0.0419 263 HOH A O     
520 O  O     . HOH D .  ? 0.5736 0.5443 0.5619 0.0333  0.0540  -0.0284 264 HOH A O     
521 O  O     . HOH D .  ? 0.4712 0.5042 0.7437 -0.1128 0.1453  0.0958  265 HOH A O     
# 
